data_6U6K
# 
_entry.id   6U6K 
# 
_audit_conform.dict_name       mmcif_pdbx.dic 
_audit_conform.dict_version    5.397 
_audit_conform.dict_location   http://mmcif.pdb.org/dictionaries/ascii/mmcif_pdbx.dic 
# 
loop_
_database_2.database_id 
_database_2.database_code 
_database_2.pdbx_database_accession 
_database_2.pdbx_DOI 
PDB   6U6K         pdb_00006u6k 10.2210/pdb6u6k/pdb 
WWPDB D_1000243897 ?            ?                   
# 
loop_
_pdbx_audit_revision_history.ordinal 
_pdbx_audit_revision_history.data_content_type 
_pdbx_audit_revision_history.major_revision 
_pdbx_audit_revision_history.minor_revision 
_pdbx_audit_revision_history.revision_date 
1 'Structure model' 1 0 2020-08-19 
2 'Structure model' 1 1 2021-03-03 
3 'Structure model' 1 2 2023-10-11 
4 'Structure model' 1 3 2023-11-15 
5 'Structure model' 1 4 2024-10-09 
# 
_pdbx_audit_revision_details.ordinal             1 
_pdbx_audit_revision_details.revision_ordinal    1 
_pdbx_audit_revision_details.data_content_type   'Structure model' 
_pdbx_audit_revision_details.provider            repository 
_pdbx_audit_revision_details.type                'Initial release' 
_pdbx_audit_revision_details.description         ? 
_pdbx_audit_revision_details.details             ? 
# 
loop_
_pdbx_audit_revision_group.ordinal 
_pdbx_audit_revision_group.revision_ordinal 
_pdbx_audit_revision_group.data_content_type 
_pdbx_audit_revision_group.group 
1 2 'Structure model' 'Database references'    
2 3 'Structure model' Advisory                 
3 3 'Structure model' 'Data collection'        
4 3 'Structure model' 'Database references'    
5 3 'Structure model' 'Refinement description' 
6 4 'Structure model' 'Data collection'        
7 5 'Structure model' 'Structure summary'      
# 
loop_
_pdbx_audit_revision_category.ordinal 
_pdbx_audit_revision_category.revision_ordinal 
_pdbx_audit_revision_category.data_content_type 
_pdbx_audit_revision_category.category 
1  2 'Structure model' citation                      
2  2 'Structure model' citation_author               
3  3 'Structure model' chem_comp_atom                
4  3 'Structure model' chem_comp_bond                
5  3 'Structure model' database_2                    
6  3 'Structure model' pdbx_initial_refinement_model 
7  3 'Structure model' pdbx_unobs_or_zero_occ_atoms  
8  4 'Structure model' chem_comp_atom                
9  4 'Structure model' chem_comp_bond                
10 5 'Structure model' pdbx_entry_details            
11 5 'Structure model' pdbx_modification_feature     
# 
loop_
_pdbx_audit_revision_item.ordinal 
_pdbx_audit_revision_item.revision_ordinal 
_pdbx_audit_revision_item.data_content_type 
_pdbx_audit_revision_item.item 
1  2 'Structure model' '_citation.country'                            
2  2 'Structure model' '_citation.journal_abbrev'                     
3  2 'Structure model' '_citation.journal_id_ASTM'                    
4  2 'Structure model' '_citation.journal_id_CSD'                     
5  2 'Structure model' '_citation.journal_id_ISSN'                    
6  2 'Structure model' '_citation.journal_volume'                     
7  2 'Structure model' '_citation.page_first'                         
8  2 'Structure model' '_citation.page_last'                          
9  2 'Structure model' '_citation.pdbx_database_id_DOI'               
10 2 'Structure model' '_citation.pdbx_database_id_PubMed'            
11 2 'Structure model' '_citation.title'                              
12 2 'Structure model' '_citation.year'                               
13 3 'Structure model' '_database_2.pdbx_DOI'                         
14 3 'Structure model' '_database_2.pdbx_database_accession'          
15 4 'Structure model' '_chem_comp_atom.atom_id'                      
16 4 'Structure model' '_chem_comp_bond.atom_id_2'                    
17 5 'Structure model' '_pdbx_entry_details.has_protein_modification' 
# 
_pdbx_database_status.status_code                     REL 
_pdbx_database_status.status_code_sf                  REL 
_pdbx_database_status.status_code_mr                  ? 
_pdbx_database_status.entry_id                        6U6K 
_pdbx_database_status.recvd_initial_deposition_date   2019-08-30 
_pdbx_database_status.SG_entry                        N 
_pdbx_database_status.deposit_site                    RCSB 
_pdbx_database_status.process_site                    RCSB 
_pdbx_database_status.status_code_cs                  ? 
_pdbx_database_status.methods_development_category    ? 
_pdbx_database_status.pdb_format_compatible           Y 
_pdbx_database_status.status_code_nmr_data            ? 
# 
loop_
_audit_author.name 
_audit_author.pdbx_ordinal 
_audit_author.identifier_ORCID 
'Patel, K.'     1 0000-0003-3034-3840 
'Walshe, J.L.'  2 0000-0001-7220-3120 
'Walport, L.J.' 3 0000-0002-3795-8365 
'Mackay, J.P.'  4 0000-0001-7508-8033 
# 
_citation.abstract                  ? 
_citation.abstract_id_CAS           ? 
_citation.book_id_ISBN              ? 
_citation.book_publisher            ? 
_citation.book_publisher_city       ? 
_citation.book_title                ? 
_citation.coordinate_linkage        ? 
_citation.country                   US 
_citation.database_id_Medline       ? 
_citation.details                   ? 
_citation.id                        primary 
_citation.journal_abbrev            Proc.Natl.Acad.Sci.USA 
_citation.journal_id_ASTM           PNASA6 
_citation.journal_id_CSD            0040 
_citation.journal_id_ISSN           1091-6490 
_citation.journal_full              ? 
_citation.journal_issue             ? 
_citation.journal_volume            117 
_citation.language                  ? 
_citation.page_first                26728 
_citation.page_last                 26738 
_citation.title                     'Cyclic peptides can engage a single binding pocket through highly divergent modes.' 
_citation.year                      2020 
_citation.database_id_CSD           ? 
_citation.pdbx_database_id_DOI      10.1073/pnas.2003086117 
_citation.pdbx_database_id_PubMed   33046654 
_citation.unpublished_flag          ? 
# 
loop_
_citation_author.citation_id 
_citation_author.name 
_citation_author.ordinal 
_citation_author.identifier_ORCID 
primary 'Patel, K.'           1  0000-0003-3034-3840 
primary 'Walport, L.J.'       2  0000-0002-3795-8365 
primary 'Walshe, J.L.'        3  0000-0001-7220-3120 
primary 'Solomon, P.D.'       4  ?                   
primary 'Low, J.K.K.'         5  0000-0003-0862-0012 
primary 'Tran, D.H.'          6  0000-0002-2327-9468 
primary 'Mouradian, K.S.'     7  ?                   
primary 'Silva, A.P.G.'       8  0000-0001-7922-264X 
primary 'Wilkinson-White, L.' 9  ?                   
primary 'Norman, A.'          10 ?                   
primary 'Franck, C.'          11 ?                   
primary 'Matthews, J.M.'      12 ?                   
primary 'Guss, J.M.'          13 0000-0003-4259-6079 
primary 'Payne, R.J.'         14 0000-0002-3618-9226 
primary 'Passioura, T.'       15 0000-0002-6089-5067 
primary 'Suga, H.'            16 0000-0002-5298-9186 
primary 'Mackay, J.P.'        17 0000-0001-7508-8033 
# 
loop_
_entity.id 
_entity.type 
_entity.src_method 
_entity.pdbx_description 
_entity.formula_weight 
_entity.pdbx_number_of_molecules 
_entity.pdbx_ec 
_entity.pdbx_mutation 
_entity.pdbx_fragment 
_entity.details 
1 polymer man 'Bromodomain-containing protein 4' 17200.648 1   ? ? ? ? 
2 polymer syn 'cyclic peptide 3.1_3'             1466.833  1   ? ? ? ? 
3 water   nat water                              18.015    110 ? ? ? ? 
# 
_entity_name_com.entity_id   1 
_entity_name_com.name        'Protein HUNK1' 
# 
loop_
_entity_poly.entity_id 
_entity_poly.type 
_entity_poly.nstd_linkage 
_entity_poly.nstd_monomer 
_entity_poly.pdbx_seq_one_letter_code 
_entity_poly.pdbx_seq_one_letter_code_can 
_entity_poly.pdbx_strand_id 
_entity_poly.pdbx_target_identifier 
1 'polypeptide(L)' no no  
;QGPLGSSTNPPPPETSNPNKPKRQTNQLQYLLRVVLKTLWKHQFAWPFQQPVDAVKLNLPDYYKIIKTPMDMGTIKKRLE
NNYYWNAQECIQDFNTMFTNCYIYNKPGDDIVLMAEALEKLFLQKINELPTEEPEFPGRLERPHRD
;
;QGPLGSSTNPPPPETSNPNKPKRQTNQLQYLLRVVLKTLWKHQFAWPFQQPVDAVKLNLPDYYKIIKTPMDMGTIKKRLE
NNYYWNAQECIQDFNTMFTNCYIYNKPGDDIVLMAEALEKLFLQKINELPTEEPEFPGRLERPHRD
;
A ? 
2 'polypeptide(L)' no yes '(ACE)WWIIP(ALY)VK(ALY)GC(NH2)' XWWIIPKVKKGCX C ? 
# 
_pdbx_entity_nonpoly.entity_id   3 
_pdbx_entity_nonpoly.name        water 
_pdbx_entity_nonpoly.comp_id     HOH 
# 
loop_
_entity_poly_seq.entity_id 
_entity_poly_seq.num 
_entity_poly_seq.mon_id 
_entity_poly_seq.hetero 
1 1   GLN n 
1 2   GLY n 
1 3   PRO n 
1 4   LEU n 
1 5   GLY n 
1 6   SER n 
1 7   SER n 
1 8   THR n 
1 9   ASN n 
1 10  PRO n 
1 11  PRO n 
1 12  PRO n 
1 13  PRO n 
1 14  GLU n 
1 15  THR n 
1 16  SER n 
1 17  ASN n 
1 18  PRO n 
1 19  ASN n 
1 20  LYS n 
1 21  PRO n 
1 22  LYS n 
1 23  ARG n 
1 24  GLN n 
1 25  THR n 
1 26  ASN n 
1 27  GLN n 
1 28  LEU n 
1 29  GLN n 
1 30  TYR n 
1 31  LEU n 
1 32  LEU n 
1 33  ARG n 
1 34  VAL n 
1 35  VAL n 
1 36  LEU n 
1 37  LYS n 
1 38  THR n 
1 39  LEU n 
1 40  TRP n 
1 41  LYS n 
1 42  HIS n 
1 43  GLN n 
1 44  PHE n 
1 45  ALA n 
1 46  TRP n 
1 47  PRO n 
1 48  PHE n 
1 49  GLN n 
1 50  GLN n 
1 51  PRO n 
1 52  VAL n 
1 53  ASP n 
1 54  ALA n 
1 55  VAL n 
1 56  LYS n 
1 57  LEU n 
1 58  ASN n 
1 59  LEU n 
1 60  PRO n 
1 61  ASP n 
1 62  TYR n 
1 63  TYR n 
1 64  LYS n 
1 65  ILE n 
1 66  ILE n 
1 67  LYS n 
1 68  THR n 
1 69  PRO n 
1 70  MET n 
1 71  ASP n 
1 72  MET n 
1 73  GLY n 
1 74  THR n 
1 75  ILE n 
1 76  LYS n 
1 77  LYS n 
1 78  ARG n 
1 79  LEU n 
1 80  GLU n 
1 81  ASN n 
1 82  ASN n 
1 83  TYR n 
1 84  TYR n 
1 85  TRP n 
1 86  ASN n 
1 87  ALA n 
1 88  GLN n 
1 89  GLU n 
1 90  CYS n 
1 91  ILE n 
1 92  GLN n 
1 93  ASP n 
1 94  PHE n 
1 95  ASN n 
1 96  THR n 
1 97  MET n 
1 98  PHE n 
1 99  THR n 
1 100 ASN n 
1 101 CYS n 
1 102 TYR n 
1 103 ILE n 
1 104 TYR n 
1 105 ASN n 
1 106 LYS n 
1 107 PRO n 
1 108 GLY n 
1 109 ASP n 
1 110 ASP n 
1 111 ILE n 
1 112 VAL n 
1 113 LEU n 
1 114 MET n 
1 115 ALA n 
1 116 GLU n 
1 117 ALA n 
1 118 LEU n 
1 119 GLU n 
1 120 LYS n 
1 121 LEU n 
1 122 PHE n 
1 123 LEU n 
1 124 GLN n 
1 125 LYS n 
1 126 ILE n 
1 127 ASN n 
1 128 GLU n 
1 129 LEU n 
1 130 PRO n 
1 131 THR n 
1 132 GLU n 
1 133 GLU n 
1 134 PRO n 
1 135 GLU n 
1 136 PHE n 
1 137 PRO n 
1 138 GLY n 
1 139 ARG n 
1 140 LEU n 
1 141 GLU n 
1 142 ARG n 
1 143 PRO n 
1 144 HIS n 
1 145 ARG n 
1 146 ASP n 
2 1   ACE n 
2 2   TRP n 
2 3   TRP n 
2 4   ILE n 
2 5   ILE n 
2 6   PRO n 
2 7   ALY n 
2 8   VAL n 
2 9   LYS n 
2 10  ALY n 
2 11  GLY n 
2 12  CYS n 
2 13  NH2 n 
# 
_entity_src_gen.entity_id                          1 
_entity_src_gen.pdbx_src_id                        1 
_entity_src_gen.pdbx_alt_source_flag               sample 
_entity_src_gen.pdbx_seq_type                      'Biological sequence' 
_entity_src_gen.pdbx_beg_seq_num                   1 
_entity_src_gen.pdbx_end_seq_num                   146 
_entity_src_gen.gene_src_common_name               Human 
_entity_src_gen.gene_src_genus                     ? 
_entity_src_gen.pdbx_gene_src_gene                 'BRD4, HUNK1' 
_entity_src_gen.gene_src_species                   ? 
_entity_src_gen.gene_src_strain                    ? 
_entity_src_gen.gene_src_tissue                    ? 
_entity_src_gen.gene_src_tissue_fraction           ? 
_entity_src_gen.gene_src_details                   ? 
_entity_src_gen.pdbx_gene_src_fragment             ? 
_entity_src_gen.pdbx_gene_src_scientific_name      'Homo sapiens' 
_entity_src_gen.pdbx_gene_src_ncbi_taxonomy_id     9606 
_entity_src_gen.pdbx_gene_src_variant              ? 
_entity_src_gen.pdbx_gene_src_cell_line            ? 
_entity_src_gen.pdbx_gene_src_atcc                 ? 
_entity_src_gen.pdbx_gene_src_organ                ? 
_entity_src_gen.pdbx_gene_src_organelle            ? 
_entity_src_gen.pdbx_gene_src_cell                 ? 
_entity_src_gen.pdbx_gene_src_cellular_location    ? 
_entity_src_gen.host_org_common_name               ? 
_entity_src_gen.pdbx_host_org_scientific_name      'Escherichia coli' 
_entity_src_gen.pdbx_host_org_ncbi_taxonomy_id     562 
_entity_src_gen.host_org_genus                     ? 
_entity_src_gen.pdbx_host_org_gene                 ? 
_entity_src_gen.pdbx_host_org_organ                ? 
_entity_src_gen.host_org_species                   ? 
_entity_src_gen.pdbx_host_org_tissue               ? 
_entity_src_gen.pdbx_host_org_tissue_fraction      ? 
_entity_src_gen.pdbx_host_org_strain               ? 
_entity_src_gen.pdbx_host_org_variant              ? 
_entity_src_gen.pdbx_host_org_cell_line            ? 
_entity_src_gen.pdbx_host_org_atcc                 ? 
_entity_src_gen.pdbx_host_org_culture_collection   ? 
_entity_src_gen.pdbx_host_org_cell                 ? 
_entity_src_gen.pdbx_host_org_organelle            ? 
_entity_src_gen.pdbx_host_org_cellular_location    ? 
_entity_src_gen.pdbx_host_org_vector_type          ? 
_entity_src_gen.pdbx_host_org_vector               ? 
_entity_src_gen.host_org_details                   ? 
_entity_src_gen.expression_system_id               ? 
_entity_src_gen.plasmid_name                       ? 
_entity_src_gen.plasmid_details                    ? 
_entity_src_gen.pdbx_description                   ? 
# 
_pdbx_entity_src_syn.entity_id              2 
_pdbx_entity_src_syn.pdbx_src_id            1 
_pdbx_entity_src_syn.pdbx_alt_source_flag   sample 
_pdbx_entity_src_syn.pdbx_beg_seq_num       1 
_pdbx_entity_src_syn.pdbx_end_seq_num       13 
_pdbx_entity_src_syn.organism_scientific    'synthetic construct' 
_pdbx_entity_src_syn.organism_common_name   ? 
_pdbx_entity_src_syn.ncbi_taxonomy_id       32630 
_pdbx_entity_src_syn.details                ? 
# 
loop_
_chem_comp.id 
_chem_comp.type 
_chem_comp.mon_nstd_flag 
_chem_comp.name 
_chem_comp.pdbx_synonyms 
_chem_comp.formula 
_chem_comp.formula_weight 
ACE non-polymer         . 'ACETYL GROUP'      ? 'C2 H4 O'        44.053  
ALA 'L-peptide linking' y ALANINE             ? 'C3 H7 N O2'     89.093  
ALY 'L-peptide linking' n 'N(6)-ACETYLLYSINE' ? 'C8 H16 N2 O3'   188.224 
ARG 'L-peptide linking' y ARGININE            ? 'C6 H15 N4 O2 1' 175.209 
ASN 'L-peptide linking' y ASPARAGINE          ? 'C4 H8 N2 O3'    132.118 
ASP 'L-peptide linking' y 'ASPARTIC ACID'     ? 'C4 H7 N O4'     133.103 
CYS 'L-peptide linking' y CYSTEINE            ? 'C3 H7 N O2 S'   121.158 
GLN 'L-peptide linking' y GLUTAMINE           ? 'C5 H10 N2 O3'   146.144 
GLU 'L-peptide linking' y 'GLUTAMIC ACID'     ? 'C5 H9 N O4'     147.129 
GLY 'peptide linking'   y GLYCINE             ? 'C2 H5 N O2'     75.067  
HIS 'L-peptide linking' y HISTIDINE           ? 'C6 H10 N3 O2 1' 156.162 
HOH non-polymer         . WATER               ? 'H2 O'           18.015  
ILE 'L-peptide linking' y ISOLEUCINE          ? 'C6 H13 N O2'    131.173 
LEU 'L-peptide linking' y LEUCINE             ? 'C6 H13 N O2'    131.173 
LYS 'L-peptide linking' y LYSINE              ? 'C6 H15 N2 O2 1' 147.195 
MET 'L-peptide linking' y METHIONINE          ? 'C5 H11 N O2 S'  149.211 
NH2 non-polymer         . 'AMINO GROUP'       ? 'H2 N'           16.023  
PHE 'L-peptide linking' y PHENYLALANINE       ? 'C9 H11 N O2'    165.189 
PRO 'L-peptide linking' y PROLINE             ? 'C5 H9 N O2'     115.130 
SER 'L-peptide linking' y SERINE              ? 'C3 H7 N O3'     105.093 
THR 'L-peptide linking' y THREONINE           ? 'C4 H9 N O3'     119.119 
TRP 'L-peptide linking' y TRYPTOPHAN          ? 'C11 H12 N2 O2'  204.225 
TYR 'L-peptide linking' y TYROSINE            ? 'C9 H11 N O3'    181.189 
VAL 'L-peptide linking' y VALINE              ? 'C5 H11 N O2'    117.146 
# 
loop_
_pdbx_poly_seq_scheme.asym_id 
_pdbx_poly_seq_scheme.entity_id 
_pdbx_poly_seq_scheme.seq_id 
_pdbx_poly_seq_scheme.mon_id 
_pdbx_poly_seq_scheme.ndb_seq_num 
_pdbx_poly_seq_scheme.pdb_seq_num 
_pdbx_poly_seq_scheme.auth_seq_num 
_pdbx_poly_seq_scheme.pdb_mon_id 
_pdbx_poly_seq_scheme.auth_mon_id 
_pdbx_poly_seq_scheme.pdb_strand_id 
_pdbx_poly_seq_scheme.pdb_ins_code 
_pdbx_poly_seq_scheme.hetero 
A 1 1   GLN 1   36  ?   ?   ?   A . n 
A 1 2   GLY 2   37  ?   ?   ?   A . n 
A 1 3   PRO 3   38  ?   ?   ?   A . n 
A 1 4   LEU 4   39  ?   ?   ?   A . n 
A 1 5   GLY 5   40  ?   ?   ?   A . n 
A 1 6   SER 6   41  ?   ?   ?   A . n 
A 1 7   SER 7   42  42  SER SER A . n 
A 1 8   THR 8   43  43  THR THR A . n 
A 1 9   ASN 9   44  44  ASN ASN A . n 
A 1 10  PRO 10  45  45  PRO PRO A . n 
A 1 11  PRO 11  46  46  PRO PRO A . n 
A 1 12  PRO 12  47  47  PRO PRO A . n 
A 1 13  PRO 13  48  48  PRO PRO A . n 
A 1 14  GLU 14  49  49  GLU GLU A . n 
A 1 15  THR 15  50  50  THR THR A . n 
A 1 16  SER 16  51  51  SER SER A . n 
A 1 17  ASN 17  52  52  ASN ASN A . n 
A 1 18  PRO 18  53  53  PRO PRO A . n 
A 1 19  ASN 19  54  54  ASN ASN A . n 
A 1 20  LYS 20  55  55  LYS LYS A . n 
A 1 21  PRO 21  56  56  PRO PRO A . n 
A 1 22  LYS 22  57  57  LYS LYS A . n 
A 1 23  ARG 23  58  58  ARG ARG A . n 
A 1 24  GLN 24  59  59  GLN GLN A . n 
A 1 25  THR 25  60  60  THR THR A . n 
A 1 26  ASN 26  61  61  ASN ASN A . n 
A 1 27  GLN 27  62  62  GLN GLN A . n 
A 1 28  LEU 28  63  63  LEU LEU A . n 
A 1 29  GLN 29  64  64  GLN GLN A . n 
A 1 30  TYR 30  65  65  TYR TYR A . n 
A 1 31  LEU 31  66  66  LEU LEU A . n 
A 1 32  LEU 32  67  67  LEU LEU A . n 
A 1 33  ARG 33  68  68  ARG ARG A . n 
A 1 34  VAL 34  69  69  VAL VAL A . n 
A 1 35  VAL 35  70  70  VAL VAL A . n 
A 1 36  LEU 36  71  71  LEU LEU A . n 
A 1 37  LYS 37  72  72  LYS LYS A . n 
A 1 38  THR 38  73  73  THR THR A . n 
A 1 39  LEU 39  74  74  LEU LEU A . n 
A 1 40  TRP 40  75  75  TRP TRP A . n 
A 1 41  LYS 41  76  76  LYS LYS A . n 
A 1 42  HIS 42  77  77  HIS HIS A . n 
A 1 43  GLN 43  78  78  GLN GLN A . n 
A 1 44  PHE 44  79  79  PHE PHE A . n 
A 1 45  ALA 45  80  80  ALA ALA A . n 
A 1 46  TRP 46  81  81  TRP TRP A . n 
A 1 47  PRO 47  82  82  PRO PRO A . n 
A 1 48  PHE 48  83  83  PHE PHE A . n 
A 1 49  GLN 49  84  84  GLN GLN A . n 
A 1 50  GLN 50  85  85  GLN GLN A . n 
A 1 51  PRO 51  86  86  PRO PRO A . n 
A 1 52  VAL 52  87  87  VAL VAL A . n 
A 1 53  ASP 53  88  88  ASP ASP A . n 
A 1 54  ALA 54  89  89  ALA ALA A . n 
A 1 55  VAL 55  90  90  VAL VAL A . n 
A 1 56  LYS 56  91  91  LYS LYS A . n 
A 1 57  LEU 57  92  92  LEU LEU A . n 
A 1 58  ASN 58  93  93  ASN ASN A . n 
A 1 59  LEU 59  94  94  LEU LEU A . n 
A 1 60  PRO 60  95  95  PRO PRO A . n 
A 1 61  ASP 61  96  96  ASP ASP A . n 
A 1 62  TYR 62  97  97  TYR TYR A . n 
A 1 63  TYR 63  98  98  TYR TYR A . n 
A 1 64  LYS 64  99  99  LYS LYS A . n 
A 1 65  ILE 65  100 100 ILE ILE A . n 
A 1 66  ILE 66  101 101 ILE ILE A . n 
A 1 67  LYS 67  102 102 LYS LYS A . n 
A 1 68  THR 68  103 103 THR THR A . n 
A 1 69  PRO 69  104 104 PRO PRO A . n 
A 1 70  MET 70  105 105 MET MET A . n 
A 1 71  ASP 71  106 106 ASP ASP A . n 
A 1 72  MET 72  107 107 MET MET A . n 
A 1 73  GLY 73  108 108 GLY GLY A . n 
A 1 74  THR 74  109 109 THR THR A . n 
A 1 75  ILE 75  110 110 ILE ILE A . n 
A 1 76  LYS 76  111 111 LYS LYS A . n 
A 1 77  LYS 77  112 112 LYS LYS A . n 
A 1 78  ARG 78  113 113 ARG ARG A . n 
A 1 79  LEU 79  114 114 LEU LEU A . n 
A 1 80  GLU 80  115 115 GLU GLU A . n 
A 1 81  ASN 81  116 116 ASN ASN A . n 
A 1 82  ASN 82  117 117 ASN ASN A . n 
A 1 83  TYR 83  118 118 TYR TYR A . n 
A 1 84  TYR 84  119 119 TYR TYR A . n 
A 1 85  TRP 85  120 120 TRP TRP A . n 
A 1 86  ASN 86  121 121 ASN ASN A . n 
A 1 87  ALA 87  122 122 ALA ALA A . n 
A 1 88  GLN 88  123 123 GLN GLN A . n 
A 1 89  GLU 89  124 124 GLU GLU A . n 
A 1 90  CYS 90  125 125 CYS CYS A . n 
A 1 91  ILE 91  126 126 ILE ILE A . n 
A 1 92  GLN 92  127 127 GLN GLN A . n 
A 1 93  ASP 93  128 128 ASP ASP A . n 
A 1 94  PHE 94  129 129 PHE PHE A . n 
A 1 95  ASN 95  130 130 ASN ASN A . n 
A 1 96  THR 96  131 131 THR THR A . n 
A 1 97  MET 97  132 132 MET MET A . n 
A 1 98  PHE 98  133 133 PHE PHE A . n 
A 1 99  THR 99  134 134 THR THR A . n 
A 1 100 ASN 100 135 135 ASN ASN A . n 
A 1 101 CYS 101 136 136 CYS CYS A . n 
A 1 102 TYR 102 137 137 TYR TYR A . n 
A 1 103 ILE 103 138 138 ILE ILE A . n 
A 1 104 TYR 104 139 139 TYR TYR A . n 
A 1 105 ASN 105 140 140 ASN ASN A . n 
A 1 106 LYS 106 141 141 LYS LYS A . n 
A 1 107 PRO 107 142 142 PRO PRO A . n 
A 1 108 GLY 108 143 143 GLY GLY A . n 
A 1 109 ASP 109 144 144 ASP ASP A . n 
A 1 110 ASP 110 145 145 ASP ASP A . n 
A 1 111 ILE 111 146 146 ILE ILE A . n 
A 1 112 VAL 112 147 147 VAL VAL A . n 
A 1 113 LEU 113 148 148 LEU LEU A . n 
A 1 114 MET 114 149 149 MET MET A . n 
A 1 115 ALA 115 150 150 ALA ALA A . n 
A 1 116 GLU 116 151 151 GLU GLU A . n 
A 1 117 ALA 117 152 152 ALA ALA A . n 
A 1 118 LEU 118 153 153 LEU LEU A . n 
A 1 119 GLU 119 154 154 GLU GLU A . n 
A 1 120 LYS 120 155 155 LYS LYS A . n 
A 1 121 LEU 121 156 156 LEU LEU A . n 
A 1 122 PHE 122 157 157 PHE PHE A . n 
A 1 123 LEU 123 158 158 LEU LEU A . n 
A 1 124 GLN 124 159 159 GLN GLN A . n 
A 1 125 LYS 125 160 160 LYS LYS A . n 
A 1 126 ILE 126 161 161 ILE ILE A . n 
A 1 127 ASN 127 162 162 ASN ASN A . n 
A 1 128 GLU 128 163 163 GLU GLU A . n 
A 1 129 LEU 129 164 164 LEU LEU A . n 
A 1 130 PRO 130 165 165 PRO PRO A . n 
A 1 131 THR 131 166 166 THR THR A . n 
A 1 132 GLU 132 167 167 GLU GLU A . n 
A 1 133 GLU 133 168 ?   ?   ?   A . n 
A 1 134 PRO 134 169 ?   ?   ?   A . n 
A 1 135 GLU 135 170 ?   ?   ?   A . n 
A 1 136 PHE 136 171 ?   ?   ?   A . n 
A 1 137 PRO 137 172 ?   ?   ?   A . n 
A 1 138 GLY 138 173 ?   ?   ?   A . n 
A 1 139 ARG 139 174 ?   ?   ?   A . n 
A 1 140 LEU 140 175 ?   ?   ?   A . n 
A 1 141 GLU 141 176 ?   ?   ?   A . n 
A 1 142 ARG 142 177 ?   ?   ?   A . n 
A 1 143 PRO 143 178 ?   ?   ?   A . n 
A 1 144 HIS 144 179 ?   ?   ?   A . n 
A 1 145 ARG 145 180 ?   ?   ?   A . n 
A 1 146 ASP 146 181 ?   ?   ?   A . n 
B 2 1   ACE 1   0   0   ACE ACE C . n 
B 2 2   TRP 2   1   1   TRP TRP C . n 
B 2 3   TRP 3   2   2   TRP TRP C . n 
B 2 4   ILE 4   3   3   ILE ILE C . n 
B 2 5   ILE 5   4   4   ILE ILE C . n 
B 2 6   PRO 6   5   5   PRO PRO C . n 
B 2 7   ALY 7   6   6   ALY ALY C . n 
B 2 8   VAL 8   7   7   VAL VAL C . n 
B 2 9   LYS 9   8   8   LYS LYS C . n 
B 2 10  ALY 10  9   9   ALY ALY C . n 
B 2 11  GLY 11  10  10  GLY GLY C . n 
B 2 12  CYS 12  11  11  CYS CYS C . n 
B 2 13  NH2 13  12  12  NH2 NH2 C . n 
# 
_pdbx_entity_instance_feature.ordinal        1 
_pdbx_entity_instance_feature.comp_id        ALY 
_pdbx_entity_instance_feature.asym_id        ? 
_pdbx_entity_instance_feature.seq_num        ? 
_pdbx_entity_instance_feature.auth_comp_id   ALY 
_pdbx_entity_instance_feature.auth_asym_id   ? 
_pdbx_entity_instance_feature.auth_seq_num   ? 
_pdbx_entity_instance_feature.feature_type   'SUBJECT OF INVESTIGATION' 
_pdbx_entity_instance_feature.details        ? 
# 
loop_
_pdbx_nonpoly_scheme.asym_id 
_pdbx_nonpoly_scheme.entity_id 
_pdbx_nonpoly_scheme.mon_id 
_pdbx_nonpoly_scheme.ndb_seq_num 
_pdbx_nonpoly_scheme.pdb_seq_num 
_pdbx_nonpoly_scheme.auth_seq_num 
_pdbx_nonpoly_scheme.pdb_mon_id 
_pdbx_nonpoly_scheme.auth_mon_id 
_pdbx_nonpoly_scheme.pdb_strand_id 
_pdbx_nonpoly_scheme.pdb_ins_code 
C 3 HOH 1   201 27  HOH HOH A . 
C 3 HOH 2   202 93  HOH HOH A . 
C 3 HOH 3   203 66  HOH HOH A . 
C 3 HOH 4   204 71  HOH HOH A . 
C 3 HOH 5   205 72  HOH HOH A . 
C 3 HOH 6   206 46  HOH HOH A . 
C 3 HOH 7   207 1   HOH HOH A . 
C 3 HOH 8   208 19  HOH HOH A . 
C 3 HOH 9   209 76  HOH HOH A . 
C 3 HOH 10  210 2   HOH HOH A . 
C 3 HOH 11  211 108 HOH HOH A . 
C 3 HOH 12  212 30  HOH HOH A . 
C 3 HOH 13  213 42  HOH HOH A . 
C 3 HOH 14  214 102 HOH HOH A . 
C 3 HOH 15  215 94  HOH HOH A . 
C 3 HOH 16  216 51  HOH HOH A . 
C 3 HOH 17  217 31  HOH HOH A . 
C 3 HOH 18  218 37  HOH HOH A . 
C 3 HOH 19  219 35  HOH HOH A . 
C 3 HOH 20  220 56  HOH HOH A . 
C 3 HOH 21  221 34  HOH HOH A . 
C 3 HOH 22  222 33  HOH HOH A . 
C 3 HOH 23  223 4   HOH HOH A . 
C 3 HOH 24  224 89  HOH HOH A . 
C 3 HOH 25  225 10  HOH HOH A . 
C 3 HOH 26  226 6   HOH HOH A . 
C 3 HOH 27  227 8   HOH HOH A . 
C 3 HOH 28  228 69  HOH HOH A . 
C 3 HOH 29  229 38  HOH HOH A . 
C 3 HOH 30  230 12  HOH HOH A . 
C 3 HOH 31  231 20  HOH HOH A . 
C 3 HOH 32  232 3   HOH HOH A . 
C 3 HOH 33  233 15  HOH HOH A . 
C 3 HOH 34  234 52  HOH HOH A . 
C 3 HOH 35  235 24  HOH HOH A . 
C 3 HOH 36  236 82  HOH HOH A . 
C 3 HOH 37  237 13  HOH HOH A . 
C 3 HOH 38  238 83  HOH HOH A . 
C 3 HOH 39  239 79  HOH HOH A . 
C 3 HOH 40  240 14  HOH HOH A . 
C 3 HOH 41  241 11  HOH HOH A . 
C 3 HOH 42  242 28  HOH HOH A . 
C 3 HOH 43  243 7   HOH HOH A . 
C 3 HOH 44  244 23  HOH HOH A . 
C 3 HOH 45  245 95  HOH HOH A . 
C 3 HOH 46  246 97  HOH HOH A . 
C 3 HOH 47  247 80  HOH HOH A . 
C 3 HOH 48  248 105 HOH HOH A . 
C 3 HOH 49  249 68  HOH HOH A . 
C 3 HOH 50  250 113 HOH HOH A . 
C 3 HOH 51  251 29  HOH HOH A . 
C 3 HOH 52  252 85  HOH HOH A . 
C 3 HOH 53  253 5   HOH HOH A . 
C 3 HOH 54  254 70  HOH HOH A . 
C 3 HOH 55  255 21  HOH HOH A . 
C 3 HOH 56  256 92  HOH HOH A . 
C 3 HOH 57  257 9   HOH HOH A . 
C 3 HOH 58  258 25  HOH HOH A . 
C 3 HOH 59  259 32  HOH HOH A . 
C 3 HOH 60  260 77  HOH HOH A . 
C 3 HOH 61  261 67  HOH HOH A . 
C 3 HOH 62  262 44  HOH HOH A . 
C 3 HOH 63  263 47  HOH HOH A . 
C 3 HOH 64  264 100 HOH HOH A . 
C 3 HOH 65  265 78  HOH HOH A . 
C 3 HOH 66  266 48  HOH HOH A . 
C 3 HOH 67  267 60  HOH HOH A . 
C 3 HOH 68  268 63  HOH HOH A . 
C 3 HOH 69  269 36  HOH HOH A . 
C 3 HOH 70  270 75  HOH HOH A . 
C 3 HOH 71  271 22  HOH HOH A . 
C 3 HOH 72  272 50  HOH HOH A . 
C 3 HOH 73  273 17  HOH HOH A . 
C 3 HOH 74  274 62  HOH HOH A . 
C 3 HOH 75  275 91  HOH HOH A . 
C 3 HOH 76  276 55  HOH HOH A . 
C 3 HOH 77  277 26  HOH HOH A . 
C 3 HOH 78  278 112 HOH HOH A . 
C 3 HOH 79  279 81  HOH HOH A . 
C 3 HOH 80  280 54  HOH HOH A . 
C 3 HOH 81  281 59  HOH HOH A . 
C 3 HOH 82  282 103 HOH HOH A . 
C 3 HOH 83  283 110 HOH HOH A . 
C 3 HOH 84  284 99  HOH HOH A . 
C 3 HOH 85  285 18  HOH HOH A . 
C 3 HOH 86  286 58  HOH HOH A . 
C 3 HOH 87  287 109 HOH HOH A . 
C 3 HOH 88  288 73  HOH HOH A . 
C 3 HOH 89  289 74  HOH HOH A . 
C 3 HOH 90  290 49  HOH HOH A . 
C 3 HOH 91  291 40  HOH HOH A . 
C 3 HOH 92  292 87  HOH HOH A . 
C 3 HOH 93  293 61  HOH HOH A . 
C 3 HOH 94  294 65  HOH HOH A . 
C 3 HOH 95  295 111 HOH HOH A . 
C 3 HOH 96  296 39  HOH HOH A . 
C 3 HOH 97  297 90  HOH HOH A . 
C 3 HOH 98  298 96  HOH HOH A . 
C 3 HOH 99  299 98  HOH HOH A . 
C 3 HOH 100 300 104 HOH HOH A . 
C 3 HOH 101 301 101 HOH HOH A . 
C 3 HOH 102 302 53  HOH HOH A . 
D 3 HOH 1   101 16  HOH HOH C . 
D 3 HOH 2   102 45  HOH HOH C . 
D 3 HOH 3   103 84  HOH HOH C . 
D 3 HOH 4   104 64  HOH HOH C . 
D 3 HOH 5   105 107 HOH HOH C . 
D 3 HOH 6   106 88  HOH HOH C . 
D 3 HOH 7   107 57  HOH HOH C . 
D 3 HOH 8   108 43  HOH HOH C . 
# 
loop_
_pdbx_unobs_or_zero_occ_atoms.id 
_pdbx_unobs_or_zero_occ_atoms.PDB_model_num 
_pdbx_unobs_or_zero_occ_atoms.polymer_flag 
_pdbx_unobs_or_zero_occ_atoms.occupancy_flag 
_pdbx_unobs_or_zero_occ_atoms.auth_asym_id 
_pdbx_unobs_or_zero_occ_atoms.auth_comp_id 
_pdbx_unobs_or_zero_occ_atoms.auth_seq_id 
_pdbx_unobs_or_zero_occ_atoms.PDB_ins_code 
_pdbx_unobs_or_zero_occ_atoms.auth_atom_id 
_pdbx_unobs_or_zero_occ_atoms.label_alt_id 
_pdbx_unobs_or_zero_occ_atoms.label_asym_id 
_pdbx_unobs_or_zero_occ_atoms.label_comp_id 
_pdbx_unobs_or_zero_occ_atoms.label_seq_id 
_pdbx_unobs_or_zero_occ_atoms.label_atom_id 
1 1 Y 0 A LYS 141 ? CD ? A LYS 106 CD 
2 1 Y 0 A LYS 141 ? CE ? A LYS 106 CE 
3 1 Y 0 A LYS 141 ? NZ ? A LYS 106 NZ 
# 
loop_
_software.citation_id 
_software.classification 
_software.compiler_name 
_software.compiler_version 
_software.contact_author 
_software.contact_author_email 
_software.date 
_software.description 
_software.dependencies 
_software.hardware 
_software.language 
_software.location 
_software.mods 
_software.name 
_software.os 
_software.os_version 
_software.type 
_software.version 
_software.pdbx_ordinal 
? refinement       ? ? ? ? ? ? ? ? ? ? ? PHENIX  ? ? ? 1.14_3260 1 
? 'data reduction' ? ? ? ? ? ? ? ? ? ? ? XDS     ? ? ? .         2 
? 'data scaling'   ? ? ? ? ? ? ? ? ? ? ? Aimless ? ? ? .         3 
? phasing          ? ? ? ? ? ? ? ? ? ? ? PHASER  ? ? ? .         4 
# 
_cell.angle_alpha                  90.000 
_cell.angle_alpha_esd              ? 
_cell.angle_beta                   94.204 
_cell.angle_beta_esd               ? 
_cell.angle_gamma                  90.000 
_cell.angle_gamma_esd              ? 
_cell.entry_id                     6U6K 
_cell.details                      ? 
_cell.formula_units_Z              ? 
_cell.length_a                     121.957 
_cell.length_a_esd                 ? 
_cell.length_b                     41.903 
_cell.length_b_esd                 ? 
_cell.length_c                     29.538 
_cell.length_c_esd                 ? 
_cell.volume                       150543.766 
_cell.volume_esd                   ? 
_cell.Z_PDB                        4 
_cell.reciprocal_angle_alpha       ? 
_cell.reciprocal_angle_beta        ? 
_cell.reciprocal_angle_gamma       ? 
_cell.reciprocal_angle_alpha_esd   ? 
_cell.reciprocal_angle_beta_esd    ? 
_cell.reciprocal_angle_gamma_esd   ? 
_cell.reciprocal_length_a          ? 
_cell.reciprocal_length_b          ? 
_cell.reciprocal_length_c          ? 
_cell.reciprocal_length_a_esd      ? 
_cell.reciprocal_length_b_esd      ? 
_cell.reciprocal_length_c_esd      ? 
_cell.pdbx_unique_axis             ? 
# 
_symmetry.entry_id                         6U6K 
_symmetry.cell_setting                     ? 
_symmetry.Int_Tables_number                5 
_symmetry.space_group_name_Hall            'C 2y' 
_symmetry.space_group_name_H-M             'C 1 2 1' 
_symmetry.pdbx_full_space_group_name_H-M   ? 
# 
_exptl.absorpt_coefficient_mu     ? 
_exptl.absorpt_correction_T_max   ? 
_exptl.absorpt_correction_T_min   ? 
_exptl.absorpt_correction_type    ? 
_exptl.absorpt_process_details    ? 
_exptl.entry_id                   6U6K 
_exptl.crystals_number            1 
_exptl.details                    ? 
_exptl.method                     'X-RAY DIFFRACTION' 
_exptl.method_details             ? 
# 
_exptl_crystal.colour                      ? 
_exptl_crystal.density_diffrn              ? 
_exptl_crystal.density_Matthews            2.29 
_exptl_crystal.density_method              ? 
_exptl_crystal.density_percent_sol         46.37 
_exptl_crystal.description                 ? 
_exptl_crystal.F_000                       ? 
_exptl_crystal.id                          1 
_exptl_crystal.preparation                 ? 
_exptl_crystal.size_max                    ? 
_exptl_crystal.size_mid                    ? 
_exptl_crystal.size_min                    ? 
_exptl_crystal.size_rad                    ? 
_exptl_crystal.colour_lustre               ? 
_exptl_crystal.colour_modifier             ? 
_exptl_crystal.colour_primary              ? 
_exptl_crystal.density_meas                ? 
_exptl_crystal.density_meas_esd            ? 
_exptl_crystal.density_meas_gt             ? 
_exptl_crystal.density_meas_lt             ? 
_exptl_crystal.density_meas_temp           ? 
_exptl_crystal.density_meas_temp_esd       ? 
_exptl_crystal.density_meas_temp_gt        ? 
_exptl_crystal.density_meas_temp_lt        ? 
_exptl_crystal.pdbx_crystal_image_url      ? 
_exptl_crystal.pdbx_crystal_image_format   ? 
_exptl_crystal.pdbx_mosaicity              ? 
_exptl_crystal.pdbx_mosaicity_esd          ? 
# 
_exptl_crystal_grow.apparatus       ? 
_exptl_crystal_grow.atmosphere      ? 
_exptl_crystal_grow.crystal_id      1 
_exptl_crystal_grow.details         ? 
_exptl_crystal_grow.method          'VAPOR DIFFUSION, SITTING DROP' 
_exptl_crystal_grow.method_ref      ? 
_exptl_crystal_grow.pH              ? 
_exptl_crystal_grow.pressure        ? 
_exptl_crystal_grow.pressure_esd    ? 
_exptl_crystal_grow.seeding         ? 
_exptl_crystal_grow.seeding_ref     ? 
_exptl_crystal_grow.temp            291 
_exptl_crystal_grow.temp_details    ? 
_exptl_crystal_grow.temp_esd        ? 
_exptl_crystal_grow.time            ? 
_exptl_crystal_grow.pdbx_details    '0.1 M MMT 7.0 25 % w/v PEG 1500' 
_exptl_crystal_grow.pdbx_pH_range   ? 
# 
_diffrn.ambient_environment              ? 
_diffrn.ambient_temp                     100 
_diffrn.ambient_temp_details             ? 
_diffrn.ambient_temp_esd                 ? 
_diffrn.crystal_id                       1 
_diffrn.crystal_support                  ? 
_diffrn.crystal_treatment                ? 
_diffrn.details                          ? 
_diffrn.id                               1 
_diffrn.ambient_pressure                 ? 
_diffrn.ambient_pressure_esd             ? 
_diffrn.ambient_pressure_gt              ? 
_diffrn.ambient_pressure_lt              ? 
_diffrn.ambient_temp_gt                  ? 
_diffrn.ambient_temp_lt                  ? 
_diffrn.pdbx_serial_crystal_experiment   N 
# 
_diffrn_detector.details                      ? 
_diffrn_detector.detector                     PIXEL 
_diffrn_detector.diffrn_id                    1 
_diffrn_detector.type                         'DECTRIS EIGER X 16M' 
_diffrn_detector.area_resol_mean              ? 
_diffrn_detector.dtime                        ? 
_diffrn_detector.pdbx_frames_total            ? 
_diffrn_detector.pdbx_collection_time_total   ? 
_diffrn_detector.pdbx_collection_date         2018-06-30 
_diffrn_detector.pdbx_frequency               ? 
# 
_diffrn_radiation.collimation                      ? 
_diffrn_radiation.diffrn_id                        1 
_diffrn_radiation.filter_edge                      ? 
_diffrn_radiation.inhomogeneity                    ? 
_diffrn_radiation.monochromator                    ? 
_diffrn_radiation.polarisn_norm                    ? 
_diffrn_radiation.polarisn_ratio                   ? 
_diffrn_radiation.probe                            ? 
_diffrn_radiation.type                             ? 
_diffrn_radiation.xray_symbol                      ? 
_diffrn_radiation.wavelength_id                    1 
_diffrn_radiation.pdbx_monochromatic_or_laue_m_l   M 
_diffrn_radiation.pdbx_wavelength_list             ? 
_diffrn_radiation.pdbx_wavelength                  ? 
_diffrn_radiation.pdbx_diffrn_protocol             'SINGLE WAVELENGTH' 
_diffrn_radiation.pdbx_analyzer                    ? 
_diffrn_radiation.pdbx_scattering_type             x-ray 
# 
_diffrn_radiation_wavelength.id           1 
_diffrn_radiation_wavelength.wavelength   0.9537 
_diffrn_radiation_wavelength.wt           1.0 
# 
_diffrn_source.current                     ? 
_diffrn_source.details                     ? 
_diffrn_source.diffrn_id                   1 
_diffrn_source.power                       ? 
_diffrn_source.size                        ? 
_diffrn_source.source                      SYNCHROTRON 
_diffrn_source.target                      ? 
_diffrn_source.type                        'AUSTRALIAN SYNCHROTRON BEAMLINE MX2' 
_diffrn_source.voltage                     ? 
_diffrn_source.take-off_angle              ? 
_diffrn_source.pdbx_wavelength_list        0.9537 
_diffrn_source.pdbx_wavelength             ? 
_diffrn_source.pdbx_synchrotron_beamline   MX2 
_diffrn_source.pdbx_synchrotron_site       'Australian Synchrotron' 
# 
_reflns.B_iso_Wilson_estimate            22.89 
_reflns.entry_id                         6U6K 
_reflns.data_reduction_details           ? 
_reflns.data_reduction_method            ? 
_reflns.d_resolution_high                1.7 
_reflns.d_resolution_low                 39.62 
_reflns.details                          ? 
_reflns.limit_h_max                      ? 
_reflns.limit_h_min                      ? 
_reflns.limit_k_max                      ? 
_reflns.limit_k_min                      ? 
_reflns.limit_l_max                      ? 
_reflns.limit_l_min                      ? 
_reflns.number_all                       ? 
_reflns.number_obs                       16495 
_reflns.observed_criterion               ? 
_reflns.observed_criterion_F_max         ? 
_reflns.observed_criterion_F_min         ? 
_reflns.observed_criterion_I_max         ? 
_reflns.observed_criterion_I_min         ? 
_reflns.observed_criterion_sigma_F       ? 
_reflns.observed_criterion_sigma_I       ? 
_reflns.percent_possible_obs             99.7 
_reflns.R_free_details                   ? 
_reflns.Rmerge_F_all                     ? 
_reflns.Rmerge_F_obs                     ? 
_reflns.Friedel_coverage                 ? 
_reflns.number_gt                        ? 
_reflns.threshold_expression             ? 
_reflns.pdbx_redundancy                  3.3 
_reflns.pdbx_Rmerge_I_obs                ? 
_reflns.pdbx_Rmerge_I_all                ? 
_reflns.pdbx_Rsym_value                  ? 
_reflns.pdbx_netI_over_av_sigmaI         ? 
_reflns.pdbx_netI_over_sigmaI            9 
_reflns.pdbx_res_netI_over_av_sigmaI_2   ? 
_reflns.pdbx_res_netI_over_sigmaI_2      ? 
_reflns.pdbx_chi_squared                 ? 
_reflns.pdbx_scaling_rejects             ? 
_reflns.pdbx_d_res_high_opt              ? 
_reflns.pdbx_d_res_low_opt               ? 
_reflns.pdbx_d_res_opt_method            ? 
_reflns.phase_calculation_details        ? 
_reflns.pdbx_Rrim_I_all                  ? 
_reflns.pdbx_Rpim_I_all                  ? 
_reflns.pdbx_d_opt                       ? 
_reflns.pdbx_number_measured_all         ? 
_reflns.pdbx_diffrn_id                   1 
_reflns.pdbx_ordinal                     1 
_reflns.pdbx_CC_half                     0.997 
_reflns.pdbx_R_split                     ? 
# 
_reflns_shell.d_res_high                  1.7 
_reflns_shell.d_res_low                   1.73 
_reflns_shell.meanI_over_sigI_all         ? 
_reflns_shell.meanI_over_sigI_obs         ? 
_reflns_shell.number_measured_all         ? 
_reflns_shell.number_measured_obs         ? 
_reflns_shell.number_possible             ? 
_reflns_shell.number_unique_all           ? 
_reflns_shell.number_unique_obs           887 
_reflns_shell.percent_possible_all        ? 
_reflns_shell.percent_possible_obs        ? 
_reflns_shell.Rmerge_F_all                ? 
_reflns_shell.Rmerge_F_obs                ? 
_reflns_shell.Rmerge_I_all                ? 
_reflns_shell.Rmerge_I_obs                ? 
_reflns_shell.meanI_over_sigI_gt          ? 
_reflns_shell.meanI_over_uI_all           ? 
_reflns_shell.meanI_over_uI_gt            ? 
_reflns_shell.number_measured_gt          ? 
_reflns_shell.number_unique_gt            ? 
_reflns_shell.percent_possible_gt         ? 
_reflns_shell.Rmerge_F_gt                 ? 
_reflns_shell.Rmerge_I_gt                 ? 
_reflns_shell.pdbx_redundancy             ? 
_reflns_shell.pdbx_Rsym_value             ? 
_reflns_shell.pdbx_chi_squared            ? 
_reflns_shell.pdbx_netI_over_sigmaI_all   ? 
_reflns_shell.pdbx_netI_over_sigmaI_obs   ? 
_reflns_shell.pdbx_Rrim_I_all             ? 
_reflns_shell.pdbx_Rpim_I_all             ? 
_reflns_shell.pdbx_rejects                ? 
_reflns_shell.pdbx_ordinal                1 
_reflns_shell.pdbx_diffrn_id              1 
_reflns_shell.pdbx_CC_half                0.764 
_reflns_shell.pdbx_R_split                ? 
# 
_refine.aniso_B[1][1]                            ? 
_refine.aniso_B[1][2]                            ? 
_refine.aniso_B[1][3]                            ? 
_refine.aniso_B[2][2]                            ? 
_refine.aniso_B[2][3]                            ? 
_refine.aniso_B[3][3]                            ? 
_refine.B_iso_max                                ? 
_refine.B_iso_mean                               27.77 
_refine.B_iso_min                                ? 
_refine.correlation_coeff_Fo_to_Fc               ? 
_refine.correlation_coeff_Fo_to_Fc_free          ? 
_refine.details                                  ? 
_refine.diff_density_max                         ? 
_refine.diff_density_max_esd                     ? 
_refine.diff_density_min                         ? 
_refine.diff_density_min_esd                     ? 
_refine.diff_density_rms                         ? 
_refine.diff_density_rms_esd                     ? 
_refine.entry_id                                 6U6K 
_refine.pdbx_refine_id                           'X-RAY DIFFRACTION' 
_refine.ls_abs_structure_details                 ? 
_refine.ls_abs_structure_Flack                   ? 
_refine.ls_abs_structure_Flack_esd               ? 
_refine.ls_abs_structure_Rogers                  ? 
_refine.ls_abs_structure_Rogers_esd              ? 
_refine.ls_d_res_high                            1.70 
_refine.ls_d_res_low                             39.62 
_refine.ls_extinction_coef                       ? 
_refine.ls_extinction_coef_esd                   ? 
_refine.ls_extinction_expression                 ? 
_refine.ls_extinction_method                     ? 
_refine.ls_goodness_of_fit_all                   ? 
_refine.ls_goodness_of_fit_all_esd               ? 
_refine.ls_goodness_of_fit_obs                   ? 
_refine.ls_goodness_of_fit_obs_esd               ? 
_refine.ls_hydrogen_treatment                    ? 
_refine.ls_matrix_type                           ? 
_refine.ls_number_constraints                    ? 
_refine.ls_number_parameters                     ? 
_refine.ls_number_reflns_all                     ? 
_refine.ls_number_reflns_obs                     16475 
_refine.ls_number_reflns_R_free                  842 
_refine.ls_number_reflns_R_work                  ? 
_refine.ls_number_restraints                     ? 
_refine.ls_percent_reflns_obs                    99.55 
_refine.ls_percent_reflns_R_free                 5.11 
_refine.ls_R_factor_all                          ? 
_refine.ls_R_factor_obs                          0.1818 
_refine.ls_R_factor_R_free                       0.2177 
_refine.ls_R_factor_R_free_error                 ? 
_refine.ls_R_factor_R_free_error_details         ? 
_refine.ls_R_factor_R_work                       0.1799 
_refine.ls_R_Fsqd_factor_obs                     ? 
_refine.ls_R_I_factor_obs                        ? 
_refine.ls_redundancy_reflns_all                 ? 
_refine.ls_redundancy_reflns_obs                 ? 
_refine.ls_restrained_S_all                      ? 
_refine.ls_restrained_S_obs                      ? 
_refine.ls_shift_over_esd_max                    ? 
_refine.ls_shift_over_esd_mean                   ? 
_refine.ls_structure_factor_coef                 ? 
_refine.ls_weighting_details                     ? 
_refine.ls_weighting_scheme                      ? 
_refine.ls_wR_factor_all                         ? 
_refine.ls_wR_factor_obs                         ? 
_refine.ls_wR_factor_R_free                      ? 
_refine.ls_wR_factor_R_work                      ? 
_refine.occupancy_max                            ? 
_refine.occupancy_min                            ? 
_refine.solvent_model_details                    ? 
_refine.solvent_model_param_bsol                 ? 
_refine.solvent_model_param_ksol                 ? 
_refine.ls_R_factor_gt                           ? 
_refine.ls_goodness_of_fit_gt                    ? 
_refine.ls_goodness_of_fit_ref                   ? 
_refine.ls_shift_over_su_max                     ? 
_refine.ls_shift_over_su_max_lt                  ? 
_refine.ls_shift_over_su_mean                    ? 
_refine.ls_shift_over_su_mean_lt                 ? 
_refine.pdbx_ls_sigma_I                          ? 
_refine.pdbx_ls_sigma_F                          1.34 
_refine.pdbx_ls_sigma_Fsqd                       ? 
_refine.pdbx_data_cutoff_high_absF               ? 
_refine.pdbx_data_cutoff_high_rms_absF           ? 
_refine.pdbx_data_cutoff_low_absF                ? 
_refine.pdbx_isotropic_thermal_model             ? 
_refine.pdbx_ls_cross_valid_method               'FREE R-VALUE' 
_refine.pdbx_method_to_determine_struct          'MOLECULAR REPLACEMENT' 
_refine.pdbx_starting_model                      4LYI 
_refine.pdbx_stereochemistry_target_values       ? 
_refine.pdbx_R_Free_selection_details            ? 
_refine.pdbx_stereochem_target_val_spec_case     ? 
_refine.pdbx_overall_ESU_R                       ? 
_refine.pdbx_overall_ESU_R_Free                  ? 
_refine.pdbx_solvent_vdw_probe_radii             1.1100 
_refine.pdbx_solvent_ion_probe_radii             ? 
_refine.pdbx_solvent_shrinkage_radii             0.9000 
_refine.pdbx_real_space_R                        ? 
_refine.pdbx_density_correlation                 ? 
_refine.pdbx_pd_number_of_powder_patterns        ? 
_refine.pdbx_pd_number_of_points                 ? 
_refine.pdbx_pd_meas_number_of_points            ? 
_refine.pdbx_pd_proc_ls_prof_R_factor            ? 
_refine.pdbx_pd_proc_ls_prof_wR_factor           ? 
_refine.pdbx_pd_Marquardt_correlation_coeff      ? 
_refine.pdbx_pd_Fsqrd_R_factor                   ? 
_refine.pdbx_pd_ls_matrix_band_width             ? 
_refine.pdbx_overall_phase_error                 24.6289 
_refine.pdbx_overall_SU_R_free_Cruickshank_DPI   ? 
_refine.pdbx_overall_SU_R_free_Blow_DPI          ? 
_refine.pdbx_overall_SU_R_Blow_DPI               ? 
_refine.pdbx_TLS_residual_ADP_flag               ? 
_refine.pdbx_diffrn_id                           1 
_refine.overall_SU_B                             ? 
_refine.overall_SU_ML                            0.1559 
_refine.overall_SU_R_Cruickshank_DPI             ? 
_refine.overall_SU_R_free                        ? 
_refine.overall_FOM_free_R_set                   ? 
_refine.overall_FOM_work_R_set                   ? 
_refine.pdbx_average_fsc_overall                 ? 
_refine.pdbx_average_fsc_work                    ? 
_refine.pdbx_average_fsc_free                    ? 
# 
_refine_hist.pdbx_refine_id                   'X-RAY DIFFRACTION' 
_refine_hist.cycle_id                         LAST 
_refine_hist.details                          ? 
_refine_hist.d_res_high                       1.70 
_refine_hist.d_res_low                        39.62 
_refine_hist.number_atoms_solvent             110 
_refine_hist.number_atoms_total               1266 
_refine_hist.number_reflns_all                ? 
_refine_hist.number_reflns_obs                ? 
_refine_hist.number_reflns_R_free             ? 
_refine_hist.number_reflns_R_work             ? 
_refine_hist.R_factor_all                     ? 
_refine_hist.R_factor_obs                     ? 
_refine_hist.R_factor_R_free                  ? 
_refine_hist.R_factor_R_work                  ? 
_refine_hist.pdbx_number_residues_total       ? 
_refine_hist.pdbx_B_iso_mean_ligand           ? 
_refine_hist.pdbx_B_iso_mean_solvent          ? 
_refine_hist.pdbx_number_atoms_protein        1156 
_refine_hist.pdbx_number_atoms_nucleic_acid   0 
_refine_hist.pdbx_number_atoms_ligand         0 
_refine_hist.pdbx_number_atoms_lipid          ? 
_refine_hist.pdbx_number_atoms_carb           ? 
_refine_hist.pdbx_pseudo_atom_details         ? 
# 
loop_
_refine_ls_restr.pdbx_refine_id 
_refine_ls_restr.criterion 
_refine_ls_restr.dev_ideal 
_refine_ls_restr.dev_ideal_target 
_refine_ls_restr.number 
_refine_ls_restr.rejects 
_refine_ls_restr.type 
_refine_ls_restr.weight 
_refine_ls_restr.pdbx_restraint_function 
'X-RAY DIFFRACTION' ? 0.0067 ? 1191 ? f_bond_d           ? ? 
'X-RAY DIFFRACTION' ? 0.9340 ? 1619 ? f_angle_d          ? ? 
'X-RAY DIFFRACTION' ? 0.0490 ? 171  ? f_chiral_restr     ? ? 
'X-RAY DIFFRACTION' ? 0.0069 ? 207  ? f_plane_restr      ? ? 
'X-RAY DIFFRACTION' ? 9.6702 ? 724  ? f_dihedral_angle_d ? ? 
# 
loop_
_refine_ls_shell.pdbx_refine_id 
_refine_ls_shell.d_res_high 
_refine_ls_shell.d_res_low 
_refine_ls_shell.number_reflns_all 
_refine_ls_shell.number_reflns_obs 
_refine_ls_shell.number_reflns_R_free 
_refine_ls_shell.number_reflns_R_work 
_refine_ls_shell.percent_reflns_obs 
_refine_ls_shell.percent_reflns_R_free 
_refine_ls_shell.R_factor_all 
_refine_ls_shell.R_factor_obs 
_refine_ls_shell.R_factor_R_free 
_refine_ls_shell.R_factor_R_free_error 
_refine_ls_shell.R_factor_R_work 
_refine_ls_shell.redundancy_reflns_all 
_refine_ls_shell.redundancy_reflns_obs 
_refine_ls_shell.wR_factor_all 
_refine_ls_shell.wR_factor_obs 
_refine_ls_shell.wR_factor_R_free 
_refine_ls_shell.wR_factor_R_work 
_refine_ls_shell.pdbx_total_number_of_bins_used 
_refine_ls_shell.pdbx_phase_error 
_refine_ls_shell.pdbx_fsc_work 
_refine_ls_shell.pdbx_fsc_free 
'X-RAY DIFFRACTION' 1.70 1.81  . . 138 2580 99.38 . . . 0.2604 . 0.2364 . . . . . . . . . . 
'X-RAY DIFFRACTION' 1.81 1.95  . . 133 2586 99.60 . . . 0.2547 . 0.2019 . . . . . . . . . . 
'X-RAY DIFFRACTION' 1.95 2.14  . . 137 2608 99.64 . . . 0.2458 . 0.1811 . . . . . . . . . . 
'X-RAY DIFFRACTION' 2.14 2.45  . . 142 2603 99.60 . . . 0.2132 . 0.1833 . . . . . . . . . . 
'X-RAY DIFFRACTION' 2.45 3.09  . . 145 2579 99.49 . . . 0.2259 . 0.1941 . . . . . . . . . . 
'X-RAY DIFFRACTION' 3.09 39.62 . . 147 2677 99.61 . . . 0.1996 . 0.1631 . . . . . . . . . . 
# 
_struct.entry_id                     6U6K 
_struct.title                        'BRD4-BD1 in complex with the cyclic peptide 3.1_3' 
_struct.pdbx_model_details           ? 
_struct.pdbx_formula_weight          ? 
_struct.pdbx_formula_weight_method   ? 
_struct.pdbx_model_type_details      ? 
_struct.pdbx_CASP_flag               N 
# 
_struct_keywords.entry_id        6U6K 
_struct_keywords.text            'BET, bromodomain, macrocyclic peptide, BRD4, inhibitor, RaPID, Transcription-Inhibitor complex' 
_struct_keywords.pdbx_keywords   Transcription/Inhibitor 
# 
loop_
_struct_asym.id 
_struct_asym.pdbx_blank_PDB_chainid_flag 
_struct_asym.pdbx_modified 
_struct_asym.entity_id 
_struct_asym.details 
A N N 1 ? 
B N N 2 ? 
C N N 3 ? 
D N N 3 ? 
# 
loop_
_struct_ref.id 
_struct_ref.db_name 
_struct_ref.db_code 
_struct_ref.pdbx_db_accession 
_struct_ref.pdbx_db_isoform 
_struct_ref.entity_id 
_struct_ref.pdbx_seq_one_letter_code 
_struct_ref.pdbx_align_begin 
1 UNP BRD4_HUMAN O60885 ? 1 
;STNPPPPETSNPNKPKRQTNQLQYLLRVVLKTLWKHQFAWPFQQPVDAVKLNLPDYYKIIKTPMDMGTIKKRLENNYYWN
AQECIQDFNTMFTNCYIYNKPGDDIVLMAEALEKLFLQKINELPTEE
;
42 
2 PDB 6U6K       6U6K   ? 2 ? 1  
# 
loop_
_struct_ref_seq.align_id 
_struct_ref_seq.ref_id 
_struct_ref_seq.pdbx_PDB_id_code 
_struct_ref_seq.pdbx_strand_id 
_struct_ref_seq.seq_align_beg 
_struct_ref_seq.pdbx_seq_align_beg_ins_code 
_struct_ref_seq.seq_align_end 
_struct_ref_seq.pdbx_seq_align_end_ins_code 
_struct_ref_seq.pdbx_db_accession 
_struct_ref_seq.db_align_beg 
_struct_ref_seq.pdbx_db_align_beg_ins_code 
_struct_ref_seq.db_align_end 
_struct_ref_seq.pdbx_db_align_end_ins_code 
_struct_ref_seq.pdbx_auth_seq_align_beg 
_struct_ref_seq.pdbx_auth_seq_align_end 
1 1 6U6K A 7 ? 133 ? O60885 42 ? 168 ? 42 168 
2 2 6U6K C 1 ? 13  ? 6U6K   0  ? 12  ? 0  12  
# 
loop_
_struct_ref_seq_dif.align_id 
_struct_ref_seq_dif.pdbx_pdb_id_code 
_struct_ref_seq_dif.mon_id 
_struct_ref_seq_dif.pdbx_pdb_strand_id 
_struct_ref_seq_dif.seq_num 
_struct_ref_seq_dif.pdbx_pdb_ins_code 
_struct_ref_seq_dif.pdbx_seq_db_name 
_struct_ref_seq_dif.pdbx_seq_db_accession_code 
_struct_ref_seq_dif.db_mon_id 
_struct_ref_seq_dif.pdbx_seq_db_seq_num 
_struct_ref_seq_dif.details 
_struct_ref_seq_dif.pdbx_auth_seq_num 
_struct_ref_seq_dif.pdbx_ordinal 
1 6U6K GLN A 1   ? UNP O60885 ? ? 'expression tag' 36  1  
1 6U6K GLY A 2   ? UNP O60885 ? ? 'expression tag' 37  2  
1 6U6K PRO A 3   ? UNP O60885 ? ? 'expression tag' 38  3  
1 6U6K LEU A 4   ? UNP O60885 ? ? 'expression tag' 39  4  
1 6U6K GLY A 5   ? UNP O60885 ? ? 'expression tag' 40  5  
1 6U6K SER A 6   ? UNP O60885 ? ? 'expression tag' 41  6  
1 6U6K PRO A 134 ? UNP O60885 ? ? 'expression tag' 169 7  
1 6U6K GLU A 135 ? UNP O60885 ? ? 'expression tag' 170 8  
1 6U6K PHE A 136 ? UNP O60885 ? ? 'expression tag' 171 9  
1 6U6K PRO A 137 ? UNP O60885 ? ? 'expression tag' 172 10 
1 6U6K GLY A 138 ? UNP O60885 ? ? 'expression tag' 173 11 
1 6U6K ARG A 139 ? UNP O60885 ? ? 'expression tag' 174 12 
1 6U6K LEU A 140 ? UNP O60885 ? ? 'expression tag' 175 13 
1 6U6K GLU A 141 ? UNP O60885 ? ? 'expression tag' 176 14 
1 6U6K ARG A 142 ? UNP O60885 ? ? 'expression tag' 177 15 
1 6U6K PRO A 143 ? UNP O60885 ? ? 'expression tag' 178 16 
1 6U6K HIS A 144 ? UNP O60885 ? ? 'expression tag' 179 17 
1 6U6K ARG A 145 ? UNP O60885 ? ? 'expression tag' 180 18 
1 6U6K ASP A 146 ? UNP O60885 ? ? 'expression tag' 181 19 
# 
_pdbx_struct_assembly.id                   1 
_pdbx_struct_assembly.details              author_and_software_defined_assembly 
_pdbx_struct_assembly.method_details       PISA 
_pdbx_struct_assembly.oligomeric_details   dimeric 
_pdbx_struct_assembly.oligomeric_count     2 
# 
loop_
_pdbx_struct_assembly_prop.biol_id 
_pdbx_struct_assembly_prop.type 
_pdbx_struct_assembly_prop.value 
_pdbx_struct_assembly_prop.details 
1 'ABSA (A^2)' 1460 ? 
1 MORE         -12  ? 
1 'SSA (A^2)'  7910 ? 
# 
_pdbx_struct_assembly_gen.assembly_id       1 
_pdbx_struct_assembly_gen.oper_expression   1 
_pdbx_struct_assembly_gen.asym_id_list      A,B,C,D 
# 
_pdbx_struct_assembly_auth_evidence.id                     1 
_pdbx_struct_assembly_auth_evidence.assembly_id            1 
_pdbx_struct_assembly_auth_evidence.experimental_support   'surface plasmon resonance' 
_pdbx_struct_assembly_auth_evidence.details                ? 
# 
_pdbx_struct_oper_list.id                   1 
_pdbx_struct_oper_list.type                 'identity operation' 
_pdbx_struct_oper_list.name                 1_555 
_pdbx_struct_oper_list.symmetry_operation   x,y,z 
_pdbx_struct_oper_list.matrix[1][1]         1.0000000000 
_pdbx_struct_oper_list.matrix[1][2]         0.0000000000 
_pdbx_struct_oper_list.matrix[1][3]         0.0000000000 
_pdbx_struct_oper_list.vector[1]            0.0000000000 
_pdbx_struct_oper_list.matrix[2][1]         0.0000000000 
_pdbx_struct_oper_list.matrix[2][2]         1.0000000000 
_pdbx_struct_oper_list.matrix[2][3]         0.0000000000 
_pdbx_struct_oper_list.vector[2]            0.0000000000 
_pdbx_struct_oper_list.matrix[3][1]         0.0000000000 
_pdbx_struct_oper_list.matrix[3][2]         0.0000000000 
_pdbx_struct_oper_list.matrix[3][3]         1.0000000000 
_pdbx_struct_oper_list.vector[3]            0.0000000000 
# 
loop_
_struct_conf.conf_type_id 
_struct_conf.id 
_struct_conf.pdbx_PDB_helix_id 
_struct_conf.beg_label_comp_id 
_struct_conf.beg_label_asym_id 
_struct_conf.beg_label_seq_id 
_struct_conf.pdbx_beg_PDB_ins_code 
_struct_conf.end_label_comp_id 
_struct_conf.end_label_asym_id 
_struct_conf.end_label_seq_id 
_struct_conf.pdbx_end_PDB_ins_code 
_struct_conf.beg_auth_comp_id 
_struct_conf.beg_auth_asym_id 
_struct_conf.beg_auth_seq_id 
_struct_conf.end_auth_comp_id 
_struct_conf.end_auth_asym_id 
_struct_conf.end_auth_seq_id 
_struct_conf.pdbx_PDB_helix_class 
_struct_conf.details 
_struct_conf.pdbx_PDB_helix_length 
HELX_P HELX_P1 AA1 THR A 25  ? VAL A 34  ? THR A 60  VAL A 69  1 ? 10 
HELX_P HELX_P2 AA2 VAL A 34  ? LYS A 41  ? VAL A 69  LYS A 76  1 ? 8  
HELX_P HELX_P3 AA3 ALA A 45  ? GLN A 49  ? ALA A 80  GLN A 84  5 ? 5  
HELX_P HELX_P4 AA4 ASP A 61  ? ILE A 66  ? ASP A 96  ILE A 101 1 ? 6  
HELX_P HELX_P5 AA5 ASP A 71  ? ASN A 81  ? ASP A 106 ASN A 116 1 ? 11 
HELX_P HELX_P6 AA6 ASN A 86  ? ASN A 105 ? ASN A 121 ASN A 140 1 ? 20 
HELX_P HELX_P7 AA7 ASP A 109 ? ASN A 127 ? ASP A 144 ASN A 162 1 ? 19 
# 
_struct_conf_type.id          HELX_P 
_struct_conf_type.criteria    ? 
_struct_conf_type.reference   ? 
# 
loop_
_struct_conn.id 
_struct_conn.conn_type_id 
_struct_conn.pdbx_leaving_atom_flag 
_struct_conn.pdbx_PDB_id 
_struct_conn.ptnr1_label_asym_id 
_struct_conn.ptnr1_label_comp_id 
_struct_conn.ptnr1_label_seq_id 
_struct_conn.ptnr1_label_atom_id 
_struct_conn.pdbx_ptnr1_label_alt_id 
_struct_conn.pdbx_ptnr1_PDB_ins_code 
_struct_conn.pdbx_ptnr1_standard_comp_id 
_struct_conn.ptnr1_symmetry 
_struct_conn.ptnr2_label_asym_id 
_struct_conn.ptnr2_label_comp_id 
_struct_conn.ptnr2_label_seq_id 
_struct_conn.ptnr2_label_atom_id 
_struct_conn.pdbx_ptnr2_label_alt_id 
_struct_conn.pdbx_ptnr2_PDB_ins_code 
_struct_conn.ptnr1_auth_asym_id 
_struct_conn.ptnr1_auth_comp_id 
_struct_conn.ptnr1_auth_seq_id 
_struct_conn.ptnr2_auth_asym_id 
_struct_conn.ptnr2_auth_comp_id 
_struct_conn.ptnr2_auth_seq_id 
_struct_conn.ptnr2_symmetry 
_struct_conn.pdbx_ptnr3_label_atom_id 
_struct_conn.pdbx_ptnr3_label_seq_id 
_struct_conn.pdbx_ptnr3_label_comp_id 
_struct_conn.pdbx_ptnr3_label_asym_id 
_struct_conn.pdbx_ptnr3_label_alt_id 
_struct_conn.pdbx_ptnr3_PDB_ins_code 
_struct_conn.details 
_struct_conn.pdbx_dist_value 
_struct_conn.pdbx_value_order 
_struct_conn.pdbx_role 
covale1 covale both ? B ACE 1  C   ? ? ? 1_555 B TRP 2  N  ? ? C ACE 0  C TRP 1  1_555 ? ? ? ? ? ? ? 1.342 ? ? 
covale2 covale none ? B ACE 1  CH3 ? ? ? 1_555 B CYS 12 SG ? ? C ACE 0  C CYS 11 1_555 ? ? ? ? ? ? ? 1.767 ? ? 
covale3 covale both ? B PRO 6  C   ? ? ? 1_555 B ALY 7  N  ? ? C PRO 5  C ALY 6  1_555 ? ? ? ? ? ? ? 1.332 ? ? 
covale4 covale both ? B ALY 7  C   ? ? ? 1_555 B VAL 8  N  ? ? C ALY 6  C VAL 7  1_555 ? ? ? ? ? ? ? 1.327 ? ? 
covale5 covale both ? B LYS 9  C   ? ? ? 1_555 B ALY 10 N  ? ? C LYS 8  C ALY 9  1_555 ? ? ? ? ? ? ? 1.329 ? ? 
covale6 covale both ? B ALY 10 C   ? ? ? 1_555 B GLY 11 N  ? ? C ALY 9  C GLY 10 1_555 ? ? ? ? ? ? ? 1.329 ? ? 
covale7 covale both ? B CYS 12 C   ? ? ? 1_555 B NH2 13 N  ? ? C CYS 11 C NH2 12 1_555 ? ? ? ? ? ? ? 1.333 ? ? 
# 
_struct_conn_type.id          covale 
_struct_conn_type.criteria    ? 
_struct_conn_type.reference   ? 
# 
loop_
_pdbx_modification_feature.ordinal 
_pdbx_modification_feature.label_comp_id 
_pdbx_modification_feature.label_asym_id 
_pdbx_modification_feature.label_seq_id 
_pdbx_modification_feature.label_alt_id 
_pdbx_modification_feature.modified_residue_label_comp_id 
_pdbx_modification_feature.modified_residue_label_asym_id 
_pdbx_modification_feature.modified_residue_label_seq_id 
_pdbx_modification_feature.modified_residue_label_alt_id 
_pdbx_modification_feature.auth_comp_id 
_pdbx_modification_feature.auth_asym_id 
_pdbx_modification_feature.auth_seq_id 
_pdbx_modification_feature.PDB_ins_code 
_pdbx_modification_feature.symmetry 
_pdbx_modification_feature.modified_residue_auth_comp_id 
_pdbx_modification_feature.modified_residue_auth_asym_id 
_pdbx_modification_feature.modified_residue_auth_seq_id 
_pdbx_modification_feature.modified_residue_PDB_ins_code 
_pdbx_modification_feature.modified_residue_symmetry 
_pdbx_modification_feature.comp_id_linking_atom 
_pdbx_modification_feature.modified_residue_id_linking_atom 
_pdbx_modification_feature.modified_residue_id 
_pdbx_modification_feature.ref_pcm_id 
_pdbx_modification_feature.ref_comp_id 
_pdbx_modification_feature.type 
_pdbx_modification_feature.category 
1 ALY B 7  ? .   . .  . ALY C 6  ? 1_555 .   . .  . .     .   .  LYS 1  ALY Acetylation 'Named protein modification' 
2 ALY B 10 ? .   . .  . ALY C 9  ? 1_555 .   . .  . .     .   .  LYS 1  ALY Acetylation 'Named protein modification' 
3 ACE B 1  ? TRP B 2  ? ACE C 0  ? 1_555 TRP C 1  ? 1_555 .   .  TRP 16 ACE None        'Terminal acetylation'       
4 NH2 B 13 ? CYS B 12 ? NH2 C 12 ? 1_555 CYS C 11 ? 1_555 .   .  CYS 11 NH2 None        'Terminal amidation'         
5 ACE B 1  ? CYS B 12 ? ACE C 0  ? 1_555 CYS C 11 ? 1_555 CH3 SG .   .  .   None        'Non-standard linkage'       
# 
_struct_sheet.id               AA1 
_struct_sheet.type             ? 
_struct_sheet.number_strands   2 
_struct_sheet.details          ? 
# 
_struct_sheet_order.sheet_id     AA1 
_struct_sheet_order.range_id_1   1 
_struct_sheet_order.range_id_2   2 
_struct_sheet_order.offset       ? 
_struct_sheet_order.sense        anti-parallel 
# 
loop_
_struct_sheet_range.sheet_id 
_struct_sheet_range.id 
_struct_sheet_range.beg_label_comp_id 
_struct_sheet_range.beg_label_asym_id 
_struct_sheet_range.beg_label_seq_id 
_struct_sheet_range.pdbx_beg_PDB_ins_code 
_struct_sheet_range.end_label_comp_id 
_struct_sheet_range.end_label_asym_id 
_struct_sheet_range.end_label_seq_id 
_struct_sheet_range.pdbx_end_PDB_ins_code 
_struct_sheet_range.beg_auth_comp_id 
_struct_sheet_range.beg_auth_asym_id 
_struct_sheet_range.beg_auth_seq_id 
_struct_sheet_range.end_auth_comp_id 
_struct_sheet_range.end_auth_asym_id 
_struct_sheet_range.end_auth_seq_id 
AA1 1 TRP B 3 ? ILE B 5  ? TRP C 2 ILE C 4 
AA1 2 LYS B 9 ? ALY B 10 ? LYS C 8 ALY C 9 
# 
_pdbx_struct_sheet_hbond.sheet_id                AA1 
_pdbx_struct_sheet_hbond.range_id_1              1 
_pdbx_struct_sheet_hbond.range_id_2              2 
_pdbx_struct_sheet_hbond.range_1_label_atom_id   N 
_pdbx_struct_sheet_hbond.range_1_label_comp_id   ILE 
_pdbx_struct_sheet_hbond.range_1_label_asym_id   B 
_pdbx_struct_sheet_hbond.range_1_label_seq_id    4 
_pdbx_struct_sheet_hbond.range_1_PDB_ins_code    ? 
_pdbx_struct_sheet_hbond.range_1_auth_atom_id    N 
_pdbx_struct_sheet_hbond.range_1_auth_comp_id    ILE 
_pdbx_struct_sheet_hbond.range_1_auth_asym_id    C 
_pdbx_struct_sheet_hbond.range_1_auth_seq_id     3 
_pdbx_struct_sheet_hbond.range_2_label_atom_id   O 
_pdbx_struct_sheet_hbond.range_2_label_comp_id   LYS 
_pdbx_struct_sheet_hbond.range_2_label_asym_id   B 
_pdbx_struct_sheet_hbond.range_2_label_seq_id    9 
_pdbx_struct_sheet_hbond.range_2_PDB_ins_code    ? 
_pdbx_struct_sheet_hbond.range_2_auth_atom_id    O 
_pdbx_struct_sheet_hbond.range_2_auth_comp_id    LYS 
_pdbx_struct_sheet_hbond.range_2_auth_asym_id    C 
_pdbx_struct_sheet_hbond.range_2_auth_seq_id     8 
# 
_pdbx_entry_details.entry_id                   6U6K 
_pdbx_entry_details.has_ligand_of_interest     Y 
_pdbx_entry_details.compound_details           ? 
_pdbx_entry_details.source_details             ? 
_pdbx_entry_details.nonpolymer_details         ? 
_pdbx_entry_details.sequence_details           ? 
_pdbx_entry_details.has_protein_modification   Y 
# 
loop_
_pdbx_validate_torsion.id 
_pdbx_validate_torsion.PDB_model_num 
_pdbx_validate_torsion.auth_comp_id 
_pdbx_validate_torsion.auth_asym_id 
_pdbx_validate_torsion.auth_seq_id 
_pdbx_validate_torsion.PDB_ins_code 
_pdbx_validate_torsion.label_alt_id 
_pdbx_validate_torsion.phi 
_pdbx_validate_torsion.psi 
1 1 LEU A 94 ? ? -118.32 70.36  
2 1 ALY C 6  ? ? 74.56   -37.63 
# 
loop_
_space_group_symop.id 
_space_group_symop.operation_xyz 
1 x,y,z           
2 -x,y,-z         
3 x+1/2,y+1/2,z   
4 -x+1/2,y+1/2,-z 
# 
_pdbx_distant_solvent_atoms.id                                1 
_pdbx_distant_solvent_atoms.PDB_model_num                     1 
_pdbx_distant_solvent_atoms.auth_atom_id                      O 
_pdbx_distant_solvent_atoms.label_alt_id                      ? 
_pdbx_distant_solvent_atoms.auth_asym_id                      A 
_pdbx_distant_solvent_atoms.auth_comp_id                      HOH 
_pdbx_distant_solvent_atoms.auth_seq_id                       302 
_pdbx_distant_solvent_atoms.PDB_ins_code                      ? 
_pdbx_distant_solvent_atoms.neighbor_macromolecule_distance   6.00 
_pdbx_distant_solvent_atoms.neighbor_ligand_distance          . 
# 
loop_
_pdbx_unobs_or_zero_occ_residues.id 
_pdbx_unobs_or_zero_occ_residues.PDB_model_num 
_pdbx_unobs_or_zero_occ_residues.polymer_flag 
_pdbx_unobs_or_zero_occ_residues.occupancy_flag 
_pdbx_unobs_or_zero_occ_residues.auth_asym_id 
_pdbx_unobs_or_zero_occ_residues.auth_comp_id 
_pdbx_unobs_or_zero_occ_residues.auth_seq_id 
_pdbx_unobs_or_zero_occ_residues.PDB_ins_code 
_pdbx_unobs_or_zero_occ_residues.label_asym_id 
_pdbx_unobs_or_zero_occ_residues.label_comp_id 
_pdbx_unobs_or_zero_occ_residues.label_seq_id 
1  1 Y 1 A GLN 36  ? A GLN 1   
2  1 Y 1 A GLY 37  ? A GLY 2   
3  1 Y 1 A PRO 38  ? A PRO 3   
4  1 Y 1 A LEU 39  ? A LEU 4   
5  1 Y 1 A GLY 40  ? A GLY 5   
6  1 Y 1 A SER 41  ? A SER 6   
7  1 Y 1 A GLU 168 ? A GLU 133 
8  1 Y 1 A PRO 169 ? A PRO 134 
9  1 Y 1 A GLU 170 ? A GLU 135 
10 1 Y 1 A PHE 171 ? A PHE 136 
11 1 Y 1 A PRO 172 ? A PRO 137 
12 1 Y 1 A GLY 173 ? A GLY 138 
13 1 Y 1 A ARG 174 ? A ARG 139 
14 1 Y 1 A LEU 175 ? A LEU 140 
15 1 Y 1 A GLU 176 ? A GLU 141 
16 1 Y 1 A ARG 177 ? A ARG 142 
17 1 Y 1 A PRO 178 ? A PRO 143 
18 1 Y 1 A HIS 179 ? A HIS 144 
19 1 Y 1 A ARG 180 ? A ARG 145 
20 1 Y 1 A ASP 181 ? A ASP 146 
# 
loop_
_chem_comp_atom.comp_id 
_chem_comp_atom.atom_id 
_chem_comp_atom.type_symbol 
_chem_comp_atom.pdbx_aromatic_flag 
_chem_comp_atom.pdbx_stereo_config 
_chem_comp_atom.pdbx_ordinal 
ACE C    C N N 1   
ACE O    O N N 2   
ACE CH3  C N N 3   
ACE H    H N N 4   
ACE H1   H N N 5   
ACE H2   H N N 6   
ACE H3   H N N 7   
ALA N    N N N 8   
ALA CA   C N S 9   
ALA C    C N N 10  
ALA O    O N N 11  
ALA CB   C N N 12  
ALA OXT  O N N 13  
ALA H    H N N 14  
ALA H2   H N N 15  
ALA HA   H N N 16  
ALA HB1  H N N 17  
ALA HB2  H N N 18  
ALA HB3  H N N 19  
ALA HXT  H N N 20  
ALY OH   O N N 21  
ALY CH   C N N 22  
ALY CH3  C N N 23  
ALY NZ   N N N 24  
ALY CE   C N N 25  
ALY CD   C N N 26  
ALY CG   C N N 27  
ALY CB   C N N 28  
ALY CA   C N S 29  
ALY N    N N N 30  
ALY C    C N N 31  
ALY O    O N N 32  
ALY OXT  O N N 33  
ALY HH31 H N N 34  
ALY HH32 H N N 35  
ALY HH33 H N N 36  
ALY HZ   H N N 37  
ALY HE3  H N N 38  
ALY HE2  H N N 39  
ALY HD3  H N N 40  
ALY HD2  H N N 41  
ALY HG3  H N N 42  
ALY HG2  H N N 43  
ALY HB3  H N N 44  
ALY HB2  H N N 45  
ALY HA   H N N 46  
ALY H    H N N 47  
ALY H2   H N N 48  
ALY HXT  H N N 49  
ARG N    N N N 50  
ARG CA   C N S 51  
ARG C    C N N 52  
ARG O    O N N 53  
ARG CB   C N N 54  
ARG CG   C N N 55  
ARG CD   C N N 56  
ARG NE   N N N 57  
ARG CZ   C N N 58  
ARG NH1  N N N 59  
ARG NH2  N N N 60  
ARG OXT  O N N 61  
ARG H    H N N 62  
ARG H2   H N N 63  
ARG HA   H N N 64  
ARG HB2  H N N 65  
ARG HB3  H N N 66  
ARG HG2  H N N 67  
ARG HG3  H N N 68  
ARG HD2  H N N 69  
ARG HD3  H N N 70  
ARG HE   H N N 71  
ARG HH11 H N N 72  
ARG HH12 H N N 73  
ARG HH21 H N N 74  
ARG HH22 H N N 75  
ARG HXT  H N N 76  
ASN N    N N N 77  
ASN CA   C N S 78  
ASN C    C N N 79  
ASN O    O N N 80  
ASN CB   C N N 81  
ASN CG   C N N 82  
ASN OD1  O N N 83  
ASN ND2  N N N 84  
ASN OXT  O N N 85  
ASN H    H N N 86  
ASN H2   H N N 87  
ASN HA   H N N 88  
ASN HB2  H N N 89  
ASN HB3  H N N 90  
ASN HD21 H N N 91  
ASN HD22 H N N 92  
ASN HXT  H N N 93  
ASP N    N N N 94  
ASP CA   C N S 95  
ASP C    C N N 96  
ASP O    O N N 97  
ASP CB   C N N 98  
ASP CG   C N N 99  
ASP OD1  O N N 100 
ASP OD2  O N N 101 
ASP OXT  O N N 102 
ASP H    H N N 103 
ASP H2   H N N 104 
ASP HA   H N N 105 
ASP HB2  H N N 106 
ASP HB3  H N N 107 
ASP HD2  H N N 108 
ASP HXT  H N N 109 
CYS N    N N N 110 
CYS CA   C N R 111 
CYS C    C N N 112 
CYS O    O N N 113 
CYS CB   C N N 114 
CYS SG   S N N 115 
CYS OXT  O N N 116 
CYS H    H N N 117 
CYS H2   H N N 118 
CYS HA   H N N 119 
CYS HB2  H N N 120 
CYS HB3  H N N 121 
CYS HG   H N N 122 
CYS HXT  H N N 123 
GLN N    N N N 124 
GLN CA   C N S 125 
GLN C    C N N 126 
GLN O    O N N 127 
GLN CB   C N N 128 
GLN CG   C N N 129 
GLN CD   C N N 130 
GLN OE1  O N N 131 
GLN NE2  N N N 132 
GLN OXT  O N N 133 
GLN H    H N N 134 
GLN H2   H N N 135 
GLN HA   H N N 136 
GLN HB2  H N N 137 
GLN HB3  H N N 138 
GLN HG2  H N N 139 
GLN HG3  H N N 140 
GLN HE21 H N N 141 
GLN HE22 H N N 142 
GLN HXT  H N N 143 
GLU N    N N N 144 
GLU CA   C N S 145 
GLU C    C N N 146 
GLU O    O N N 147 
GLU CB   C N N 148 
GLU CG   C N N 149 
GLU CD   C N N 150 
GLU OE1  O N N 151 
GLU OE2  O N N 152 
GLU OXT  O N N 153 
GLU H    H N N 154 
GLU H2   H N N 155 
GLU HA   H N N 156 
GLU HB2  H N N 157 
GLU HB3  H N N 158 
GLU HG2  H N N 159 
GLU HG3  H N N 160 
GLU HE2  H N N 161 
GLU HXT  H N N 162 
GLY N    N N N 163 
GLY CA   C N N 164 
GLY C    C N N 165 
GLY O    O N N 166 
GLY OXT  O N N 167 
GLY H    H N N 168 
GLY H2   H N N 169 
GLY HA2  H N N 170 
GLY HA3  H N N 171 
GLY HXT  H N N 172 
HIS N    N N N 173 
HIS CA   C N S 174 
HIS C    C N N 175 
HIS O    O N N 176 
HIS CB   C N N 177 
HIS CG   C Y N 178 
HIS ND1  N Y N 179 
HIS CD2  C Y N 180 
HIS CE1  C Y N 181 
HIS NE2  N Y N 182 
HIS OXT  O N N 183 
HIS H    H N N 184 
HIS H2   H N N 185 
HIS HA   H N N 186 
HIS HB2  H N N 187 
HIS HB3  H N N 188 
HIS HD1  H N N 189 
HIS HD2  H N N 190 
HIS HE1  H N N 191 
HIS HE2  H N N 192 
HIS HXT  H N N 193 
HOH O    O N N 194 
HOH H1   H N N 195 
HOH H2   H N N 196 
ILE N    N N N 197 
ILE CA   C N S 198 
ILE C    C N N 199 
ILE O    O N N 200 
ILE CB   C N S 201 
ILE CG1  C N N 202 
ILE CG2  C N N 203 
ILE CD1  C N N 204 
ILE OXT  O N N 205 
ILE H    H N N 206 
ILE H2   H N N 207 
ILE HA   H N N 208 
ILE HB   H N N 209 
ILE HG12 H N N 210 
ILE HG13 H N N 211 
ILE HG21 H N N 212 
ILE HG22 H N N 213 
ILE HG23 H N N 214 
ILE HD11 H N N 215 
ILE HD12 H N N 216 
ILE HD13 H N N 217 
ILE HXT  H N N 218 
LEU N    N N N 219 
LEU CA   C N S 220 
LEU C    C N N 221 
LEU O    O N N 222 
LEU CB   C N N 223 
LEU CG   C N N 224 
LEU CD1  C N N 225 
LEU CD2  C N N 226 
LEU OXT  O N N 227 
LEU H    H N N 228 
LEU H2   H N N 229 
LEU HA   H N N 230 
LEU HB2  H N N 231 
LEU HB3  H N N 232 
LEU HG   H N N 233 
LEU HD11 H N N 234 
LEU HD12 H N N 235 
LEU HD13 H N N 236 
LEU HD21 H N N 237 
LEU HD22 H N N 238 
LEU HD23 H N N 239 
LEU HXT  H N N 240 
LYS N    N N N 241 
LYS CA   C N S 242 
LYS C    C N N 243 
LYS O    O N N 244 
LYS CB   C N N 245 
LYS CG   C N N 246 
LYS CD   C N N 247 
LYS CE   C N N 248 
LYS NZ   N N N 249 
LYS OXT  O N N 250 
LYS H    H N N 251 
LYS H2   H N N 252 
LYS HA   H N N 253 
LYS HB2  H N N 254 
LYS HB3  H N N 255 
LYS HG2  H N N 256 
LYS HG3  H N N 257 
LYS HD2  H N N 258 
LYS HD3  H N N 259 
LYS HE2  H N N 260 
LYS HE3  H N N 261 
LYS HZ1  H N N 262 
LYS HZ2  H N N 263 
LYS HZ3  H N N 264 
LYS HXT  H N N 265 
MET N    N N N 266 
MET CA   C N S 267 
MET C    C N N 268 
MET O    O N N 269 
MET CB   C N N 270 
MET CG   C N N 271 
MET SD   S N N 272 
MET CE   C N N 273 
MET OXT  O N N 274 
MET H    H N N 275 
MET H2   H N N 276 
MET HA   H N N 277 
MET HB2  H N N 278 
MET HB3  H N N 279 
MET HG2  H N N 280 
MET HG3  H N N 281 
MET HE1  H N N 282 
MET HE2  H N N 283 
MET HE3  H N N 284 
MET HXT  H N N 285 
NH2 N    N N N 286 
NH2 HN1  H N N 287 
NH2 HN2  H N N 288 
PHE N    N N N 289 
PHE CA   C N S 290 
PHE C    C N N 291 
PHE O    O N N 292 
PHE CB   C N N 293 
PHE CG   C Y N 294 
PHE CD1  C Y N 295 
PHE CD2  C Y N 296 
PHE CE1  C Y N 297 
PHE CE2  C Y N 298 
PHE CZ   C Y N 299 
PHE OXT  O N N 300 
PHE H    H N N 301 
PHE H2   H N N 302 
PHE HA   H N N 303 
PHE HB2  H N N 304 
PHE HB3  H N N 305 
PHE HD1  H N N 306 
PHE HD2  H N N 307 
PHE HE1  H N N 308 
PHE HE2  H N N 309 
PHE HZ   H N N 310 
PHE HXT  H N N 311 
PRO N    N N N 312 
PRO CA   C N S 313 
PRO C    C N N 314 
PRO O    O N N 315 
PRO CB   C N N 316 
PRO CG   C N N 317 
PRO CD   C N N 318 
PRO OXT  O N N 319 
PRO H    H N N 320 
PRO HA   H N N 321 
PRO HB2  H N N 322 
PRO HB3  H N N 323 
PRO HG2  H N N 324 
PRO HG3  H N N 325 
PRO HD2  H N N 326 
PRO HD3  H N N 327 
PRO HXT  H N N 328 
SER N    N N N 329 
SER CA   C N S 330 
SER C    C N N 331 
SER O    O N N 332 
SER CB   C N N 333 
SER OG   O N N 334 
SER OXT  O N N 335 
SER H    H N N 336 
SER H2   H N N 337 
SER HA   H N N 338 
SER HB2  H N N 339 
SER HB3  H N N 340 
SER HG   H N N 341 
SER HXT  H N N 342 
THR N    N N N 343 
THR CA   C N S 344 
THR C    C N N 345 
THR O    O N N 346 
THR CB   C N R 347 
THR OG1  O N N 348 
THR CG2  C N N 349 
THR OXT  O N N 350 
THR H    H N N 351 
THR H2   H N N 352 
THR HA   H N N 353 
THR HB   H N N 354 
THR HG1  H N N 355 
THR HG21 H N N 356 
THR HG22 H N N 357 
THR HG23 H N N 358 
THR HXT  H N N 359 
TRP N    N N N 360 
TRP CA   C N S 361 
TRP C    C N N 362 
TRP O    O N N 363 
TRP CB   C N N 364 
TRP CG   C Y N 365 
TRP CD1  C Y N 366 
TRP CD2  C Y N 367 
TRP NE1  N Y N 368 
TRP CE2  C Y N 369 
TRP CE3  C Y N 370 
TRP CZ2  C Y N 371 
TRP CZ3  C Y N 372 
TRP CH2  C Y N 373 
TRP OXT  O N N 374 
TRP H    H N N 375 
TRP H2   H N N 376 
TRP HA   H N N 377 
TRP HB2  H N N 378 
TRP HB3  H N N 379 
TRP HD1  H N N 380 
TRP HE1  H N N 381 
TRP HE3  H N N 382 
TRP HZ2  H N N 383 
TRP HZ3  H N N 384 
TRP HH2  H N N 385 
TRP HXT  H N N 386 
TYR N    N N N 387 
TYR CA   C N S 388 
TYR C    C N N 389 
TYR O    O N N 390 
TYR CB   C N N 391 
TYR CG   C Y N 392 
TYR CD1  C Y N 393 
TYR CD2  C Y N 394 
TYR CE1  C Y N 395 
TYR CE2  C Y N 396 
TYR CZ   C Y N 397 
TYR OH   O N N 398 
TYR OXT  O N N 399 
TYR H    H N N 400 
TYR H2   H N N 401 
TYR HA   H N N 402 
TYR HB2  H N N 403 
TYR HB3  H N N 404 
TYR HD1  H N N 405 
TYR HD2  H N N 406 
TYR HE1  H N N 407 
TYR HE2  H N N 408 
TYR HH   H N N 409 
TYR HXT  H N N 410 
VAL N    N N N 411 
VAL CA   C N S 412 
VAL C    C N N 413 
VAL O    O N N 414 
VAL CB   C N N 415 
VAL CG1  C N N 416 
VAL CG2  C N N 417 
VAL OXT  O N N 418 
VAL H    H N N 419 
VAL H2   H N N 420 
VAL HA   H N N 421 
VAL HB   H N N 422 
VAL HG11 H N N 423 
VAL HG12 H N N 424 
VAL HG13 H N N 425 
VAL HG21 H N N 426 
VAL HG22 H N N 427 
VAL HG23 H N N 428 
VAL HXT  H N N 429 
# 
loop_
_chem_comp_bond.comp_id 
_chem_comp_bond.atom_id_1 
_chem_comp_bond.atom_id_2 
_chem_comp_bond.value_order 
_chem_comp_bond.pdbx_aromatic_flag 
_chem_comp_bond.pdbx_stereo_config 
_chem_comp_bond.pdbx_ordinal 
ACE C   O    doub N N 1   
ACE C   CH3  sing N N 2   
ACE C   H    sing N N 3   
ACE CH3 H1   sing N N 4   
ACE CH3 H2   sing N N 5   
ACE CH3 H3   sing N N 6   
ALA N   CA   sing N N 7   
ALA N   H    sing N N 8   
ALA N   H2   sing N N 9   
ALA CA  C    sing N N 10  
ALA CA  CB   sing N N 11  
ALA CA  HA   sing N N 12  
ALA C   O    doub N N 13  
ALA C   OXT  sing N N 14  
ALA CB  HB1  sing N N 15  
ALA CB  HB2  sing N N 16  
ALA CB  HB3  sing N N 17  
ALA OXT HXT  sing N N 18  
ALY OH  CH   doub N N 19  
ALY CH  CH3  sing N N 20  
ALY CH  NZ   sing N N 21  
ALY CH3 HH31 sing N N 22  
ALY CH3 HH32 sing N N 23  
ALY CH3 HH33 sing N N 24  
ALY NZ  CE   sing N N 25  
ALY NZ  HZ   sing N N 26  
ALY CE  CD   sing N N 27  
ALY CE  HE3  sing N N 28  
ALY CE  HE2  sing N N 29  
ALY CD  CG   sing N N 30  
ALY CD  HD3  sing N N 31  
ALY CD  HD2  sing N N 32  
ALY CG  CB   sing N N 33  
ALY CG  HG3  sing N N 34  
ALY CG  HG2  sing N N 35  
ALY CB  CA   sing N N 36  
ALY CB  HB3  sing N N 37  
ALY CB  HB2  sing N N 38  
ALY CA  N    sing N N 39  
ALY CA  C    sing N N 40  
ALY CA  HA   sing N N 41  
ALY N   H    sing N N 42  
ALY N   H2   sing N N 43  
ALY C   O    doub N N 44  
ALY C   OXT  sing N N 45  
ALY OXT HXT  sing N N 46  
ARG N   CA   sing N N 47  
ARG N   H    sing N N 48  
ARG N   H2   sing N N 49  
ARG CA  C    sing N N 50  
ARG CA  CB   sing N N 51  
ARG CA  HA   sing N N 52  
ARG C   O    doub N N 53  
ARG C   OXT  sing N N 54  
ARG CB  CG   sing N N 55  
ARG CB  HB2  sing N N 56  
ARG CB  HB3  sing N N 57  
ARG CG  CD   sing N N 58  
ARG CG  HG2  sing N N 59  
ARG CG  HG3  sing N N 60  
ARG CD  NE   sing N N 61  
ARG CD  HD2  sing N N 62  
ARG CD  HD3  sing N N 63  
ARG NE  CZ   sing N N 64  
ARG NE  HE   sing N N 65  
ARG CZ  NH1  sing N N 66  
ARG CZ  NH2  doub N N 67  
ARG NH1 HH11 sing N N 68  
ARG NH1 HH12 sing N N 69  
ARG NH2 HH21 sing N N 70  
ARG NH2 HH22 sing N N 71  
ARG OXT HXT  sing N N 72  
ASN N   CA   sing N N 73  
ASN N   H    sing N N 74  
ASN N   H2   sing N N 75  
ASN CA  C    sing N N 76  
ASN CA  CB   sing N N 77  
ASN CA  HA   sing N N 78  
ASN C   O    doub N N 79  
ASN C   OXT  sing N N 80  
ASN CB  CG   sing N N 81  
ASN CB  HB2  sing N N 82  
ASN CB  HB3  sing N N 83  
ASN CG  OD1  doub N N 84  
ASN CG  ND2  sing N N 85  
ASN ND2 HD21 sing N N 86  
ASN ND2 HD22 sing N N 87  
ASN OXT HXT  sing N N 88  
ASP N   CA   sing N N 89  
ASP N   H    sing N N 90  
ASP N   H2   sing N N 91  
ASP CA  C    sing N N 92  
ASP CA  CB   sing N N 93  
ASP CA  HA   sing N N 94  
ASP C   O    doub N N 95  
ASP C   OXT  sing N N 96  
ASP CB  CG   sing N N 97  
ASP CB  HB2  sing N N 98  
ASP CB  HB3  sing N N 99  
ASP CG  OD1  doub N N 100 
ASP CG  OD2  sing N N 101 
ASP OD2 HD2  sing N N 102 
ASP OXT HXT  sing N N 103 
CYS N   CA   sing N N 104 
CYS N   H    sing N N 105 
CYS N   H2   sing N N 106 
CYS CA  C    sing N N 107 
CYS CA  CB   sing N N 108 
CYS CA  HA   sing N N 109 
CYS C   O    doub N N 110 
CYS C   OXT  sing N N 111 
CYS CB  SG   sing N N 112 
CYS CB  HB2  sing N N 113 
CYS CB  HB3  sing N N 114 
CYS SG  HG   sing N N 115 
CYS OXT HXT  sing N N 116 
GLN N   CA   sing N N 117 
GLN N   H    sing N N 118 
GLN N   H2   sing N N 119 
GLN CA  C    sing N N 120 
GLN CA  CB   sing N N 121 
GLN CA  HA   sing N N 122 
GLN C   O    doub N N 123 
GLN C   OXT  sing N N 124 
GLN CB  CG   sing N N 125 
GLN CB  HB2  sing N N 126 
GLN CB  HB3  sing N N 127 
GLN CG  CD   sing N N 128 
GLN CG  HG2  sing N N 129 
GLN CG  HG3  sing N N 130 
GLN CD  OE1  doub N N 131 
GLN CD  NE2  sing N N 132 
GLN NE2 HE21 sing N N 133 
GLN NE2 HE22 sing N N 134 
GLN OXT HXT  sing N N 135 
GLU N   CA   sing N N 136 
GLU N   H    sing N N 137 
GLU N   H2   sing N N 138 
GLU CA  C    sing N N 139 
GLU CA  CB   sing N N 140 
GLU CA  HA   sing N N 141 
GLU C   O    doub N N 142 
GLU C   OXT  sing N N 143 
GLU CB  CG   sing N N 144 
GLU CB  HB2  sing N N 145 
GLU CB  HB3  sing N N 146 
GLU CG  CD   sing N N 147 
GLU CG  HG2  sing N N 148 
GLU CG  HG3  sing N N 149 
GLU CD  OE1  doub N N 150 
GLU CD  OE2  sing N N 151 
GLU OE2 HE2  sing N N 152 
GLU OXT HXT  sing N N 153 
GLY N   CA   sing N N 154 
GLY N   H    sing N N 155 
GLY N   H2   sing N N 156 
GLY CA  C    sing N N 157 
GLY CA  HA2  sing N N 158 
GLY CA  HA3  sing N N 159 
GLY C   O    doub N N 160 
GLY C   OXT  sing N N 161 
GLY OXT HXT  sing N N 162 
HIS N   CA   sing N N 163 
HIS N   H    sing N N 164 
HIS N   H2   sing N N 165 
HIS CA  C    sing N N 166 
HIS CA  CB   sing N N 167 
HIS CA  HA   sing N N 168 
HIS C   O    doub N N 169 
HIS C   OXT  sing N N 170 
HIS CB  CG   sing N N 171 
HIS CB  HB2  sing N N 172 
HIS CB  HB3  sing N N 173 
HIS CG  ND1  sing Y N 174 
HIS CG  CD2  doub Y N 175 
HIS ND1 CE1  doub Y N 176 
HIS ND1 HD1  sing N N 177 
HIS CD2 NE2  sing Y N 178 
HIS CD2 HD2  sing N N 179 
HIS CE1 NE2  sing Y N 180 
HIS CE1 HE1  sing N N 181 
HIS NE2 HE2  sing N N 182 
HIS OXT HXT  sing N N 183 
HOH O   H1   sing N N 184 
HOH O   H2   sing N N 185 
ILE N   CA   sing N N 186 
ILE N   H    sing N N 187 
ILE N   H2   sing N N 188 
ILE CA  C    sing N N 189 
ILE CA  CB   sing N N 190 
ILE CA  HA   sing N N 191 
ILE C   O    doub N N 192 
ILE C   OXT  sing N N 193 
ILE CB  CG1  sing N N 194 
ILE CB  CG2  sing N N 195 
ILE CB  HB   sing N N 196 
ILE CG1 CD1  sing N N 197 
ILE CG1 HG12 sing N N 198 
ILE CG1 HG13 sing N N 199 
ILE CG2 HG21 sing N N 200 
ILE CG2 HG22 sing N N 201 
ILE CG2 HG23 sing N N 202 
ILE CD1 HD11 sing N N 203 
ILE CD1 HD12 sing N N 204 
ILE CD1 HD13 sing N N 205 
ILE OXT HXT  sing N N 206 
LEU N   CA   sing N N 207 
LEU N   H    sing N N 208 
LEU N   H2   sing N N 209 
LEU CA  C    sing N N 210 
LEU CA  CB   sing N N 211 
LEU CA  HA   sing N N 212 
LEU C   O    doub N N 213 
LEU C   OXT  sing N N 214 
LEU CB  CG   sing N N 215 
LEU CB  HB2  sing N N 216 
LEU CB  HB3  sing N N 217 
LEU CG  CD1  sing N N 218 
LEU CG  CD2  sing N N 219 
LEU CG  HG   sing N N 220 
LEU CD1 HD11 sing N N 221 
LEU CD1 HD12 sing N N 222 
LEU CD1 HD13 sing N N 223 
LEU CD2 HD21 sing N N 224 
LEU CD2 HD22 sing N N 225 
LEU CD2 HD23 sing N N 226 
LEU OXT HXT  sing N N 227 
LYS N   CA   sing N N 228 
LYS N   H    sing N N 229 
LYS N   H2   sing N N 230 
LYS CA  C    sing N N 231 
LYS CA  CB   sing N N 232 
LYS CA  HA   sing N N 233 
LYS C   O    doub N N 234 
LYS C   OXT  sing N N 235 
LYS CB  CG   sing N N 236 
LYS CB  HB2  sing N N 237 
LYS CB  HB3  sing N N 238 
LYS CG  CD   sing N N 239 
LYS CG  HG2  sing N N 240 
LYS CG  HG3  sing N N 241 
LYS CD  CE   sing N N 242 
LYS CD  HD2  sing N N 243 
LYS CD  HD3  sing N N 244 
LYS CE  NZ   sing N N 245 
LYS CE  HE2  sing N N 246 
LYS CE  HE3  sing N N 247 
LYS NZ  HZ1  sing N N 248 
LYS NZ  HZ2  sing N N 249 
LYS NZ  HZ3  sing N N 250 
LYS OXT HXT  sing N N 251 
MET N   CA   sing N N 252 
MET N   H    sing N N 253 
MET N   H2   sing N N 254 
MET CA  C    sing N N 255 
MET CA  CB   sing N N 256 
MET CA  HA   sing N N 257 
MET C   O    doub N N 258 
MET C   OXT  sing N N 259 
MET CB  CG   sing N N 260 
MET CB  HB2  sing N N 261 
MET CB  HB3  sing N N 262 
MET CG  SD   sing N N 263 
MET CG  HG2  sing N N 264 
MET CG  HG3  sing N N 265 
MET SD  CE   sing N N 266 
MET CE  HE1  sing N N 267 
MET CE  HE2  sing N N 268 
MET CE  HE3  sing N N 269 
MET OXT HXT  sing N N 270 
NH2 N   HN1  sing N N 271 
NH2 N   HN2  sing N N 272 
PHE N   CA   sing N N 273 
PHE N   H    sing N N 274 
PHE N   H2   sing N N 275 
PHE CA  C    sing N N 276 
PHE CA  CB   sing N N 277 
PHE CA  HA   sing N N 278 
PHE C   O    doub N N 279 
PHE C   OXT  sing N N 280 
PHE CB  CG   sing N N 281 
PHE CB  HB2  sing N N 282 
PHE CB  HB3  sing N N 283 
PHE CG  CD1  doub Y N 284 
PHE CG  CD2  sing Y N 285 
PHE CD1 CE1  sing Y N 286 
PHE CD1 HD1  sing N N 287 
PHE CD2 CE2  doub Y N 288 
PHE CD2 HD2  sing N N 289 
PHE CE1 CZ   doub Y N 290 
PHE CE1 HE1  sing N N 291 
PHE CE2 CZ   sing Y N 292 
PHE CE2 HE2  sing N N 293 
PHE CZ  HZ   sing N N 294 
PHE OXT HXT  sing N N 295 
PRO N   CA   sing N N 296 
PRO N   CD   sing N N 297 
PRO N   H    sing N N 298 
PRO CA  C    sing N N 299 
PRO CA  CB   sing N N 300 
PRO CA  HA   sing N N 301 
PRO C   O    doub N N 302 
PRO C   OXT  sing N N 303 
PRO CB  CG   sing N N 304 
PRO CB  HB2  sing N N 305 
PRO CB  HB3  sing N N 306 
PRO CG  CD   sing N N 307 
PRO CG  HG2  sing N N 308 
PRO CG  HG3  sing N N 309 
PRO CD  HD2  sing N N 310 
PRO CD  HD3  sing N N 311 
PRO OXT HXT  sing N N 312 
SER N   CA   sing N N 313 
SER N   H    sing N N 314 
SER N   H2   sing N N 315 
SER CA  C    sing N N 316 
SER CA  CB   sing N N 317 
SER CA  HA   sing N N 318 
SER C   O    doub N N 319 
SER C   OXT  sing N N 320 
SER CB  OG   sing N N 321 
SER CB  HB2  sing N N 322 
SER CB  HB3  sing N N 323 
SER OG  HG   sing N N 324 
SER OXT HXT  sing N N 325 
THR N   CA   sing N N 326 
THR N   H    sing N N 327 
THR N   H2   sing N N 328 
THR CA  C    sing N N 329 
THR CA  CB   sing N N 330 
THR CA  HA   sing N N 331 
THR C   O    doub N N 332 
THR C   OXT  sing N N 333 
THR CB  OG1  sing N N 334 
THR CB  CG2  sing N N 335 
THR CB  HB   sing N N 336 
THR OG1 HG1  sing N N 337 
THR CG2 HG21 sing N N 338 
THR CG2 HG22 sing N N 339 
THR CG2 HG23 sing N N 340 
THR OXT HXT  sing N N 341 
TRP N   CA   sing N N 342 
TRP N   H    sing N N 343 
TRP N   H2   sing N N 344 
TRP CA  C    sing N N 345 
TRP CA  CB   sing N N 346 
TRP CA  HA   sing N N 347 
TRP C   O    doub N N 348 
TRP C   OXT  sing N N 349 
TRP CB  CG   sing N N 350 
TRP CB  HB2  sing N N 351 
TRP CB  HB3  sing N N 352 
TRP CG  CD1  doub Y N 353 
TRP CG  CD2  sing Y N 354 
TRP CD1 NE1  sing Y N 355 
TRP CD1 HD1  sing N N 356 
TRP CD2 CE2  doub Y N 357 
TRP CD2 CE3  sing Y N 358 
TRP NE1 CE2  sing Y N 359 
TRP NE1 HE1  sing N N 360 
TRP CE2 CZ2  sing Y N 361 
TRP CE3 CZ3  doub Y N 362 
TRP CE3 HE3  sing N N 363 
TRP CZ2 CH2  doub Y N 364 
TRP CZ2 HZ2  sing N N 365 
TRP CZ3 CH2  sing Y N 366 
TRP CZ3 HZ3  sing N N 367 
TRP CH2 HH2  sing N N 368 
TRP OXT HXT  sing N N 369 
TYR N   CA   sing N N 370 
TYR N   H    sing N N 371 
TYR N   H2   sing N N 372 
TYR CA  C    sing N N 373 
TYR CA  CB   sing N N 374 
TYR CA  HA   sing N N 375 
TYR C   O    doub N N 376 
TYR C   OXT  sing N N 377 
TYR CB  CG   sing N N 378 
TYR CB  HB2  sing N N 379 
TYR CB  HB3  sing N N 380 
TYR CG  CD1  doub Y N 381 
TYR CG  CD2  sing Y N 382 
TYR CD1 CE1  sing Y N 383 
TYR CD1 HD1  sing N N 384 
TYR CD2 CE2  doub Y N 385 
TYR CD2 HD2  sing N N 386 
TYR CE1 CZ   doub Y N 387 
TYR CE1 HE1  sing N N 388 
TYR CE2 CZ   sing Y N 389 
TYR CE2 HE2  sing N N 390 
TYR CZ  OH   sing N N 391 
TYR OH  HH   sing N N 392 
TYR OXT HXT  sing N N 393 
VAL N   CA   sing N N 394 
VAL N   H    sing N N 395 
VAL N   H2   sing N N 396 
VAL CA  C    sing N N 397 
VAL CA  CB   sing N N 398 
VAL CA  HA   sing N N 399 
VAL C   O    doub N N 400 
VAL C   OXT  sing N N 401 
VAL CB  CG1  sing N N 402 
VAL CB  CG2  sing N N 403 
VAL CB  HB   sing N N 404 
VAL CG1 HG11 sing N N 405 
VAL CG1 HG12 sing N N 406 
VAL CG1 HG13 sing N N 407 
VAL CG2 HG21 sing N N 408 
VAL CG2 HG22 sing N N 409 
VAL CG2 HG23 sing N N 410 
VAL OXT HXT  sing N N 411 
# 
_pdbx_audit_support.funding_organization   'National Health and Medical Research Council (NHMRC, Australia)' 
_pdbx_audit_support.country                Australia 
_pdbx_audit_support.grant_number           APP1161623 
_pdbx_audit_support.ordinal                1 
# 
_pdbx_initial_refinement_model.id               1 
_pdbx_initial_refinement_model.entity_id_list   ? 
_pdbx_initial_refinement_model.type             'experimental model' 
_pdbx_initial_refinement_model.source_name      PDB 
_pdbx_initial_refinement_model.accession_code   4LYI 
_pdbx_initial_refinement_model.details          ? 
# 
_space_group.name_H-M_alt     'C 1 2 1' 
_space_group.name_Hall        'C 2y' 
_space_group.IT_number        5 
_space_group.crystal_system   monoclinic 
_space_group.id               1 
# 
_atom_sites.entry_id                    6U6K 
_atom_sites.Cartn_transf_matrix[1][1]   ? 
_atom_sites.Cartn_transf_matrix[1][2]   ? 
_atom_sites.Cartn_transf_matrix[1][3]   ? 
_atom_sites.Cartn_transf_matrix[2][1]   ? 
_atom_sites.Cartn_transf_matrix[2][2]   ? 
_atom_sites.Cartn_transf_matrix[2][3]   ? 
_atom_sites.Cartn_transf_matrix[3][1]   ? 
_atom_sites.Cartn_transf_matrix[3][2]   ? 
_atom_sites.Cartn_transf_matrix[3][3]   ? 
_atom_sites.Cartn_transf_vector[1]      ? 
_atom_sites.Cartn_transf_vector[2]      ? 
_atom_sites.Cartn_transf_vector[3]      ? 
_atom_sites.fract_transf_matrix[1][1]   -0.00294497 
_atom_sites.fract_transf_matrix[1][2]   -0.00396447 
_atom_sites.fract_transf_matrix[1][3]   0.00657371 
_atom_sites.fract_transf_matrix[2][1]   0.01627539 
_atom_sites.fract_transf_matrix[2][2]   -0.01718196 
_atom_sites.fract_transf_matrix[2][3]   -0.00307083 
_atom_sites.fract_transf_matrix[3][1]   0.02069619 
_atom_sites.fract_transf_matrix[3][2]   0.01569853 
_atom_sites.fract_transf_matrix[3][3]   0.02185303 
_atom_sites.fract_transf_vector[1]      -0.139796 
_atom_sites.fract_transf_vector[2]      0.501628 
_atom_sites.fract_transf_vector[3]      0.402201 
_atom_sites.solution_primary            ? 
_atom_sites.solution_secondary          ? 
_atom_sites.solution_hydrogens          ? 
_atom_sites.special_details             ? 
# 
loop_
_atom_type.symbol 
_atom_type.scat_dispersion_real 
_atom_type.scat_dispersion_imag 
_atom_type.scat_Cromer_Mann_a1 
_atom_type.scat_Cromer_Mann_a2 
_atom_type.scat_Cromer_Mann_a3 
_atom_type.scat_Cromer_Mann_a4 
_atom_type.scat_Cromer_Mann_b1 
_atom_type.scat_Cromer_Mann_b2 
_atom_type.scat_Cromer_Mann_b3 
_atom_type.scat_Cromer_Mann_b4 
_atom_type.scat_Cromer_Mann_c 
_atom_type.scat_source 
_atom_type.scat_dispersion_source 
C   ? ? 3.54356 2.42580 ? ? 25.62398 1.50364  ? ? 0.0 
;2-Gaussian fit: Grosse-Kunstleve RW, Sauter NK, Adams PD: Newsletter of the IUCr Commission on Crystallographic Computing 2004, 3, 22-31.
;
? 
N   ? ? 4.01032 2.96436 ? ? 19.97189 1.75589  ? ? 0.0 
;2-Gaussian fit: Grosse-Kunstleve RW, Sauter NK, Adams PD: Newsletter of the IUCr Commission on Crystallographic Computing 2004, 3, 22-31.
;
? 
O   ? ? 4.49882 3.47563 ? ? 15.80542 1.70748  ? ? 0.0 
;2-Gaussian fit: Grosse-Kunstleve RW, Sauter NK, Adams PD: Newsletter of the IUCr Commission on Crystallographic Computing 2004, 3, 22-31.
;
? 
O1- ? ? 5.12366 3.84317 ? ? 3.49406  27.47979 ? ? 0.0 
;2-Gaussian fit: Grosse-Kunstleve RW, Sauter NK, Adams PD: Newsletter of the IUCr Commission on Crystallographic Computing 2004, 3, 22-31.
;
? 
S   ? ? 9.55732 6.39887 ? ? 1.23737  29.19336 ? ? 0.0 
;2-Gaussian fit: Grosse-Kunstleve RW, Sauter NK, Adams PD: Newsletter of the IUCr Commission on Crystallographic Computing 2004, 3, 22-31.
;
? 
# 
loop_
_atom_site.group_PDB 
_atom_site.id 
_atom_site.type_symbol 
_atom_site.label_atom_id 
_atom_site.label_alt_id 
_atom_site.label_comp_id 
_atom_site.label_asym_id 
_atom_site.label_entity_id 
_atom_site.label_seq_id 
_atom_site.pdbx_PDB_ins_code 
_atom_site.Cartn_x 
_atom_site.Cartn_y 
_atom_site.Cartn_z 
_atom_site.occupancy 
_atom_site.B_iso_or_equiv 
_atom_site.pdbx_formal_charge 
_atom_site.auth_seq_id 
_atom_site.auth_comp_id 
_atom_site.auth_asym_id 
_atom_site.auth_atom_id 
_atom_site.pdbx_PDB_model_num 
ATOM   1    N N   . SER A 1 7   ? 10.89541  -16.21729 -9.70295  1.000 46.67615 ? 42  SER A N   1 
ATOM   2    C CA  . SER A 1 7   ? 11.30532  -17.14460 -8.65442  1.000 41.94591 ? 42  SER A CA  1 
ATOM   3    C C   . SER A 1 7   ? 11.92987  -16.37280 -7.48543  1.000 40.23745 ? 42  SER A C   1 
ATOM   4    O O   . SER A 1 7   ? 11.85185  -16.80621 -6.33518  1.000 38.55944 ? 42  SER A O   1 
ATOM   5    C CB  . SER A 1 7   ? 12.27993  -18.18478 -9.21167  1.000 47.72454 ? 42  SER A CB  1 
ATOM   6    O OG  . SER A 1 7   ? 12.54392  -19.20192 -8.26331  1.000 50.33895 ? 42  SER A OG  1 
ATOM   7    N N   . THR A 1 8   ? 12.54314  -15.22993 -7.78353  1.000 38.45959 ? 43  THR A N   1 
ATOM   8    C CA  . THR A 1 8   ? 13.01477  -14.30166 -6.76350  1.000 33.78149 ? 43  THR A CA  1 
ATOM   9    C C   . THR A 1 8   ? 12.04841  -13.12780 -6.63774  1.000 31.64287 ? 43  THR A C   1 
ATOM   10   O O   . THR A 1 8   ? 11.18762  -12.90334 -7.49041  1.000 33.88986 ? 43  THR A O   1 
ATOM   11   C CB  . THR A 1 8   ? 14.41053  -13.77069 -7.09525  1.000 32.92424 ? 43  THR A CB  1 
ATOM   12   O OG1 . THR A 1 8   ? 14.42546  -13.31143 -8.45151  1.000 34.66774 ? 43  THR A OG1 1 
ATOM   13   C CG2 . THR A 1 8   ? 15.48117  -14.83958 -6.90223  1.000 38.88389 ? 43  THR A CG2 1 
ATOM   14   N N   . ASN A 1 9   ? 12.20973  -12.36996 -5.54564  1.000 28.94984 ? 44  ASN A N   1 
ATOM   15   C CA  . ASN A 1 9   ? 11.50220  -11.09756 -5.38695  1.000 25.98818 ? 44  ASN A CA  1 
ATOM   16   C C   . ASN A 1 9   ? 12.22576  -10.00177 -6.16013  1.000 26.15882 ? 44  ASN A C   1 
ATOM   17   O O   . ASN A 1 9   ? 13.46172  -9.98667  -6.19979  1.000 26.94139 ? 44  ASN A O   1 
ATOM   18   C CB  . ASN A 1 9   ? 11.43512  -10.68929 -3.92067  1.000 24.87045 ? 44  ASN A CB  1 
ATOM   19   C CG  . ASN A 1 9   ? 10.57857  -11.60351 -3.09813  1.000 25.96387 ? 44  ASN A CG  1 
ATOM   20   O OD1 . ASN A 1 9   ? 9.50639   -12.01116 -3.52673  1.000 27.73110 ? 44  ASN A OD1 1 
ATOM   21   N ND2 . ASN A 1 9   ? 11.03724  -11.91930 -1.89352  1.000 30.23434 ? 44  ASN A ND2 1 
ATOM   22   N N   . PRO A 1 10  ? 11.49478  -9.06221  -6.74900  1.000 23.30412 ? 45  PRO A N   1 
ATOM   23   C CA  . PRO A 1 10  ? 12.13300  -7.89151  -7.33724  1.000 25.24551 ? 45  PRO A CA  1 
ATOM   24   C C   . PRO A 1 10  ? 12.62723  -6.96819  -6.24187  1.000 24.79644 ? 45  PRO A C   1 
ATOM   25   O O   . PRO A 1 10  ? 12.20633  -7.08636  -5.08107  1.000 23.51265 ? 45  PRO A O   1 
ATOM   26   C CB  . PRO A 1 10  ? 10.99952  -7.24279  -8.13683  1.000 23.30843 ? 45  PRO A CB  1 
ATOM   27   C CG  . PRO A 1 10  ? 9.77729   -7.56112  -7.30249  1.000 24.12782 ? 45  PRO A CG  1 
ATOM   28   C CD  . PRO A 1 10  ? 10.03009  -8.92670  -6.71309  1.000 24.18219 ? 45  PRO A CD  1 
ATOM   29   N N   . PRO A 1 11  ? 13.54677  -6.05819  -6.55104  1.000 22.70803 ? 46  PRO A N   1 
ATOM   30   C CA  . PRO A 1 11  ? 13.87082  -5.01887  -5.59209  1.000 25.45401 ? 46  PRO A CA  1 
ATOM   31   C C   . PRO A 1 11  ? 12.63084  -4.20835  -5.29170  1.000 24.98751 ? 46  PRO A C   1 
ATOM   32   O O   . PRO A 1 11  ? 11.72380  -4.09835  -6.13922  1.000 25.68768 ? 46  PRO A O   1 
ATOM   33   C CB  . PRO A 1 11  ? 14.92700  -4.18021  -6.32451  1.000 26.54502 ? 46  PRO A CB  1 
ATOM   34   C CG  . PRO A 1 11  ? 14.56443  -4.36142  -7.77604  1.000 26.59570 ? 46  PRO A CG  1 
ATOM   35   C CD  . PRO A 1 11  ? 14.12105  -5.79094  -7.88142  1.000 28.01757 ? 46  PRO A CD  1 
ATOM   36   N N   . PRO A 1 12  ? 12.52291  -3.65456  -4.09129  1.000 23.07560 ? 47  PRO A N   1 
ATOM   37   C CA  . PRO A 1 12  ? 11.32583  -2.89325  -3.72835  1.000 25.36020 ? 47  PRO A CA  1 
ATOM   38   C C   . PRO A 1 12  ? 11.30112  -1.55519  -4.44291  1.000 25.50837 ? 47  PRO A C   1 
ATOM   39   O O   . PRO A 1 12  ? 12.33055  -1.09785  -4.97417  1.000 24.11919 ? 47  PRO A O   1 
ATOM   40   C CB  . PRO A 1 12  ? 11.46865  -2.71824  -2.21115  1.000 25.86329 ? 47  PRO A CB  1 
ATOM   41   C CG  . PRO A 1 12  ? 12.95277  -2.71225  -1.99076  1.000 29.92805 ? 47  PRO A CG  1 
ATOM   42   C CD  . PRO A 1 12  ? 13.51725  -3.68861  -3.00354  1.000 27.58213 ? 47  PRO A CD  1 
ATOM   43   N N   . PRO A 1 13  ? 10.14054  -0.90097  -4.49306  1.000 24.25098 ? 48  PRO A N   1 
ATOM   44   C CA  . PRO A 1 13  ? 10.06185  0.39919   -5.16237  1.000 25.95037 ? 48  PRO A CA  1 
ATOM   45   C C   . PRO A 1 13  ? 11.03786  1.39085   -4.54942  1.000 23.95855 ? 48  PRO A C   1 
ATOM   46   O O   . PRO A 1 13  ? 11.29695  1.36687   -3.34391  1.000 22.25771 ? 48  PRO A O   1 
ATOM   47   C CB  . PRO A 1 13  ? 8.60864   0.83635   -4.92136  1.000 22.97099 ? 48  PRO A CB  1 
ATOM   48   C CG  . PRO A 1 13  ? 7.87513   -0.39567  -4.64953  1.000 21.83141 ? 48  PRO A CG  1 
ATOM   49   C CD  . PRO A 1 13  ? 8.83112   -1.34462  -3.98016  1.000 23.51608 ? 48  PRO A CD  1 
ATOM   50   N N   . GLU A 1 14  ? 11.56924  2.27735   -5.39630  1.000 23.48555 ? 49  GLU A N   1 
ATOM   51   C CA  . GLU A 1 14  ? 12.36834  3.39000   -4.90287  1.000 25.68522 ? 49  GLU A CA  1 
ATOM   52   C C   . GLU A 1 14  ? 11.56868  4.24729   -3.92490  1.000 26.08142 ? 49  GLU A C   1 
ATOM   53   O O   . GLU A 1 14  ? 10.38777  4.51908   -4.14396  1.000 25.06432 ? 49  GLU A O   1 
ATOM   54   C CB  . GLU A 1 14  ? 12.84802  4.26174   -6.06932  1.000 26.57095 ? 49  GLU A CB  1 
ATOM   55   C CG  . GLU A 1 14  ? 13.70104  5.43017   -5.59649  1.000 36.91204 ? 49  GLU A CG  1 
ATOM   56   C CD  . GLU A 1 14  ? 14.16055  6.36904   -6.71176  1.000 41.84759 ? 49  GLU A CD  1 
ATOM   57   O OE1 . GLU A 1 14  ? 13.29912  6.91945   -7.44408  1.000 42.49076 ? 49  GLU A OE1 1 
ATOM   58   O OE2 . GLU A 1 14  ? 15.39540  6.57126   -6.83585  1.000 45.08481 ? 49  GLU A OE2 1 
ATOM   59   N N   . THR A 1 15  ? 12.22895  4.70264   -2.84576  1.000 22.23865 ? 50  THR A N   1 
ATOM   60   C CA  . THR A 1 15  ? 11.58371  5.54040   -1.84462  1.000 21.74059 ? 50  THR A CA  1 
ATOM   61   C C   . THR A 1 15  ? 12.25037  6.88893   -1.63389  1.000 25.85351 ? 50  THR A C   1 
ATOM   62   O O   . THR A 1 15  ? 11.67062  7.73564   -0.94608  1.000 24.65755 ? 50  THR A O   1 
ATOM   63   C CB  . THR A 1 15  ? 11.52416  4.83076   -0.48184  1.000 27.18775 ? 50  THR A CB  1 
ATOM   64   O OG1 . THR A 1 15  ? 12.84444  4.46125   -0.06148  1.000 26.84857 ? 50  THR A OG1 1 
ATOM   65   C CG2 . THR A 1 15  ? 10.62978  3.59247   -0.55292  1.000 25.18013 ? 50  THR A CG2 1 
ATOM   66   N N   . SER A 1 16  ? 13.43898  7.10851   -2.18423  1.000 26.87799 ? 51  SER A N   1 
ATOM   67   C CA  . SER A 1 16  ? 14.20432  8.33281   -1.99279  1.000 28.17761 ? 51  SER A CA  1 
ATOM   68   C C   . SER A 1 16  ? 14.85709  8.68850   -3.31827  1.000 32.14557 ? 51  SER A C   1 
ATOM   69   O O   . SER A 1 16  ? 15.32270  7.80563   -4.04040  1.000 32.80503 ? 51  SER A O   1 
ATOM   70   C CB  . SER A 1 16  ? 15.27531  8.15294   -0.90688  1.000 30.23057 ? 51  SER A CB  1 
ATOM   71   O OG  . SER A 1 16  ? 16.05412  9.32317   -0.71562  1.000 39.24589 ? 51  SER A OG  1 
ATOM   72   N N   . ASN A 1 17  ? 14.88997  9.97316   -3.64065  1.000 32.11403 ? 52  ASN A N   1 
ATOM   73   C CA  . ASN A 1 17  ? 15.60390  10.38645  -4.84079  1.000 32.55457 ? 52  ASN A CA  1 
ATOM   74   C C   . ASN A 1 17  ? 16.06109  11.82721  -4.66515  1.000 32.43992 ? 52  ASN A C   1 
ATOM   75   O O   . ASN A 1 17  ? 15.23796  12.74907  -4.70785  1.000 33.59408 ? 52  ASN A O   1 
ATOM   76   C CB  . ASN A 1 17  ? 14.72495  10.24465  -6.08049  1.000 32.43702 ? 52  ASN A CB  1 
ATOM   77   C CG  . ASN A 1 17  ? 15.47639  10.50988  -7.37029  1.000 39.01851 ? 52  ASN A CG  1 
ATOM   78   O OD1 . ASN A 1 17  ? 16.38474  11.33808  -7.42276  1.000 40.17632 ? 52  ASN A OD1 1 
ATOM   79   N ND2 . ASN A 1 17  ? 15.09262  9.80282   -8.42651  1.000 43.54099 ? 52  ASN A ND2 1 
ATOM   80   N N   . PRO A 1 18  ? 17.36369  12.05756  -4.48364  1.000 36.42066 ? 53  PRO A N   1 
ATOM   81   C CA  . PRO A 1 18  ? 17.84598  13.42486  -4.23592  1.000 37.76792 ? 53  PRO A CA  1 
ATOM   82   C C   . PRO A 1 18  ? 17.74464  14.34578  -5.44144  1.000 36.70380 ? 53  PRO A C   1 
ATOM   83   O O   . PRO A 1 18  ? 17.90021  15.56122  -5.27397  1.000 38.23738 ? 53  PRO A O   1 
ATOM   84   C CB  . PRO A 1 18  ? 19.31086  13.20964  -3.82514  1.000 42.27057 ? 53  PRO A CB  1 
ATOM   85   C CG  . PRO A 1 18  ? 19.38062  11.75965  -3.39841  1.000 45.02995 ? 53  PRO A CG  1 
ATOM   86   C CD  . PRO A 1 18  ? 18.43203  11.05933  -4.32440  1.000 37.72895 ? 53  PRO A CD  1 
ATOM   87   N N   . ASN A 1 19  ? 17.49574  13.81688  -6.63895  1.000 37.35870 ? 54  ASN A N   1 
ATOM   88   C CA  . ASN A 1 19  ? 17.35851  14.64275  -7.83260  1.000 38.94048 ? 54  ASN A CA  1 
ATOM   89   C C   . ASN A 1 19  ? 15.94925  15.17701  -8.04652  1.000 38.18552 ? 54  ASN A C   1 
ATOM   90   O O   . ASN A 1 19  ? 15.76464  16.08516  -8.86769  1.000 39.67494 ? 54  ASN A O   1 
ATOM   91   C CB  . ASN A 1 19  ? 17.77453  13.85068  -9.06909  1.000 43.47845 ? 54  ASN A CB  1 
ATOM   92   C CG  . ASN A 1 19  ? 19.26370  13.62008  -9.12326  1.000 49.00833 ? 54  ASN A CG  1 
ATOM   93   O OD1 . ASN A 1 19  ? 20.05072  14.52759  -8.84511  1.000 53.71443 ? 54  ASN A OD1 1 
ATOM   94   N ND2 . ASN A 1 19  ? 19.66264  12.40185  -9.46264  1.000 53.08862 ? 54  ASN A ND2 1 
ATOM   95   N N   . LYS A 1 20  ? 14.95991  14.63064  -7.35927  1.000 34.67835 ? 55  LYS A N   1 
ATOM   96   C CA  . LYS A 1 20  ? 13.61341  15.17865  -7.46786  1.000 31.40506 ? 55  LYS A CA  1 
ATOM   97   C C   . LYS A 1 20  ? 13.46442  16.37118  -6.52664  1.000 34.47912 ? 55  LYS A C   1 
ATOM   98   O O   . LYS A 1 20  ? 13.97325  16.33727  -5.40247  1.000 32.13869 ? 55  LYS A O   1 
ATOM   99   C CB  . LYS A 1 20  ? 12.57043  14.11112  -7.12392  1.000 33.34618 ? 55  LYS A CB  1 
ATOM   100  C CG  . LYS A 1 20  ? 12.62361  12.89152  -8.02516  1.000 37.78148 ? 55  LYS A CG  1 
ATOM   101  C CD  . LYS A 1 20  ? 11.58078  11.85003  -7.62349  1.000 42.35367 ? 55  LYS A CD  1 
ATOM   102  C CE  . LYS A 1 20  ? 10.17014  12.30144  -7.96163  1.000 42.44625 ? 55  LYS A CE  1 
ATOM   103  N NZ  . LYS A 1 20  ? 9.19083   11.21366  -7.69089  1.000 39.69867 ? 55  LYS A NZ  1 
ATOM   104  N N   . PRO A 1 21  ? 12.78588  17.44174  -6.95443  1.000 33.25175 ? 56  PRO A N   1 
ATOM   105  C CA  . PRO A 1 21  ? 12.51197  18.54066  -6.02187  1.000 31.77823 ? 56  PRO A CA  1 
ATOM   106  C C   . PRO A 1 21  ? 11.61394  18.06619  -4.88929  1.000 30.86775 ? 56  PRO A C   1 
ATOM   107  O O   . PRO A 1 21  ? 10.85134  17.10614  -5.02958  1.000 30.56742 ? 56  PRO A O   1 
ATOM   108  C CB  . PRO A 1 21  ? 11.81901  19.59765  -6.89543  1.000 32.00127 ? 56  PRO A CB  1 
ATOM   109  C CG  . PRO A 1 21  ? 12.19580  19.25426  -8.30621  1.000 33.19160 ? 56  PRO A CG  1 
ATOM   110  C CD  . PRO A 1 21  ? 12.34063  17.75185  -8.32618  1.000 31.87663 ? 56  PRO A CD  1 
ATOM   111  N N   . LYS A 1 22  ? 11.72303  18.74203  -3.75262  1.000 27.56176 ? 57  LYS A N   1 
ATOM   112  C CA  . LYS A 1 22  ? 11.02338  18.35566  -2.53831  1.000 25.67770 ? 57  LYS A CA  1 
ATOM   113  C C   . LYS A 1 22  ? 10.19514  19.51408  -2.01200  1.000 26.20907 ? 57  LYS A C   1 
ATOM   114  O O   . LYS A 1 22  ? 10.65575  20.65757  -1.99805  1.000 27.41654 ? 57  LYS A O   1 
ATOM   115  C CB  . LYS A 1 22  ? 12.01086  17.92020  -1.45938  1.000 29.12575 ? 57  LYS A CB  1 
ATOM   116  C CG  . LYS A 1 22  ? 12.77763  16.67376  -1.81530  1.000 28.71186 ? 57  LYS A CG  1 
ATOM   117  C CD  . LYS A 1 22  ? 13.74952  16.29739  -0.71541  1.000 33.51165 ? 57  LYS A CD  1 
ATOM   118  C CE  . LYS A 1 22  ? 14.34905  14.92693  -0.98473  1.000 38.13702 ? 57  LYS A CE  1 
ATOM   119  N NZ  . LYS A 1 22  ? 14.74822  14.23715  0.27191   1.000 45.14138 ? 57  LYS A NZ  1 
ATOM   120  N N   . ARG A 1 23  ? 8.97636   19.21736  -1.56644  1.000 23.83804 ? 58  ARG A N   1 
ATOM   121  C CA  . ARG A 1 23  ? 8.19947   20.21189  -0.85304  1.000 23.84682 ? 58  ARG A CA  1 
ATOM   122  C C   . ARG A 1 23  ? 7.32006   19.51485  0.16805   1.000 26.77222 ? 58  ARG A C   1 
ATOM   123  O O   . ARG A 1 23  ? 7.03596   18.31630  0.06187   1.000 27.97701 ? 58  ARG A O   1 
ATOM   124  C CB  . ARG A 1 23  ? 7.34412   21.04523  -1.80010  1.000 23.29669 ? 58  ARG A CB  1 
ATOM   125  C CG  . ARG A 1 23  ? 6.20151   20.27119  -2.44569  1.000 22.92585 ? 58  ARG A CG  1 
ATOM   126  C CD  . ARG A 1 23  ? 5.41563   21.19875  -3.35139  1.000 21.38765 ? 58  ARG A CD  1 
ATOM   127  N NE  . ARG A 1 23  ? 4.36381   20.49003  -4.08870  1.000 21.02878 ? 58  ARG A NE  1 
ATOM   128  C CZ  . ARG A 1 23  ? 3.49359   21.09816  -4.88508  1.000 23.64870 ? 58  ARG A CZ  1 
ATOM   129  N NH1 . ARG A 1 23  ? 3.55766   22.42714  -5.03849  1.000 22.97064 ? 58  ARG A NH1 1 
ATOM   130  N NH2 . ARG A 1 23  ? 2.58395   20.39024  -5.53941  1.000 21.77066 ? 58  ARG A NH2 1 
ATOM   131  N N   . GLN A 1 24  ? 6.88584   20.28639  1.15489   1.000 26.13626 ? 59  GLN A N   1 
ATOM   132  C CA  . GLN A 1 24  ? 5.88187   19.84868  2.10943   1.000 31.02604 ? 59  GLN A CA  1 
ATOM   133  C C   . GLN A 1 24  ? 4.60663   20.63994  1.86804   1.000 30.12026 ? 59  GLN A C   1 
ATOM   134  O O   . GLN A 1 24  ? 4.65101   21.86421  1.70746   1.000 33.14643 ? 59  GLN A O   1 
ATOM   135  C CB  . GLN A 1 24  ? 6.36465   20.04060  3.54460   1.000 34.60206 ? 59  GLN A CB  1 
ATOM   136  C CG  . GLN A 1 24  ? 7.53959   19.15462  3.90848   1.000 41.28440 ? 59  GLN A CG  1 
ATOM   137  C CD  . GLN A 1 24  ? 7.69497   18.99047  5.40903   1.000 51.31850 ? 59  GLN A CD  1 
ATOM   138  O OE1 . GLN A 1 24  ? 7.61409   19.96477  6.16076   1.000 52.03339 ? 59  GLN A OE1 1 
ATOM   139  N NE2 . GLN A 1 24  ? 7.90785   17.74969  5.85489   1.000 50.76069 ? 59  GLN A NE2 1 
ATOM   140  N N   . THR A 1 25  ? 3.47717   19.94688  1.82455   1.000 29.06332 ? 60  THR A N   1 
ATOM   141  C CA  . THR A 1 25  ? 2.19017   20.61111  1.67483   1.000 28.58393 ? 60  THR A CA  1 
ATOM   142  C C   . THR A 1 25  ? 1.23541   20.10155  2.74371   1.000 29.33762 ? 60  THR A C   1 
ATOM   143  O O   . THR A 1 25  ? 1.45296   19.05259  3.34601   1.000 28.99576 ? 60  THR A O   1 
ATOM   144  C CB  . THR A 1 25  ? 1.57200   20.38851  0.28530   1.000 30.86908 ? 60  THR A CB  1 
ATOM   145  O OG1 . THR A 1 25  ? 1.12195   19.03340  0.16571   1.000 29.89007 ? 60  THR A OG1 1 
ATOM   146  C CG2 . THR A 1 25  ? 2.57670   20.68144  -0.81673  1.000 30.66825 ? 60  THR A CG2 1 
ATOM   147  N N   . ASN A 1 26  ? 0.16581   20.86083  2.99457   1.000 28.36136 ? 61  ASN A N   1 
ATOM   148  C CA  . ASN A 1 26  ? -0.77866  20.39622  4.00229   1.000 24.98118 ? 61  ASN A CA  1 
ATOM   149  C C   . ASN A 1 26  ? -1.47303  19.10769  3.57128   1.000 27.28602 ? 61  ASN A C   1 
ATOM   150  O O   . ASN A 1 26  ? -1.82822  18.28866  4.42755   1.000 26.19299 ? 61  ASN A O   1 
ATOM   151  C CB  . ASN A 1 26  ? -1.81572  21.47787  4.30717   1.000 32.67577 ? 61  ASN A CB  1 
ATOM   152  C CG  . ASN A 1 26  ? -2.65911  21.80898  3.11309   1.000 36.53457 ? 61  ASN A CG  1 
ATOM   153  O OD1 . ASN A 1 26  ? -2.14431  21.94147  2.00127   1.000 40.51981 ? 61  ASN A OD1 1 
ATOM   154  N ND2 . ASN A 1 26  ? -3.97579  21.92777  3.32336   1.000 37.38956 ? 61  ASN A ND2 1 
ATOM   155  N N   . GLN A 1 27  ? -1.68864  18.90458  2.26669   1.000 24.72308 ? 62  GLN A N   1 
ATOM   156  C CA  . GLN A 1 27  ? -2.31769  17.65656  1.83728   1.000 24.80316 ? 62  GLN A CA  1 
ATOM   157  C C   . GLN A 1 27  ? -1.37481  16.47675  2.02679   1.000 26.10667 ? 62  GLN A C   1 
ATOM   158  O O   . GLN A 1 27  ? -1.81028  15.38723  2.42347   1.000 25.11138 ? 62  GLN A O   1 
ATOM   159  C CB  . GLN A 1 27  ? -2.76380  17.74878  0.37993   1.000 25.61019 ? 62  GLN A CB  1 
ATOM   160  C CG  . GLN A 1 27  ? -3.86545  18.78931  0.14370   1.000 27.97111 ? 62  GLN A CG  1 
ATOM   161  C CD  . GLN A 1 27  ? -4.41417  18.71706  -1.25859  1.000 34.40748 ? 62  GLN A CD  1 
ATOM   162  O OE1 . GLN A 1 27  ? -3.72126  18.28588  -2.17330  1.000 36.39840 ? 62  GLN A OE1 1 
ATOM   163  N NE2 . GLN A 1 27  ? -5.67631  19.11341  -1.43532  1.000 33.38098 ? 62  GLN A NE2 1 
ATOM   164  N N   . LEU A 1 28  ? -0.08095  16.67287  1.74720   1.000 25.85964 ? 63  LEU A N   1 
ATOM   165  C CA  . LEU A 1 28  ? 0.88537   15.59300  1.94814   1.000 23.37432 ? 63  LEU A CA  1 
ATOM   166  C C   . LEU A 1 28  ? 1.04839   15.28914  3.42911   1.000 25.53731 ? 63  LEU A C   1 
ATOM   167  O O   . LEU A 1 28  ? 1.10985   14.12115  3.82356   1.000 24.23995 ? 63  LEU A O   1 
ATOM   168  C CB  . LEU A 1 28  ? 2.22690   15.94309  1.30054   1.000 25.10890 ? 63  LEU A CB  1 
ATOM   169  C CG  . LEU A 1 28  ? 2.29379   15.86932  -0.23573  1.000 23.17414 ? 63  LEU A CG  1 
ATOM   170  C CD1 . LEU A 1 28  ? 3.55674   16.56288  -0.77915  1.000 24.08001 ? 63  LEU A CD1 1 
ATOM   171  C CD2 . LEU A 1 28  ? 2.17806   14.41972  -0.73588  1.000 24.98243 ? 63  LEU A CD2 1 
ATOM   172  N N   . GLN A 1 29  ? 1.05361   16.32249  4.27198   1.000 22.48659 ? 64  GLN A N   1 
ATOM   173  C CA  . GLN A 1 29  ? 1.10771   16.09241  5.71221   1.000 24.69074 ? 64  GLN A CA  1 
ATOM   174  C C   . GLN A 1 29  ? -0.10764  15.30932  6.20068   1.000 23.50489 ? 64  GLN A C   1 
ATOM   175  O O   . GLN A 1 29  ? 0.00034   14.45617  7.08820   1.000 27.16595 ? 64  GLN A O   1 
ATOM   176  C CB  . GLN A 1 29  ? 1.19206   17.42583  6.43974   1.000 29.43666 ? 64  GLN A CB  1 
ATOM   177  C CG  . GLN A 1 29  ? 1.38632   17.27998  7.92009   1.000 37.43871 ? 64  GLN A CG  1 
ATOM   178  C CD  . GLN A 1 29  ? 1.67606   18.61053  8.57438   1.000 45.03747 ? 64  GLN A CD  1 
ATOM   179  O OE1 . GLN A 1 29  ? 2.80207   19.10693  8.52262   1.000 52.31533 ? 64  GLN A OE1 1 
ATOM   180  N NE2 . GLN A 1 29  ? 0.65228   19.21048  9.17293   1.000 47.96883 ? 64  GLN A NE2 1 
ATOM   181  N N   . TYR A 1 30  ? -1.27954  15.61808  5.66045   1.000 23.51444 ? 65  TYR A N   1 
ATOM   182  C CA  . TYR A 1 30  ? -2.48114  14.88041  6.04041   1.000 23.36080 ? 65  TYR A CA  1 
ATOM   183  C C   . TYR A 1 30  ? -2.38793  13.42603  5.60907   1.000 23.20333 ? 65  TYR A C   1 
ATOM   184  O O   . TYR A 1 30  ? -2.78093  12.51434  6.35566   1.000 22.13468 ? 65  TYR A O   1 
ATOM   185  C CB  . TYR A 1 30  ? -3.69506  15.54582  5.40347   1.000 26.30849 ? 65  TYR A CB  1 
ATOM   186  C CG  . TYR A 1 30  ? -5.02437  14.86850  5.64533   1.000 24.94072 ? 65  TYR A CG  1 
ATOM   187  C CD1 . TYR A 1 30  ? -5.78635  15.19510  6.74852   1.000 28.08096 ? 65  TYR A CD1 1 
ATOM   188  C CD2 . TYR A 1 30  ? -5.52206  13.92947  4.75709   1.000 24.79169 ? 65  TYR A CD2 1 
ATOM   189  C CE1 . TYR A 1 30  ? -7.01330  14.61163  6.97352   1.000 27.19797 ? 65  TYR A CE1 1 
ATOM   190  C CE2 . TYR A 1 30  ? -6.75601  13.33334  4.96998   1.000 26.99362 ? 65  TYR A CE2 1 
ATOM   191  C CZ  . TYR A 1 30  ? -7.49674  13.68105  6.08563   1.000 26.40108 ? 65  TYR A CZ  1 
ATOM   192  O OH  . TYR A 1 30  ? -8.72421  13.10264  6.32447   1.000 27.10587 ? 65  TYR A OH  1 
ATOM   193  N N   . LEU A 1 31  ? -1.92946  13.19940  4.38131   1.000 22.42308 ? 66  LEU A N   1 
ATOM   194  C CA  . LEU A 1 31  ? -1.78729  11.83112  3.89435   1.000 23.06442 ? 66  LEU A CA  1 
ATOM   195  C C   . LEU A 1 31  ? -0.86985  11.02132  4.79796   1.000 24.55349 ? 66  LEU A C   1 
ATOM   196  O O   . LEU A 1 31  ? -1.10772  9.82926   5.02826   1.000 24.27861 ? 66  LEU A O   1 
ATOM   197  C CB  . LEU A 1 31  ? -1.26586  11.84500  2.45902   1.000 23.13688 ? 66  LEU A CB  1 
ATOM   198  C CG  . LEU A 1 31  ? -2.39185  12.13633  1.45332   1.000 22.73430 ? 66  LEU A CG  1 
ATOM   199  C CD1 . LEU A 1 31  ? -1.83345  12.67832  0.15356   1.000 25.52249 ? 66  LEU A CD1 1 
ATOM   200  C CD2 . LEU A 1 31  ? -3.28846  10.90769  1.20736   1.000 26.47986 ? 66  LEU A CD2 1 
ATOM   201  N N   . LEU A 1 32  ? 0.16892   11.65101  5.34127   1.000 23.59369 ? 67  LEU A N   1 
ATOM   202  C CA  . LEU A 1 32  ? 1.08074   10.90412  6.20445   1.000 21.16161 ? 67  LEU A CA  1 
ATOM   203  C C   . LEU A 1 32  ? 0.51273   10.75545  7.61095   1.000 26.26594 ? 67  LEU A C   1 
ATOM   204  O O   . LEU A 1 32  ? 0.44798   9.64885   8.15320   1.000 26.91333 ? 67  LEU A O   1 
ATOM   205  C CB  . LEU A 1 32  ? 2.43576   11.59873  6.26892   1.000 22.88237 ? 67  LEU A CB  1 
ATOM   206  C CG  . LEU A 1 32  ? 3.42213   10.96023  7.23201   1.000 25.33563 ? 67  LEU A CG  1 
ATOM   207  C CD1 . LEU A 1 32  ? 3.70686   9.51678   6.84102   1.000 30.71895 ? 67  LEU A CD1 1 
ATOM   208  C CD2 . LEU A 1 32  ? 4.70167   11.78092  7.25961   1.000 28.23428 ? 67  LEU A CD2 1 
ATOM   209  N N   . ARG A 1 33  ? 0.11224   11.87033  8.22063   1.000 25.82078 ? 68  ARG A N   1 
ATOM   210  C CA  . ARG A 1 33  ? -0.21768  11.88915  9.63830   1.000 27.52357 ? 68  ARG A CA  1 
ATOM   211  C C   . ARG A 1 33  ? -1.62443  11.40295  9.93901   1.000 28.59318 ? 68  ARG A C   1 
ATOM   212  O O   . ARG A 1 33  ? -1.87390  10.97853  11.07019  1.000 30.51105 ? 68  ARG A O   1 
ATOM   213  C CB  . ARG A 1 33  ? -0.03281  13.30625  10.19103  1.000 27.50256 ? 68  ARG A CB  1 
ATOM   214  C CG  . ARG A 1 33  ? 1.37964   13.85952  10.01325  1.000 33.96438 ? 68  ARG A CG  1 
ATOM   215  C CD  . ARG A 1 33  ? 2.36654   13.41503  11.10263  1.000 43.53690 ? 68  ARG A CD  1 
ATOM   216  N NE  . ARG A 1 33  ? 3.70823   13.96350  10.86684  1.000 48.39191 ? 68  ARG A NE  1 
ATOM   217  C CZ  . ARG A 1 33  ? 4.73977   13.85500  11.70558  1.000 50.62373 ? 68  ARG A CZ  1 
ATOM   218  N NH1 . ARG A 1 33  ? 4.60309   13.21860  12.86408  1.000 47.51866 ? 68  ARG A NH1 1 
ATOM   219  N NH2 . ARG A 1 33  ? 5.91668   14.38941  11.38635  1.000 46.28260 ? 68  ARG A NH2 1 
ATOM   220  N N   . VAL A 1 34  ? -2.53814  11.44796  8.96175   1.000 25.05345 ? 69  VAL A N   1 
ATOM   221  C CA  . VAL A 1 34  ? -3.92442  11.01713  9.13790   1.000 26.11995 ? 69  VAL A CA  1 
ATOM   222  C C   . VAL A 1 34  ? -4.21198  9.73649   8.35405   1.000 26.71632 ? 69  VAL A C   1 
ATOM   223  O O   . VAL A 1 34  ? -4.56970  8.71337   8.93576   1.000 26.72367 ? 69  VAL A O   1 
ATOM   224  C CB  . VAL A 1 34  ? -4.91348  12.13773  8.74965   1.000 27.70731 ? 69  VAL A CB  1 
ATOM   225  C CG1 . VAL A 1 34  ? -6.33923  11.62938  8.84957   1.000 29.83931 ? 69  VAL A CG1 1 
ATOM   226  C CG2 . VAL A 1 34  ? -4.71694  13.34376  9.64135   1.000 31.47192 ? 69  VAL A CG2 1 
ATOM   227  N N   . VAL A 1 35  ? -4.06395  9.77943   7.02707   1.000 23.34353 ? 70  VAL A N   1 
ATOM   228  C CA  . VAL A 1 35  ? -4.46689  8.64996   6.18807   1.000 24.10672 ? 70  VAL A CA  1 
ATOM   229  C C   . VAL A 1 35  ? -3.55341  7.45204   6.41965   1.000 24.25278 ? 70  VAL A C   1 
ATOM   230  O O   . VAL A 1 35  ? -4.00496  6.36536   6.80193   1.000 26.36881 ? 70  VAL A O   1 
ATOM   231  C CB  . VAL A 1 35  ? -4.49470  9.06791   4.70644   1.000 25.91418 ? 70  VAL A CB  1 
ATOM   232  C CG1 . VAL A 1 35  ? -4.95556  7.91354   3.82813   1.000 23.71585 ? 70  VAL A CG1 1 
ATOM   233  C CG2 . VAL A 1 35  ? -5.45222  10.23277  4.51859   1.000 23.45505 ? 70  VAL A CG2 1 
ATOM   234  N N   . LEU A 1 36  ? -2.25529  7.62609   6.18765   1.000 23.39704 ? 71  LEU A N   1 
ATOM   235  C CA  . LEU A 1 36  ? -1.33726  6.50484   6.36732   1.000 22.93793 ? 71  LEU A CA  1 
ATOM   236  C C   . LEU A 1 36  ? -1.38186  5.98989   7.80113   1.000 25.20715 ? 71  LEU A C   1 
ATOM   237  O O   . LEU A 1 36  ? -1.47386  4.78155   8.03344   1.000 24.97515 ? 71  LEU A O   1 
ATOM   238  C CB  . LEU A 1 36  ? 0.08335   6.91766   5.97572   1.000 22.99079 ? 71  LEU A CB  1 
ATOM   239  C CG  . LEU A 1 36  ? 1.19002   5.85369   5.88328   1.000 26.74867 ? 71  LEU A CG  1 
ATOM   240  C CD1 . LEU A 1 36  ? 1.65261   5.34849   7.24838   1.000 28.49823 ? 71  LEU A CD1 1 
ATOM   241  C CD2 . LEU A 1 36  ? 0.74918   4.69320   5.04303   1.000 25.82870 ? 71  LEU A CD2 1 
ATOM   242  N N   . LYS A 1 37  ? -1.30325  6.89578   8.77508   1.000 24.68631 ? 72  LYS A N   1 
ATOM   243  C CA  . LYS A 1 37  ? -1.29759  6.47966   10.17588  1.000 28.93849 ? 72  LYS A CA  1 
ATOM   244  C C   . LYS A 1 37  ? -2.55432  5.68825   10.53561  1.000 27.99529 ? 72  LYS A C   1 
ATOM   245  O O   . LYS A 1 37  ? -2.46397  4.64531   11.19300  1.000 28.40795 ? 72  LYS A O   1 
ATOM   246  C CB  . LYS A 1 37  ? -1.14601  7.70734   11.08152  1.000 31.38238 ? 72  LYS A CB  1 
ATOM   247  C CG  . LYS A 1 37  ? -1.11353  7.38555   12.57379  1.000 36.55128 ? 72  LYS A CG  1 
ATOM   248  C CD  . LYS A 1 37  ? -0.53524  8.53945   13.38551  1.000 43.70694 ? 72  LYS A CD  1 
ATOM   249  C CE  . LYS A 1 37  ? 0.97117   8.66358   13.18153  1.000 48.43570 ? 72  LYS A CE  1 
ATOM   250  N NZ  . LYS A 1 37  ? 1.57801   9.87093   13.84034  1.000 50.87512 ? 72  LYS A NZ  1 
ATOM   251  N N   . THR A 1 38  ? -3.73346  6.16212   10.11373  1.000 24.92667 ? 73  THR A N   1 
ATOM   252  C CA  . THR A 1 38  ? -4.97525  5.45939   10.43821  1.000 27.96099 ? 73  THR A CA  1 
ATOM   253  C C   . THR A 1 38  ? -4.97676  4.06149   9.83354   1.000 27.80811 ? 73  THR A C   1 
ATOM   254  O O   . THR A 1 38  ? -5.31833  3.06903   10.50260  1.000 26.51431 ? 73  THR A O   1 
ATOM   255  C CB  . THR A 1 38  ? -6.18312  6.26455   9.94080   1.000 28.20015 ? 73  THR A CB  1 
ATOM   256  O OG1 . THR A 1 38  ? -6.22120  7.53706   10.60589  1.000 30.74975 ? 73  THR A OG1 1 
ATOM   257  C CG2 . THR A 1 38  ? -7.49035  5.53563   10.21251  1.000 29.76945 ? 73  THR A CG2 1 
ATOM   258  N N   . LEU A 1 39  ? -4.60056  3.96248   8.55825   1.000 23.41362 ? 74  LEU A N   1 
ATOM   259  C CA  . LEU A 1 39  ? -4.60469  2.65309   7.90767   1.000 25.28667 ? 74  LEU A CA  1 
ATOM   260  C C   . LEU A 1 39  ? -3.57181  1.72347   8.52514   1.000 22.96125 ? 74  LEU A C   1 
ATOM   261  O O   . LEU A 1 39  ? -3.82717  0.52263   8.67826   1.000 24.42295 ? 74  LEU A O   1 
ATOM   262  C CB  . LEU A 1 39  ? -4.35259  2.80391   6.41076   1.000 22.83683 ? 74  LEU A CB  1 
ATOM   263  C CG  . LEU A 1 39  ? -5.46435  3.51338   5.63729   1.000 27.08714 ? 74  LEU A CG  1 
ATOM   264  C CD1 . LEU A 1 39  ? -5.03352  3.65207   4.18772   1.000 30.18214 ? 74  LEU A CD1 1 
ATOM   265  C CD2 . LEU A 1 39  ? -6.72709  2.71668   5.73026   1.000 30.42632 ? 74  LEU A CD2 1 
ATOM   266  N N   . TRP A 1 40  ? -2.40870  2.25852   8.89902   1.000 21.90114 ? 75  TRP A N   1 
ATOM   267  C CA  . TRP A 1 40  ? -1.33980  1.42217   9.44326   1.000 23.21951 ? 75  TRP A CA  1 
ATOM   268  C C   . TRP A 1 40  ? -1.77366  0.74877   10.73302  1.000 22.82669 ? 75  TRP A C   1 
ATOM   269  O O   . TRP A 1 40  ? -1.42053  -0.41088  10.98897  1.000 25.71914 ? 75  TRP A O   1 
ATOM   270  C CB  . TRP A 1 40  ? -0.09020  2.26218   9.70447   1.000 24.04095 ? 75  TRP A CB  1 
ATOM   271  C CG  . TRP A 1 40  ? 1.15618   1.42640   9.91276   1.000 22.76386 ? 75  TRP A CG  1 
ATOM   272  C CD1 . TRP A 1 40  ? 1.56685   0.83440   11.06519  1.000 24.45209 ? 75  TRP A CD1 1 
ATOM   273  C CD2 . TRP A 1 40  ? 2.13272   1.10247   8.92377   1.000 21.98968 ? 75  TRP A CD2 1 
ATOM   274  N NE1 . TRP A 1 40  ? 2.74783   0.15804   10.85578  1.000 24.32309 ? 75  TRP A NE1 1 
ATOM   275  C CE2 . TRP A 1 40  ? 3.12002   0.31904   9.54702   1.000 23.83725 ? 75  TRP A CE2 1 
ATOM   276  C CE3 . TRP A 1 40  ? 2.27674   1.41378   7.56819   1.000 23.53032 ? 75  TRP A CE3 1 
ATOM   277  C CZ2 . TRP A 1 40  ? 4.21258   -0.18199  8.85792   1.000 26.73476 ? 75  TRP A CZ2 1 
ATOM   278  C CZ3 . TRP A 1 40  ? 3.37188   0.92541   6.88882   1.000 21.89690 ? 75  TRP A CZ3 1 
ATOM   279  C CH2 . TRP A 1 40  ? 4.33458   0.14814   7.53605   1.000 22.78401 ? 75  TRP A CH2 1 
ATOM   280  N N   . LYS A 1 41  ? -2.55659  1.45811   11.54444  1.000 24.82002 ? 76  LYS A N   1 
ATOM   281  C CA  . LYS A 1 41  ? -2.99994  0.96732   12.84306  1.000 26.45727 ? 76  LYS A CA  1 
ATOM   282  C C   . LYS A 1 41  ? -4.17926  0.01982   12.73959  1.000 27.66889 ? 76  LYS A C   1 
ATOM   283  O O   . LYS A 1 41  ? -4.59398  -0.54554  13.75807  1.000 29.89430 ? 76  LYS A O   1 
ATOM   284  C CB  . LYS A 1 41  ? -3.37318  2.15187   13.74650  1.000 27.49987 ? 76  LYS A CB  1 
ATOM   285  C CG  . LYS A 1 41  ? -2.16973  2.99625   14.15356  1.000 31.96463 ? 76  LYS A CG  1 
ATOM   286  C CD  . LYS A 1 41  ? -2.58205  4.12237   15.10790  1.000 35.37309 ? 76  LYS A CD  1 
ATOM   287  C CE  . LYS A 1 41  ? -1.36541  4.88234   15.61889  1.000 46.70852 ? 76  LYS A CE  1 
ATOM   288  N NZ  . LYS A 1 41  ? -1.72939  5.91349   16.63239  1.000 55.58186 ? 76  LYS A NZ  1 
ATOM   289  N N   . HIS A 1 42  ? -4.73536  -0.15340  11.54901  1.000 24.75096 ? 77  HIS A N   1 
ATOM   290  C CA  . HIS A 1 42  ? -5.91181  -0.99117  11.39297  1.000 26.93629 ? 77  HIS A CA  1 
ATOM   291  C C   . HIS A 1 42  ? -5.56510  -2.45835  11.60345  1.000 24.35546 ? 77  HIS A C   1 
ATOM   292  O O   . HIS A 1 42  ? -4.46655  -2.91257  11.29302  1.000 22.97689 ? 77  HIS A O   1 
ATOM   293  C CB  . HIS A 1 42  ? -6.52620  -0.78455  10.01261  1.000 25.72287 ? 77  HIS A CB  1 
ATOM   294  C CG  . HIS A 1 42  ? -7.89411  -1.37385  9.87449   1.000 27.23523 ? 77  HIS A CG  1 
ATOM   295  N ND1 . HIS A 1 42  ? -8.10043  -2.72413  9.71990   1.000 25.68102 ? 77  HIS A ND1 1 
ATOM   296  C CD2 . HIS A 1 42  ? -9.12186  -0.80185  9.88960   1.000 30.81300 ? 77  HIS A CD2 1 
ATOM   297  C CE1 . HIS A 1 42  ? -9.39845  -2.96272  9.62936   1.000 29.09556 ? 77  HIS A CE1 1 
ATOM   298  N NE2 . HIS A 1 42  ? -10.04030 -1.81262  9.73310   1.000 27.73911 ? 77  HIS A NE2 1 
ATOM   299  N N   . GLN A 1 43  ? -6.53755  -3.19645  12.15004  1.000 27.60968 ? 78  GLN A N   1 
ATOM   300  C CA  . GLN A 1 43  ? -6.38194  -4.62285  12.40937  1.000 28.69824 ? 78  GLN A CA  1 
ATOM   301  C C   . GLN A 1 43  ? -5.94120  -5.40808  11.17769  1.000 24.09480 ? 78  GLN A C   1 
ATOM   302  O O   . GLN A 1 43  ? -5.20231  -6.39131  11.29820  1.000 25.50070 ? 78  GLN A O   1 
ATOM   303  C CB  . GLN A 1 43  ? -7.71587  -5.15827  12.93869  1.000 33.44055 ? 78  GLN A CB  1 
ATOM   304  C CG  . GLN A 1 43  ? -7.79711  -6.64151  13.10656  1.000 34.95950 ? 78  GLN A CG  1 
ATOM   305  C CD  . GLN A 1 43  ? -8.96993  -7.03153  13.97825  1.000 38.55182 ? 78  GLN A CD  1 
ATOM   306  O OE1 . GLN A 1 43  ? -9.87114  -6.22127  14.23226  1.000 36.95636 ? 78  GLN A OE1 1 
ATOM   307  N NE2 . GLN A 1 43  ? -8.96214  -8.26622  14.45206  1.000 37.37240 ? 78  GLN A NE2 1 
ATOM   308  N N   . PHE A 1 44  ? -6.39246  -5.00642  9.99001   1.000 24.61200 ? 79  PHE A N   1 
ATOM   309  C CA  . PHE A 1 44  ? -6.11104  -5.72772  8.75531   1.000 24.30616 ? 79  PHE A CA  1 
ATOM   310  C C   . PHE A 1 44  ? -4.90620  -5.19130  7.98972   1.000 23.12959 ? 79  PHE A C   1 
ATOM   311  O O   . PHE A 1 44  ? -4.68617  -5.60813  6.84801   1.000 21.63283 ? 79  PHE A O   1 
ATOM   312  C CB  . PHE A 1 44  ? -7.33257  -5.68462  7.83386   1.000 24.63735 ? 79  PHE A CB  1 
ATOM   313  C CG  . PHE A 1 44  ? -8.51637  -6.47219  8.33422   1.000 26.61741 ? 79  PHE A CG  1 
ATOM   314  C CD1 . PHE A 1 44  ? -8.35310  -7.49074  9.25849   1.000 29.09487 ? 79  PHE A CD1 1 
ATOM   315  C CD2 . PHE A 1 44  ? -9.79148  -6.17687  7.87291   1.000 27.46978 ? 79  PHE A CD2 1 
ATOM   316  C CE1 . PHE A 1 44  ? -9.44878  -8.22221  9.71357   1.000 28.66535 ? 79  PHE A CE1 1 
ATOM   317  C CE2 . PHE A 1 44  ? -10.90802 -6.91512  8.31015   1.000 30.08149 ? 79  PHE A CE2 1 
ATOM   318  C CZ  . PHE A 1 44  ? -10.73208 -7.93125  9.23965   1.000 29.36471 ? 79  PHE A CZ  1 
ATOM   319  N N   . ALA A 1 45  ? -4.11118  -4.29747  8.58380   1.000 20.40255 ? 80  ALA A N   1 
ATOM   320  C CA  . ALA A 1 45  ? -3.03910  -3.66143  7.82022   1.000 20.43864 ? 80  ALA A CA  1 
ATOM   321  C C   . ALA A 1 45  ? -1.83709  -4.55949  7.58359   1.000 20.92482 ? 80  ALA A C   1 
ATOM   322  O O   . ALA A 1 45  ? -1.11170  -4.34807  6.60689   1.000 20.93808 ? 80  ALA A O   1 
ATOM   323  C CB  . ALA A 1 45  ? -2.55902  -2.39141  8.52629   1.000 23.04322 ? 80  ALA A CB  1 
ATOM   324  N N   . TRP A 1 46  ? -1.59249  -5.54421  8.44979   1.000 19.76929 ? 81  TRP A N   1 
ATOM   325  C CA  . TRP A 1 46  ? -0.28134  -6.19032  8.44795   1.000 22.63006 ? 81  TRP A CA  1 
ATOM   326  C C   . TRP A 1 46  ? 0.14339   -6.79850  7.10285   1.000 21.98338 ? 81  TRP A C   1 
ATOM   327  O O   . TRP A 1 46  ? 1.34593   -6.74901  6.80817   1.000 21.73989 ? 81  TRP A O   1 
ATOM   328  C CB  . TRP A 1 46  ? -0.20364  -7.23620  9.58035   1.000 26.10360 ? 81  TRP A CB  1 
ATOM   329  C CG  . TRP A 1 46  ? -1.23358  -8.32574  9.51632   1.000 21.44152 ? 81  TRP A CG  1 
ATOM   330  C CD1 . TRP A 1 46  ? -2.48343  -8.28205  10.03148  1.000 23.49498 ? 81  TRP A CD1 1 
ATOM   331  C CD2 . TRP A 1 46  ? -1.09287  -9.61191  8.89558   1.000 23.77581 ? 81  TRP A CD2 1 
ATOM   332  N NE1 . TRP A 1 46  ? -3.15692  -9.46233  9.75636   1.000 21.98759 ? 81  TRP A NE1 1 
ATOM   333  C CE2 . TRP A 1 46  ? -2.31699  -10.29437 9.06780   1.000 24.11365 ? 81  TRP A CE2 1 
ATOM   334  C CE3 . TRP A 1 46  ? -0.05646  -10.24621 8.20327   1.000 21.91606 ? 81  TRP A CE3 1 
ATOM   335  C CZ2 . TRP A 1 46  ? -2.53520  -11.58080 8.57996   1.000 22.88589 ? 81  TRP A CZ2 1 
ATOM   336  C CZ3 . TRP A 1 46  ? -0.27819  -11.53763 7.71491   1.000 24.66921 ? 81  TRP A CZ3 1 
ATOM   337  C CH2 . TRP A 1 46  ? -1.50839  -12.18330 7.90675   1.000 23.88767 ? 81  TRP A CH2 1 
ATOM   338  N N   . PRO A 1 47  ? -0.72713  -7.35499  6.24850   1.000 22.07378 ? 82  PRO A N   1 
ATOM   339  C CA  . PRO A 1 47  ? -0.20668  -7.89044  4.97976   1.000 18.78515 ? 82  PRO A CA  1 
ATOM   340  C C   . PRO A 1 47  ? 0.22616   -6.80691  4.02072   1.000 20.87084 ? 82  PRO A C   1 
ATOM   341  O O   . PRO A 1 47  ? 0.85530   -7.12140  3.00688   1.000 20.57287 ? 82  PRO A O   1 
ATOM   342  C CB  . PRO A 1 47  ? -1.38983  -8.67294  4.39732   1.000 20.91804 ? 82  PRO A CB  1 
ATOM   343  C CG  . PRO A 1 47  ? -2.37593  -8.84543  5.52294   1.000 20.68542 ? 82  PRO A CG  1 
ATOM   344  C CD  . PRO A 1 47  ? -2.17335  -7.61605  6.37903   1.000 21.79482 ? 82  PRO A CD  1 
ATOM   345  N N   . PHE A 1 48  ? -0.14012  -5.55669  4.29334   1.000 20.07870 ? 83  PHE A N   1 
ATOM   346  C CA  . PHE A 1 48  ? 0.10852   -4.42685  3.40138   1.000 18.01052 ? 83  PHE A CA  1 
ATOM   347  C C   . PHE A 1 48  ? 1.22983   -3.51338  3.88611   1.000 21.95155 ? 83  PHE A C   1 
ATOM   348  O O   . PHE A 1 48  ? 1.51686   -2.51093  3.22683   1.000 22.10043 ? 83  PHE A O   1 
ATOM   349  C CB  . PHE A 1 48  ? -1.20115  -3.63052  3.22597   1.000 18.92619 ? 83  PHE A CB  1 
ATOM   350  C CG  . PHE A 1 48  ? -2.34106  -4.48643  2.71692   1.000 19.84678 ? 83  PHE A CG  1 
ATOM   351  C CD1 . PHE A 1 48  ? -2.46822  -4.73535  1.36346   1.000 20.91541 ? 83  PHE A CD1 1 
ATOM   352  C CD2 . PHE A 1 48  ? -3.23356  -5.08367  3.59266   1.000 20.49260 ? 83  PHE A CD2 1 
ATOM   353  C CE1 . PHE A 1 48  ? -3.48851  -5.54598  0.87636   1.000 20.43959 ? 83  PHE A CE1 1 
ATOM   354  C CE2 . PHE A 1 48  ? -4.25510  -5.91623  3.12040   1.000 21.44709 ? 83  PHE A CE2 1 
ATOM   355  C CZ  . PHE A 1 48  ? -4.38015  -6.14251  1.75669   1.000 20.44328 ? 83  PHE A CZ  1 
ATOM   356  N N   . GLN A 1 49  ? 1.88319   -3.83045  5.00253   1.000 20.10480 ? 84  GLN A N   1 
ATOM   357  C CA  . GLN A 1 49  ? 2.89985   -2.93410  5.56112   1.000 20.31284 ? 84  GLN A CA  1 
ATOM   358  C C   . GLN A 1 49  ? 4.28813   -3.10371  4.93836   1.000 23.74636 ? 84  GLN A C   1 
ATOM   359  O O   . GLN A 1 49  ? 5.22316   -2.37769  5.32936   1.000 23.32344 ? 84  GLN A O   1 
ATOM   360  C CB  . GLN A 1 49  ? 2.95653   -3.12117  7.08622   1.000 22.69223 ? 84  GLN A CB  1 
ATOM   361  C CG  . GLN A 1 49  ? 1.71468   -2.61492  7.80330   1.000 23.84421 ? 84  GLN A CG  1 
ATOM   362  C CD  . GLN A 1 49  ? 1.62402   -3.04179  9.27267   1.000 23.84051 ? 84  GLN A CD  1 
ATOM   363  O OE1 . GLN A 1 49  ? 2.29816   -3.95770  9.70120   1.000 26.41717 ? 84  GLN A OE1 1 
ATOM   364  N NE2 . GLN A 1 49  ? 0.78179   -2.36249  10.03892  1.000 27.32101 ? 84  GLN A NE2 1 
ATOM   365  N N   . GLN A 1 50  ? 4.45805   -4.00982  3.97704   1.000 20.78475 ? 85  GLN A N   1 
ATOM   366  C CA  . GLN A 1 50  ? 5.74841   -4.26326  3.34751   1.000 22.72197 ? 85  GLN A CA  1 
ATOM   367  C C   . GLN A 1 50  ? 5.49997   -4.87499  1.97470   1.000 21.69648 ? 85  GLN A C   1 
ATOM   368  O O   . GLN A 1 50  ? 4.39786   -5.36515  1.70890   1.000 21.75376 ? 85  GLN A O   1 
ATOM   369  C CB  . GLN A 1 50  ? 6.61548   -5.19425  4.20561   1.000 22.39121 ? 85  GLN A CB  1 
ATOM   370  C CG  . GLN A 1 50  ? 6.01288   -6.54669  4.44063   1.000 23.60766 ? 85  GLN A CG  1 
ATOM   371  C CD  . GLN A 1 50  ? 4.87738   -6.49901  5.43466   1.000 28.17152 ? 85  GLN A CD  1 
ATOM   372  O OE1 . GLN A 1 50  ? 5.04093   -5.98572  6.54706   1.000 30.74154 ? 85  GLN A OE1 1 
ATOM   373  N NE2 . GLN A 1 50  ? 3.70821   -7.01094  5.03777   1.000 24.42482 ? 85  GLN A NE2 1 
ATOM   374  N N   . PRO A 1 51  ? 6.48657   -4.83387  1.07019   1.000 23.41780 ? 86  PRO A N   1 
ATOM   375  C CA  . PRO A 1 51  ? 6.27572   -5.42653  -0.25678  1.000 23.28439 ? 86  PRO A CA  1 
ATOM   376  C C   . PRO A 1 51  ? 5.86799   -6.88275  -0.13047  1.000 24.25612 ? 86  PRO A C   1 
ATOM   377  O O   . PRO A 1 51  ? 6.22682   -7.56220  0.83376   1.000 24.34855 ? 86  PRO A O   1 
ATOM   378  C CB  . PRO A 1 51  ? 7.64004   -5.27657  -0.93329  1.000 23.09507 ? 86  PRO A CB  1 
ATOM   379  C CG  . PRO A 1 51  ? 8.20992   -4.03154  -0.28273  1.000 22.88265 ? 86  PRO A CG  1 
ATOM   380  C CD  . PRO A 1 51  ? 7.79284   -4.14987  1.15838   1.000 23.44643 ? 86  PRO A CD  1 
ATOM   381  N N   . VAL A 1 52  ? 5.06553   -7.34919  -1.09212  1.000 21.53395 ? 87  VAL A N   1 
ATOM   382  C CA  . VAL A 1 52  ? 4.66399   -8.75321  -1.08144  1.000 22.52433 ? 87  VAL A CA  1 
ATOM   383  C C   . VAL A 1 52  ? 5.90677   -9.61384  -1.23797  1.000 24.06059 ? 87  VAL A C   1 
ATOM   384  O O   . VAL A 1 52  ? 6.65755   -9.46863  -2.21308  1.000 23.36277 ? 87  VAL A O   1 
ATOM   385  C CB  . VAL A 1 52  ? 3.64039   -9.03613  -2.18323  1.000 22.25894 ? 87  VAL A CB  1 
ATOM   386  C CG1 . VAL A 1 52  ? 3.38171   -10.54695 -2.30683  1.000 24.25766 ? 87  VAL A CG1 1 
ATOM   387  C CG2 . VAL A 1 52  ? 2.35667   -8.29247  -1.89881  1.000 21.24349 ? 87  VAL A CG2 1 
ATOM   388  N N   . ASP A 1 53  ? 6.14908   -10.48737 -0.25378  1.000 23.06679 ? 88  ASP A N   1 
ATOM   389  C CA  . ASP A 1 53  ? 7.29462   -11.40036 -0.28801  1.000 24.98251 ? 88  ASP A CA  1 
ATOM   390  C C   . ASP A 1 53  ? 6.81944   -12.67861 -0.95959  1.000 23.25337 ? 88  ASP A C   1 
ATOM   391  O O   . ASP A 1 53  ? 6.33317   -13.60986 -0.31216  1.000 24.31036 ? 88  ASP A O   1 
ATOM   392  C CB  . ASP A 1 53  ? 7.83042   -11.65119 1.11513   1.000 27.59632 ? 88  ASP A CB  1 
ATOM   393  C CG  . ASP A 1 53  ? 9.16803   -12.37268 1.11509   1.000 31.67571 ? 88  ASP A CG  1 
ATOM   394  O OD1 . ASP A 1 53  ? 9.48387   -13.07732 0.13332   1.000 27.84881 ? 88  ASP A OD1 1 
ATOM   395  O OD2 . ASP A 1 53  ? 9.90533   -12.24231 2.11318   1.000 38.29909 ? 88  ASP A OD2 1 
ATOM   396  N N   . ALA A 1 54  ? 6.93892   -12.71701 -2.28649  1.000 24.25105 ? 89  ALA A N   1 
ATOM   397  C CA  . ALA A 1 54  ? 6.41784   -13.85920 -3.02681  1.000 23.27131 ? 89  ALA A CA  1 
ATOM   398  C C   . ALA A 1 54  ? 7.24531   -15.11551 -2.78900  1.000 25.55474 ? 89  ALA A C   1 
ATOM   399  O O   . ALA A 1 54  ? 6.74601   -16.22317 -2.99503  1.000 25.50731 ? 89  ALA A O   1 
ATOM   400  C CB  . ALA A 1 54  ? 6.36179   -13.53793 -4.52253  1.000 25.45426 ? 89  ALA A CB  1 
ATOM   401  N N   . VAL A 1 55  ? 8.49953   -14.96696 -2.37159  1.000 27.89090 ? 90  VAL A N   1 
ATOM   402  C CA  . VAL A 1 55  ? 9.29997   -16.13747 -2.02608  1.000 29.82232 ? 90  VAL A CA  1 
ATOM   403  C C   . VAL A 1 55  ? 8.78242   -16.75516 -0.73597  1.000 27.59411 ? 90  VAL A C   1 
ATOM   404  O O   . VAL A 1 55  ? 8.42563   -17.93892 -0.68933  1.000 29.87024 ? 90  VAL A O   1 
ATOM   405  C CB  . VAL A 1 55  ? 10.78782  -15.76014 -1.91902  1.000 28.31915 ? 90  VAL A CB  1 
ATOM   406  C CG1 . VAL A 1 55  ? 11.58787  -16.92543 -1.35887  1.000 31.38622 ? 90  VAL A CG1 1 
ATOM   407  C CG2 . VAL A 1 55  ? 11.32590  -15.34937 -3.28069  1.000 29.29269 ? 90  VAL A CG2 1 
ATOM   408  N N   . LYS A 1 56  ? 8.71134   -15.94654 0.32179   1.000 28.36084 ? 91  LYS A N   1 
ATOM   409  C CA  . LYS A 1 56  ? 8.28690   -16.43546 1.62801   1.000 26.75573 ? 91  LYS A CA  1 
ATOM   410  C C   . LYS A 1 56  ? 6.84638   -16.93196 1.59815   1.000 29.17780 ? 91  LYS A C   1 
ATOM   411  O O   . LYS A 1 56  ? 6.52750   -17.97231 2.18964   1.000 29.07908 ? 91  LYS A O   1 
ATOM   412  C CB  . LYS A 1 56  ? 8.47304   -15.32227 2.66074   1.000 30.64380 ? 91  LYS A CB  1 
ATOM   413  C CG  . LYS A 1 56  ? 7.86486   -15.57904 4.03527   1.000 37.39642 ? 91  LYS A CG  1 
ATOM   414  C CD  . LYS A 1 56  ? 8.08838   -14.37685 4.95583   1.000 44.50987 ? 91  LYS A CD  1 
ATOM   415  C CE  . LYS A 1 56  ? 7.41053   -14.55537 6.30867   1.000 52.18828 ? 91  LYS A CE  1 
ATOM   416  N NZ  . LYS A 1 56  ? 5.93151   -14.70641 6.18824   1.000 51.57145 ? 91  LYS A NZ  1 
ATOM   417  N N   . LEU A 1 57  ? 5.96449   -16.22358 0.89325   1.000 26.58240 ? 92  LEU A N   1 
ATOM   418  C CA  . LEU A 1 57  ? 4.56823   -16.64000 0.81609   1.000 24.11770 ? 92  LEU A CA  1 
ATOM   419  C C   . LEU A 1 57  ? 4.30123   -17.72705 -0.22459  1.000 28.32805 ? 92  LEU A C   1 
ATOM   420  O O   . LEU A 1 57  ? 3.13941   -18.13965 -0.36267  1.000 28.19785 ? 92  LEU A O   1 
ATOM   421  C CB  . LEU A 1 57  ? 3.66938   -15.42554 0.53856   1.000 25.21203 ? 92  LEU A CB  1 
ATOM   422  C CG  . LEU A 1 57  ? 3.71598   -14.36835 1.63723   1.000 26.85305 ? 92  LEU A CG  1 
ATOM   423  C CD1 . LEU A 1 57  ? 2.77479   -13.19952 1.31847   1.000 30.41323 ? 92  LEU A CD1 1 
ATOM   424  C CD2 . LEU A 1 57  ? 3.35896   -15.00061 2.97161   1.000 30.10595 ? 92  LEU A CD2 1 
ATOM   425  N N   . ASN A 1 58  ? 5.32502   -18.20221 -0.94535  1.000 26.56998 ? 93  ASN A N   1 
ATOM   426  C CA  . ASN A 1 58  ? 5.17184   -19.24938 -1.96528  1.000 27.74480 ? 93  ASN A CA  1 
ATOM   427  C C   . ASN A 1 58  ? 4.13554   -18.84533 -3.02457  1.000 31.20101 ? 93  ASN A C   1 
ATOM   428  O O   . ASN A 1 58  ? 3.17724   -19.57296 -3.31210  1.000 29.02359 ? 93  ASN A O   1 
ATOM   429  C CB  . ASN A 1 58  ? 4.80705   -20.59346 -1.31654  1.000 30.52086 ? 93  ASN A CB  1 
ATOM   430  C CG  . ASN A 1 58  ? 4.76198   -21.73820 -2.31656  1.000 34.31176 ? 93  ASN A CG  1 
ATOM   431  O OD1 . ASN A 1 58  ? 5.52641   -21.76419 -3.28260  1.000 37.41945 ? 93  ASN A OD1 1 
ATOM   432  N ND2 . ASN A 1 58  ? 3.84544   -22.68822 -2.09318  1.000 38.23739 ? 93  ASN A ND2 1 
ATOM   433  N N   . LEU A 1 59  ? 4.33831   -17.66487 -3.61485  1.000 25.71963 ? 94  LEU A N   1 
ATOM   434  C CA  . LEU A 1 59  ? 3.48528   -17.13588 -4.67831  1.000 27.14994 ? 94  LEU A CA  1 
ATOM   435  C C   . LEU A 1 59  ? 4.32623   -16.95620 -5.94430  1.000 26.95493 ? 94  LEU A C   1 
ATOM   436  O O   . LEU A 1 59  ? 4.61053   -15.82821 -6.36645  1.000 26.00937 ? 94  LEU A O   1 
ATOM   437  C CB  . LEU A 1 59  ? 2.83307   -15.81826 -4.24514  1.000 26.59688 ? 94  LEU A CB  1 
ATOM   438  C CG  . LEU A 1 59  ? 2.12241   -15.77997 -2.88143  1.000 24.82511 ? 94  LEU A CG  1 
ATOM   439  C CD1 . LEU A 1 59  ? 1.61226   -14.39293 -2.51415  1.000 25.16632 ? 94  LEU A CD1 1 
ATOM   440  C CD2 . LEU A 1 59  ? 0.94999   -16.75348 -2.86156  1.000 28.63706 ? 94  LEU A CD2 1 
ATOM   441  N N   . PRO A 1 60  ? 4.73879   -18.05690 -6.58464  1.000 29.22286 ? 95  PRO A N   1 
ATOM   442  C CA  . PRO A 1 60  ? 5.69424   -17.93715 -7.69923  1.000 31.82363 ? 95  PRO A CA  1 
ATOM   443  C C   . PRO A 1 60  ? 5.18956   -17.12127 -8.87831  1.000 29.14346 ? 95  PRO A C   1 
ATOM   444  O O   . PRO A 1 60  ? 6.00871   -16.65954 -9.68100  1.000 29.86155 ? 95  PRO A O   1 
ATOM   445  C CB  . PRO A 1 60  ? 5.95169   -19.40284 -8.09908  1.000 27.21788 ? 95  PRO A CB  1 
ATOM   446  C CG  . PRO A 1 60  ? 4.77134   -20.14578 -7.59097  1.000 32.24647 ? 95  PRO A CG  1 
ATOM   447  C CD  . PRO A 1 60  ? 4.38477   -19.45997 -6.31677  1.000 30.42467 ? 95  PRO A CD  1 
ATOM   448  N N   . ASP A 1 61  ? 3.88259   -16.92229 -9.02225  1.000 25.26369 ? 96  ASP A N   1 
ATOM   449  C CA  . ASP A 1 61  ? 3.36816   -16.12708 -10.13000 1.000 27.01901 ? 96  ASP A CA  1 
ATOM   450  C C   . ASP A 1 61  ? 3.01163   -14.69845 -9.74748  1.000 27.57729 ? 96  ASP A C   1 
ATOM   451  O O   . ASP A 1 61  ? 2.54270   -13.95489 -10.61788 1.000 24.63862 ? 96  ASP A O   1 
ATOM   452  C CB  . ASP A 1 61  ? 2.13108   -16.78737 -10.74522 1.000 27.95104 ? 96  ASP A CB  1 
ATOM   453  C CG  . ASP A 1 61  ? 1.04688   -17.06029 -9.72607  1.000 31.65567 ? 96  ASP A CG  1 
ATOM   454  O OD1 . ASP A 1 61  ? 1.33984   -17.07895 -8.50683  1.000 34.96066 ? 96  ASP A OD1 1 
ATOM   455  O OD2 . ASP A 1 61  ? -0.10963  -17.26196 -10.14755 1.000 32.86339 ? 96  ASP A OD2 1 
ATOM   456  N N   . TYR A 1 62  ? 3.22323   -14.29460 -8.49020  1.000 24.07537 ? 97  TYR A N   1 
ATOM   457  C CA  . TYR A 1 62  ? 2.78278   -12.96079 -8.07360  1.000 21.33907 ? 97  TYR A CA  1 
ATOM   458  C C   . TYR A 1 62  ? 3.34016   -11.88509 -8.99007  1.000 22.62611 ? 97  TYR A C   1 
ATOM   459  O O   . TYR A 1 62  ? 2.59991   -11.02274 -9.48440  1.000 22.81958 ? 97  TYR A O   1 
ATOM   460  C CB  . TYR A 1 62  ? 3.17870   -12.66113 -6.62592  1.000 19.86297 ? 97  TYR A CB  1 
ATOM   461  C CG  . TYR A 1 62  ? 2.55337   -11.34354 -6.18248  1.000 20.31035 ? 97  TYR A CG  1 
ATOM   462  C CD1 . TYR A 1 62  ? 1.23582   -11.28516 -5.76340  1.000 21.83148 ? 97  TYR A CD1 1 
ATOM   463  C CD2 . TYR A 1 62  ? 3.27447   -10.16049 -6.25115  1.000 20.63989 ? 97  TYR A CD2 1 
ATOM   464  C CE1 . TYR A 1 62  ? 0.64020   -10.07340 -5.39975  1.000 20.21850 ? 97  TYR A CE1 1 
ATOM   465  C CE2 . TYR A 1 62  ? 2.70812   -8.94766  -5.88422  1.000 20.27720 ? 97  TYR A CE2 1 
ATOM   466  C CZ  . TYR A 1 62  ? 1.39542   -8.90649  -5.47152  1.000 21.29735 ? 97  TYR A CZ  1 
ATOM   467  O OH  . TYR A 1 62  ? 0.86558   -7.69564  -5.12290  1.000 19.77130 ? 97  TYR A OH  1 
ATOM   468  N N   . TYR A 1 63  ? 4.65001   -11.89350 -9.20399  1.000 21.54318 ? 98  TYR A N   1 
ATOM   469  C CA  . TYR A 1 63  ? 5.24011   -10.83604 -10.00237 1.000 23.49347 ? 98  TYR A CA  1 
ATOM   470  C C   . TYR A 1 63  ? 5.25515   -11.16370 -11.48609 1.000 24.81583 ? 98  TYR A C   1 
ATOM   471  O O   . TYR A 1 63  ? 5.70035   -10.33382 -12.27953 1.000 26.43500 ? 98  TYR A O   1 
ATOM   472  C CB  . TYR A 1 63  ? 6.63462   -10.50770 -9.47710  1.000 23.42553 ? 98  TYR A CB  1 
ATOM   473  C CG  . TYR A 1 63  ? 6.58996   -9.84061  -8.11718  1.000 23.61983 ? 98  TYR A CG  1 
ATOM   474  C CD1 . TYR A 1 63  ? 6.14760   -8.53321  -7.98423  1.000 22.12145 ? 98  TYR A CD1 1 
ATOM   475  C CD2 . TYR A 1 63  ? 6.98204   -10.51373 -6.97334  1.000 24.50281 ? 98  TYR A CD2 1 
ATOM   476  C CE1 . TYR A 1 63  ? 6.10041   -7.90595  -6.75079  1.000 23.78833 ? 98  TYR A CE1 1 
ATOM   477  C CE2 . TYR A 1 63  ? 6.93880   -9.89384  -5.72334  1.000 25.54757 ? 98  TYR A CE2 1 
ATOM   478  C CZ  . TYR A 1 63  ? 6.50094   -8.59142  -5.61988  1.000 24.91082 ? 98  TYR A CZ  1 
ATOM   479  O OH  . TYR A 1 63  ? 6.45068   -7.95398  -4.38805  1.000 23.85644 ? 98  TYR A OH  1 
ATOM   480  N N   . LYS A 1 64  ? 4.72764   -12.32854 -11.88229 1.000 24.93092 ? 99  LYS A N   1 
ATOM   481  C CA  . LYS A 1 64  ? 4.36486   -12.55565 -13.27188 1.000 25.48720 ? 99  LYS A CA  1 
ATOM   482  C C   . LYS A 1 64  ? 3.05995   -11.86223 -13.62506 1.000 26.69724 ? 99  LYS A C   1 
ATOM   483  O O   . LYS A 1 64  ? 2.83739   -11.54438 -14.79532 1.000 28.83047 ? 99  LYS A O   1 
ATOM   484  C CB  . LYS A 1 64  ? 4.24823   -14.05819 -13.55779 1.000 28.96489 ? 99  LYS A CB  1 
ATOM   485  C CG  . LYS A 1 64  ? 5.52326   -14.83607 -13.22934 1.000 30.71754 ? 99  LYS A CG  1 
ATOM   486  C CD  . LYS A 1 64  ? 5.41139   -16.31513 -13.59767 1.000 36.64143 ? 99  LYS A CD  1 
ATOM   487  C CE  . LYS A 1 64  ? 6.73926   -17.02382 -13.34650 1.000 41.65147 ? 99  LYS A CE  1 
ATOM   488  N NZ  . LYS A 1 64  ? 6.65607   -18.48932 -13.61267 1.000 45.02699 ? 99  LYS A NZ  1 
ATOM   489  N N   . ILE A 1 65  ? 2.22103   -11.58629 -12.62950 1.000 25.81219 ? 100 ILE A N   1 
ATOM   490  C CA  . ILE A 1 65  ? 0.93874   -10.92691 -12.83324 1.000 24.16867 ? 100 ILE A CA  1 
ATOM   491  C C   . ILE A 1 65  ? 0.98265   -9.45898  -12.42011 1.000 23.62779 ? 100 ILE A C   1 
ATOM   492  O O   . ILE A 1 65  ? 0.39548   -8.60861  -13.08980 1.000 25.65321 ? 100 ILE A O   1 
ATOM   493  C CB  . ILE A 1 65  ? -0.15638  -11.69897 -12.06210 1.000 23.43292 ? 100 ILE A CB  1 
ATOM   494  C CG1 . ILE A 1 65  ? -0.31599  -13.10395 -12.65247 1.000 24.07165 ? 100 ILE A CG1 1 
ATOM   495  C CG2 . ILE A 1 65  ? -1.49980  -10.95891 -12.08078 1.000 27.72151 ? 100 ILE A CG2 1 
ATOM   496  C CD1 . ILE A 1 65  ? -0.85048  -14.10622 -11.67315 1.000 25.05815 ? 100 ILE A CD1 1 
ATOM   497  N N   . ILE A 1 66  ? 1.64726   -9.14505  -11.31533 1.000 19.14030 ? 101 ILE A N   1 
ATOM   498  C CA  . ILE A 1 66  ? 1.65399   -7.79380  -10.75791 1.000 20.03224 ? 101 ILE A CA  1 
ATOM   499  C C   . ILE A 1 66  ? 2.94961   -7.10922  -11.17150 1.000 21.29967 ? 101 ILE A C   1 
ATOM   500  O O   . ILE A 1 66  ? 4.02272   -7.43057  -10.65409 1.000 22.27881 ? 101 ILE A O   1 
ATOM   501  C CB  . ILE A 1 66  ? 1.49611   -7.81158  -9.23375  1.000 19.54054 ? 101 ILE A CB  1 
ATOM   502  C CG1 . ILE A 1 66  ? 0.14772   -8.45235  -8.86173  1.000 20.44084 ? 101 ILE A CG1 1 
ATOM   503  C CG2 . ILE A 1 66  ? 1.58558   -6.37182  -8.67559  1.000 21.28647 ? 101 ILE A CG2 1 
ATOM   504  C CD1 . ILE A 1 66  ? -1.03889  -7.81961  -9.53040  1.000 20.05231 ? 101 ILE A CD1 1 
ATOM   505  N N   . LYS A 1 67  ? 2.86183   -6.19161  -12.12620 1.000 20.34551 ? 102 LYS A N   1 
ATOM   506  C CA  . LYS A 1 67  ? 4.03882   -5.47892  -12.61864 1.000 21.24373 ? 102 LYS A CA  1 
ATOM   507  C C   . LYS A 1 67  ? 4.22458   -4.11235  -11.97138 1.000 21.10897 ? 102 LYS A C   1 
ATOM   508  O O   . LYS A 1 67  ? 5.23886   -3.45234  -12.22109 1.000 22.63852 ? 102 LYS A O   1 
ATOM   509  C CB  . LYS A 1 67  ? 3.94965   -5.30966  -14.13690 1.000 22.75157 ? 102 LYS A CB  1 
ATOM   510  C CG  . LYS A 1 67  ? 3.78009   -6.61702  -14.86867 1.000 21.82956 ? 102 LYS A CG  1 
ATOM   511  C CD  . LYS A 1 67  ? 4.89311   -7.59007  -14.51412 1.000 22.39200 ? 102 LYS A CD  1 
ATOM   512  C CE  . LYS A 1 67  ? 4.80436   -8.84289  -15.38375 1.000 29.41754 ? 102 LYS A CE  1 
ATOM   513  N NZ  . LYS A 1 67  ? 5.96167   -9.77413  -15.11858 1.000 26.56843 ? 102 LYS A NZ  1 
ATOM   514  N N   . THR A 1 68  ? 3.27531   -3.65914  -11.15967 1.000 20.35889 ? 103 THR A N   1 
ATOM   515  C CA  . THR A 1 68  ? 3.37894   -2.37520  -10.47533 1.000 22.68568 ? 103 THR A CA  1 
ATOM   516  C C   . THR A 1 68  ? 3.12228   -2.57508  -8.98828  1.000 22.77528 ? 103 THR A C   1 
ATOM   517  O O   . THR A 1 68  ? 2.13410   -2.06620  -8.45054  1.000 22.14791 ? 103 THR A O   1 
ATOM   518  C CB  . THR A 1 68  ? 2.39225   -1.37438  -11.07383 1.000 29.52475 ? 103 THR A CB  1 
ATOM   519  O OG1 . THR A 1 68  ? 1.08930   -1.96114  -11.06502 1.000 41.77033 ? 103 THR A OG1 1 
ATOM   520  C CG2 . THR A 1 68  ? 2.76710   -1.04430  -12.51285 1.000 25.70177 ? 103 THR A CG2 1 
ATOM   521  N N   . PRO A 1 69  ? 4.00144   -3.29492  -8.28883  1.000 19.83669 ? 104 PRO A N   1 
ATOM   522  C CA  . PRO A 1 69  ? 3.76769   -3.54632  -6.85934  1.000 21.61629 ? 104 PRO A CA  1 
ATOM   523  C C   . PRO A 1 69  ? 3.79651   -2.25351  -6.06296  1.000 20.63021 ? 104 PRO A C   1 
ATOM   524  O O   . PRO A 1 69  ? 4.51999   -1.31782  -6.39785  1.000 21.64855 ? 104 PRO A O   1 
ATOM   525  C CB  . PRO A 1 69  ? 4.92931   -4.46484  -6.45995  1.000 21.67613 ? 104 PRO A CB  1 
ATOM   526  C CG  . PRO A 1 69  ? 5.97839   -4.19395  -7.48364  1.000 20.96916 ? 104 PRO A CG  1 
ATOM   527  C CD  . PRO A 1 69  ? 5.25727   -3.91217  -8.75205  1.000 22.51138 ? 104 PRO A CD  1 
ATOM   528  N N   . MET A 1 70  ? 3.02296   -2.23105  -4.97979  1.000 20.85333 ? 105 MET A N   1 
ATOM   529  C CA  . MET A 1 70  ? 3.00288   -1.08493  -4.08187  1.000 19.32972 ? 105 MET A CA  1 
ATOM   530  C C   . MET A 1 70  ? 2.50037   -1.57231  -2.72753  1.000 20.74792 ? 105 MET A C   1 
ATOM   531  O O   . MET A 1 70  ? 1.71240   -2.52324  -2.64488  1.000 21.18746 ? 105 MET A O   1 
ATOM   532  C CB  . MET A 1 70  ? 2.12477   0.03652   -4.64519  1.000 20.43363 ? 105 MET A CB  1 
ATOM   533  C CG  . MET A 1 70  ? 2.19082   1.37153   -3.90817  1.000 22.46881 ? 105 MET A CG  1 
ATOM   534  S SD  . MET A 1 70  ? 3.85909   1.96406   -3.53679  1.000 20.59633 ? 105 MET A SD  1 
ATOM   535  C CE  . MET A 1 70  ? 4.55311   2.18696   -5.17481  1.000 23.85564 ? 105 MET A CE  1 
ATOM   536  N N   . ASP A 1 71  ? 3.01202   -0.95618  -1.66879  1.000 20.35742 ? 106 ASP A N   1 
ATOM   537  C CA  . ASP A 1 71  ? 2.64463   -1.34256  -0.31201  1.000 18.54131 ? 106 ASP A CA  1 
ATOM   538  C C   . ASP A 1 71  ? 2.71974   -0.10802  0.57374   1.000 18.80140 ? 106 ASP A C   1 
ATOM   539  O O   . ASP A 1 71  ? 3.30487   0.91328   0.19811   1.000 18.39445 ? 106 ASP A O   1 
ATOM   540  C CB  . ASP A 1 71  ? 3.57958   -2.42596  0.21061   1.000 21.39174 ? 106 ASP A CB  1 
ATOM   541  C CG  . ASP A 1 71  ? 4.99377   -1.91921  0.32720   1.000 21.87555 ? 106 ASP A CG  1 
ATOM   542  O OD1 . ASP A 1 71  ? 5.69542   -1.84959  -0.71494  1.000 21.84450 ? 106 ASP A OD1 1 
ATOM   543  O OD2 . ASP A 1 71  ? 5.37946   -1.52899  1.45334   1.000 23.25239 ? 106 ASP A OD2 1 
ATOM   544  N N   . MET A 1 72  ? 2.15947   -0.21808  1.78318   1.000 18.65241 ? 107 MET A N   1 
ATOM   545  C CA  . MET A 1 72  ? 2.10477   0.95926   2.64461   1.000 20.38578 ? 107 MET A CA  1 
ATOM   546  C C   . MET A 1 72  ? 3.45501   1.29776   3.25610   1.000 18.87281 ? 107 MET A C   1 
ATOM   547  O O   . MET A 1 72  ? 3.66822   2.44628   3.64735   1.000 19.16845 ? 107 MET A O   1 
ATOM   548  C CB  . MET A 1 72  ? 1.08095   0.76260   3.76356   1.000 21.68099 ? 107 MET A CB  1 
ATOM   549  C CG  . MET A 1 72  ? -0.33624  0.62405   3.26536   1.000 23.04184 ? 107 MET A CG  1 
ATOM   550  S SD  . MET A 1 72  ? -1.47295  1.15472   4.55559   1.000 26.62049 ? 107 MET A SD  1 
ATOM   551  C CE  . MET A 1 72  ? -1.19537  -0.17694  5.70709   1.000 22.37189 ? 107 MET A CE  1 
ATOM   552  N N   . GLY A 1 73  ? 4.35728   0.32361   3.37701   1.000 18.83475 ? 108 GLY A N   1 
ATOM   553  C CA  . GLY A 1 73  ? 5.68568   0.63803   3.85957   1.000 20.02534 ? 108 GLY A CA  1 
ATOM   554  C C   . GLY A 1 73  ? 6.42138   1.54357   2.89248   1.000 21.04556 ? 108 GLY A C   1 
ATOM   555  O O   . GLY A 1 73  ? 7.07081   2.51102   3.29312   1.000 21.44140 ? 108 GLY A O   1 
ATOM   556  N N   . THR A 1 74  ? 6.30342   1.24745   1.60227   1.000 17.14075 ? 109 THR A N   1 
ATOM   557  C CA  . THR A 1 74  ? 6.85217   2.10456   0.56572   1.000 17.75351 ? 109 THR A CA  1 
ATOM   558  C C   . THR A 1 74  ? 6.20499   3.48536   0.58367   1.000 20.60261 ? 109 THR A C   1 
ATOM   559  O O   . THR A 1 74  ? 6.89222   4.51501   0.48056   1.000 19.80122 ? 109 THR A O   1 
ATOM   560  C CB  . THR A 1 74  ? 6.65018   1.43726   -0.78764  1.000 19.05664 ? 109 THR A CB  1 
ATOM   561  O OG1 . THR A 1 74  ? 7.36487   0.18716   -0.81173  1.000 21.94889 ? 109 THR A OG1 1 
ATOM   562  C CG2 . THR A 1 74  ? 7.10930   2.35934   -1.91253  1.000 20.25585 ? 109 THR A CG2 1 
ATOM   563  N N   . ILE A 1 75  ? 4.87491   3.53140   0.69091   1.000 18.43161 ? 110 ILE A N   1 
ATOM   564  C CA  . ILE A 1 75  ? 4.20537   4.83001   0.65937   1.000 17.79906 ? 110 ILE A CA  1 
ATOM   565  C C   . ILE A 1 75  ? 4.65279   5.68469   1.83499   1.000 19.05897 ? 110 ILE A C   1 
ATOM   566  O O   . ILE A 1 75  ? 4.94043   6.88602   1.68862   1.000 20.39843 ? 110 ILE A O   1 
ATOM   567  C CB  . ILE A 1 75  ? 2.68223   4.63769   0.66488   1.000 16.54170 ? 110 ILE A CB  1 
ATOM   568  C CG1 . ILE A 1 75  ? 2.22581   3.88087   -0.58354  1.000 18.37649 ? 110 ILE A CG1 1 
ATOM   569  C CG2 . ILE A 1 75  ? 1.99922   5.97208   0.76309   1.000 19.62509 ? 110 ILE A CG2 1 
ATOM   570  C CD1 . ILE A 1 75  ? 0.75663   3.48271   -0.52595  1.000 19.06245 ? 110 ILE A CD1 1 
ATOM   571  N N   . LYS A 1 76  ? 4.71469   5.08127   3.02216   1.000 19.87268 ? 111 LYS A N   1 
ATOM   572  C CA  . LYS A 1 76  ? 5.18713   5.78640   4.20730   1.000 19.82869 ? 111 LYS A CA  1 
ATOM   573  C C   . LYS A 1 76  ? 6.57860   6.36338   3.99662   1.000 20.70538 ? 111 LYS A C   1 
ATOM   574  O O   . LYS A 1 76  ? 6.83017   7.54150   4.29022   1.000 22.21388 ? 111 LYS A O   1 
ATOM   575  C CB  . LYS A 1 76  ? 5.18781   4.83847   5.40657   1.000 24.85370 ? 111 LYS A CB  1 
ATOM   576  C CG  . LYS A 1 76  ? 5.65589   5.51971   6.68968   1.000 27.40934 ? 111 LYS A CG  1 
ATOM   577  C CD  . LYS A 1 76  ? 5.70464   4.51656   7.82212   1.000 28.14262 ? 111 LYS A CD  1 
ATOM   578  C CE  . LYS A 1 76  ? 6.95322   3.66211   7.71410   1.000 32.68004 ? 111 LYS A CE  1 
ATOM   579  N NZ  . LYS A 1 76  ? 8.15081   4.45295   8.12758   1.000 30.47834 ? 111 LYS A NZ  1 
ATOM   580  N N   . LYS A 1 77  ? 7.50290   5.54778   3.48749   1.000 19.51615 ? 112 LYS A N   1 
ATOM   581  C CA  . LYS A 1 77  ? 8.86958   6.02691   3.31638   1.000 21.17498 ? 112 LYS A CA  1 
ATOM   582  C C   . LYS A 1 77  ? 8.96155   7.07634   2.22019   1.000 24.03365 ? 112 LYS A C   1 
ATOM   583  O O   . LYS A 1 77  ? 9.77142   8.01535   2.31987   1.000 21.80971 ? 112 LYS A O   1 
ATOM   584  C CB  . LYS A 1 77  ? 9.79695   4.86082   3.02408   1.000 20.88612 ? 112 LYS A CB  1 
ATOM   585  C CG  . LYS A 1 77  ? 9.98700   3.98558   4.24039   1.000 25.74009 ? 112 LYS A CG  1 
ATOM   586  C CD  . LYS A 1 77  ? 10.70017  2.69771   3.91153   1.000 28.74118 ? 112 LYS A CD  1 
ATOM   587  C CE  . LYS A 1 77  ? 12.07694  2.94122   3.36724   1.000 35.25653 ? 112 LYS A CE  1 
ATOM   588  N NZ  . LYS A 1 77  ? 12.74804  1.63223   3.08088   1.000 42.14944 ? 112 LYS A NZ  1 
ATOM   589  N N   . ARG A 1 78  ? 8.13678   6.94598   1.18183   1.000 20.05760 ? 113 ARG A N   1 
ATOM   590  C CA  . ARG A 1 78  ? 8.06691   7.99043   0.16487   1.000 19.28932 ? 113 ARG A CA  1 
ATOM   591  C C   . ARG A 1 78  ? 7.59170   9.30770   0.76093   1.000 21.15204 ? 113 ARG A C   1 
ATOM   592  O O   . ARG A 1 78  ? 8.16528   10.37021  0.47413   1.000 23.88603 ? 113 ARG A O   1 
ATOM   593  C CB  . ARG A 1 78  ? 7.15254   7.54294   -0.98014  1.000 20.41595 ? 113 ARG A CB  1 
ATOM   594  C CG  . ARG A 1 78  ? 7.82705   6.54786   -1.91373  1.000 19.10838 ? 113 ARG A CG  1 
ATOM   595  C CD  . ARG A 1 78  ? 6.91212   6.04945   -3.03887  1.000 19.25404 ? 113 ARG A CD  1 
ATOM   596  N NE  . ARG A 1 78  ? 7.72510   5.30127   -3.99030  1.000 20.81824 ? 113 ARG A NE  1 
ATOM   597  C CZ  . ARG A 1 78  ? 7.36696   4.98111   -5.23120  1.000 20.87990 ? 113 ARG A CZ  1 
ATOM   598  N NH1 . ARG A 1 78  ? 6.16755   5.29922   -5.69851  1.000 20.62320 ? 113 ARG A NH1 1 
ATOM   599  N NH2 . ARG A 1 78  ? 8.22786   4.33601   -6.01251  1.000 22.60942 ? 113 ARG A NH2 1 
ATOM   600  N N   . LEU A 1 79  ? 6.54802   9.27106   1.58972   1.000 21.37589 ? 114 LEU A N   1 
ATOM   601  C CA  . LEU A 1 79  ? 6.09895   10.50221  2.24030   1.000 22.58469 ? 114 LEU A CA  1 
ATOM   602  C C   . LEU A 1 79  ? 7.19011   11.07473  3.13740   1.000 24.19704 ? 114 LEU A C   1 
ATOM   603  O O   . LEU A 1 79  ? 7.45500   12.28479  3.11835   1.000 24.44629 ? 114 LEU A O   1 
ATOM   604  C CB  . LEU A 1 79  ? 4.82907   10.23777  3.03915   1.000 20.15148 ? 114 LEU A CB  1 
ATOM   605  C CG  . LEU A 1 79  ? 3.54025   10.07034  2.22993   1.000 20.94403 ? 114 LEU A CG  1 
ATOM   606  C CD1 . LEU A 1 79  ? 2.47071   9.37215   3.04634   1.000 19.58496 ? 114 LEU A CD1 1 
ATOM   607  C CD2 . LEU A 1 79  ? 3.04892   11.45119  1.79542   1.000 21.50216 ? 114 LEU A CD2 1 
ATOM   608  N N   . GLU A 1 80  ? 7.84913   10.21400  3.91336   1.000 24.19747 ? 115 GLU A N   1 
ATOM   609  C CA  . GLU A 1 80  ? 8.90583   10.66185  4.82002   1.000 24.86854 ? 115 GLU A CA  1 
ATOM   610  C C   . GLU A 1 80  ? 10.12214  11.21504  4.07987   1.000 25.52642 ? 115 GLU A C   1 
ATOM   611  O O   . GLU A 1 80  ? 10.85297  12.05336  4.63177   1.000 26.44553 ? 115 GLU A O   1 
ATOM   612  C CB  . GLU A 1 80  ? 9.30304   9.49928   5.72841   1.000 25.96084 ? 115 GLU A CB  1 
ATOM   613  C CG  . GLU A 1 80  ? 8.28606   9.28608   6.82912   1.000 26.34578 ? 115 GLU A CG  1 
ATOM   614  C CD  . GLU A 1 80  ? 8.23166   7.87807   7.39493   1.000 28.76023 ? 115 GLU A CD  1 
ATOM   615  O OE1 . GLU A 1 80  ? 8.87854   6.95761   6.84254   1.000 31.02325 ? 115 GLU A OE1 1 
ATOM   616  O OE2 . GLU A 1 80  ? 7.52217   7.70269   8.40489   1.000 32.44286 ? 115 GLU A OE2 1 
ATOM   617  N N   . ASN A 1 81  ? 10.36715  10.76871  2.85026   1.000 24.48730 ? 116 ASN A N   1 
ATOM   618  C CA  . ASN A 1 81  ? 11.47289  11.25612  2.03068   1.000 24.40747 ? 116 ASN A CA  1 
ATOM   619  C C   . ASN A 1 81  ? 11.07094  12.38511  1.09616   1.000 24.31417 ? 116 ASN A C   1 
ATOM   620  O O   . ASN A 1 81  ? 11.87398  12.77434  0.23513   1.000 26.03069 ? 116 ASN A O   1 
ATOM   621  C CB  . ASN A 1 81  ? 12.05701  10.13662  1.17531   1.000 22.51611 ? 116 ASN A CB  1 
ATOM   622  C CG  . ASN A 1 81  ? 13.04513  9.26925   1.92193   1.000 26.70105 ? 116 ASN A CG  1 
ATOM   623  O OD1 . ASN A 1 81  ? 14.18145  9.67349   2.17952   1.000 28.45768 ? 116 ASN A OD1 1 
ATOM   624  N ND2 . ASN A 1 81  ? 12.63424  8.05671   2.23605   1.000 24.41052 ? 116 ASN A ND2 1 
ATOM   625  N N   . ASN A 1 82  ? 9.85533   12.91173  1.23900   1.000 24.09528 ? 117 ASN A N   1 
ATOM   626  C CA  . ASN A 1 82  ? 9.32150   13.93678  0.33876   1.000 22.90081 ? 117 ASN A CA  1 
ATOM   627  C C   . ASN A 1 82  ? 9.46195   13.51098  -1.11027  1.000 23.09481 ? 117 ASN A C   1 
ATOM   628  O O   . ASN A 1 82  ? 9.77967   14.31039  -1.98851  1.000 25.75738 ? 117 ASN A O   1 
ATOM   629  C CB  . ASN A 1 82  ? 9.98951   15.29197  0.55974   1.000 26.97020 ? 117 ASN A CB  1 
ATOM   630  C CG  . ASN A 1 82  ? 9.97921   15.69347  1.99929   1.000 26.90934 ? 117 ASN A CG  1 
ATOM   631  O OD1 . ASN A 1 82  ? 10.98467  15.55218  2.69604   1.000 36.16060 ? 117 ASN A OD1 1 
ATOM   632  N ND2 . ASN A 1 82  ? 8.84981   16.18466  2.46449   1.000 31.51895 ? 117 ASN A ND2 1 
ATOM   633  N N   . TYR A 1 83  ? 9.20753   12.22462  -1.36011  1.000 19.93721 ? 118 TYR A N   1 
ATOM   634  C CA  . TYR A 1 83  ? 9.30109   11.69770  -2.70985  1.000 21.51508 ? 118 TYR A CA  1 
ATOM   635  C C   . TYR A 1 83  ? 8.17622   12.21163  -3.58826  1.000 22.94977 ? 118 TYR A C   1 
ATOM   636  O O   . TYR A 1 83  ? 8.34512   12.32385  -4.80863  1.000 25.27333 ? 118 TYR A O   1 
ATOM   637  C CB  . TYR A 1 83  ? 9.26767   10.17566  -2.62584  1.000 21.17558 ? 118 TYR A CB  1 
ATOM   638  C CG  . TYR A 1 83  ? 9.50076   9.38239   -3.88779  1.000 23.82131 ? 118 TYR A CG  1 
ATOM   639  C CD1 . TYR A 1 83  ? 10.77865  8.93411   -4.21522  1.000 27.16336 ? 118 TYR A CD1 1 
ATOM   640  C CD2 . TYR A 1 83  ? 8.43524   8.97543   -4.69371  1.000 25.14677 ? 118 TYR A CD2 1 
ATOM   641  C CE1 . TYR A 1 83  ? 10.99682  8.15519   -5.33305  1.000 29.10030 ? 118 TYR A CE1 1 
ATOM   642  C CE2 . TYR A 1 83  ? 8.64944   8.19615   -5.82887  1.000 24.82550 ? 118 TYR A CE2 1 
ATOM   643  C CZ  . TYR A 1 83  ? 9.94143   7.78273   -6.12864  1.000 30.83572 ? 118 TYR A CZ  1 
ATOM   644  O OH  . TYR A 1 83  ? 10.19085  7.01096   -7.23934  1.000 35.23395 ? 118 TYR A OH  1 
ATOM   645  N N   . TYR A 1 84  ? 7.01855   12.49898  -2.99618  1.000 21.20587 ? 119 TYR A N   1 
ATOM   646  C CA  . TYR A 1 84  ? 5.85921   12.93405  -3.75198  1.000 20.59675 ? 119 TYR A CA  1 
ATOM   647  C C   . TYR A 1 84  ? 5.80785   14.45136  -3.77714  1.000 21.89256 ? 119 TYR A C   1 
ATOM   648  O O   . TYR A 1 84  ? 5.92119   15.09036  -2.73141  1.000 22.90245 ? 119 TYR A O   1 
ATOM   649  C CB  . TYR A 1 84  ? 4.55620   12.44229  -3.12735  1.000 19.73895 ? 119 TYR A CB  1 
ATOM   650  C CG  . TYR A 1 84  ? 4.39515   10.96208  -2.92838  1.000 21.49171 ? 119 TYR A CG  1 
ATOM   651  C CD1 . TYR A 1 84  ? 4.35589   10.08844  -4.00235  1.000 22.90433 ? 119 TYR A CD1 1 
ATOM   652  C CD2 . TYR A 1 84  ? 4.19739   10.45203  -1.66023  1.000 22.73407 ? 119 TYR A CD2 1 
ATOM   653  C CE1 . TYR A 1 84  ? 4.15994   8.72201   -3.80352  1.000 18.80796 ? 119 TYR A CE1 1 
ATOM   654  C CE2 . TYR A 1 84  ? 4.00516   9.09978   -1.45265  1.000 19.62111 ? 119 TYR A CE2 1 
ATOM   655  C CZ  . TYR A 1 84  ? 3.98623   8.24554   -2.52744  1.000 19.32832 ? 119 TYR A CZ  1 
ATOM   656  O OH  . TYR A 1 84  ? 3.77203   6.89514   -2.31178  1.000 21.27675 ? 119 TYR A OH  1 
ATOM   657  N N   . TRP A 1 85  ? 5.59758   15.01127  -4.96107  1.000 24.27462 ? 120 TRP A N   1 
ATOM   658  C CA  . TRP A 1 85  ? 5.36820   16.44603  -5.11443  1.000 20.98870 ? 120 TRP A CA  1 
ATOM   659  C C   . TRP A 1 85  ? 3.88849   16.79798  -5.04789  1.000 22.44580 ? 120 TRP A C   1 
ATOM   660  O O   . TRP A 1 85  ? 3.51832   17.81923  -4.44682  1.000 23.14261 ? 120 TRP A O   1 
ATOM   661  C CB  . TRP A 1 85  ? 5.95346   16.90476  -6.44348  1.000 23.11527 ? 120 TRP A CB  1 
ATOM   662  C CG  . TRP A 1 85  ? 5.94202   18.41140  -6.68786  1.000 21.56488 ? 120 TRP A CG  1 
ATOM   663  C CD1 . TRP A 1 85  ? 4.99863   19.11081  -7.38624  1.000 23.95692 ? 120 TRP A CD1 1 
ATOM   664  C CD2 . TRP A 1 85  ? 6.91815   19.37951  -6.24905  1.000 21.67802 ? 120 TRP A CD2 1 
ATOM   665  N NE1 . TRP A 1 85  ? 5.33417   20.45023  -7.41948  1.000 20.87786 ? 120 TRP A NE1 1 
ATOM   666  C CE2 . TRP A 1 85  ? 6.51381   20.63362  -6.74201  1.000 23.54196 ? 120 TRP A CE2 1 
ATOM   667  C CE3 . TRP A 1 85  ? 8.10880   19.29723  -5.51329  1.000 23.37049 ? 120 TRP A CE3 1 
ATOM   668  C CZ2 . TRP A 1 85  ? 7.24021   21.80537  -6.49585  1.000 21.91676 ? 120 TRP A CZ2 1 
ATOM   669  C CZ3 . TRP A 1 85  ? 8.83261   20.46920  -5.27370  1.000 24.70421 ? 120 TRP A CZ3 1 
ATOM   670  C CH2 . TRP A 1 85  ? 8.38771   21.70243  -5.75718  1.000 23.49096 ? 120 TRP A CH2 1 
ATOM   671  N N   . ASN A 1 86  ? 3.04117   15.96325  -5.65270  1.000 23.17781 ? 121 ASN A N   1 
ATOM   672  C CA  . ASN A 1 86  ? 1.59687   16.16356  -5.68774  1.000 22.40783 ? 121 ASN A CA  1 
ATOM   673  C C   . ASN A 1 86  ? 0.91933   15.10008  -4.83961  1.000 24.74419 ? 121 ASN A C   1 
ATOM   674  O O   . ASN A 1 86  ? 1.29721   13.92605  -4.89156  1.000 23.00534 ? 121 ASN A O   1 
ATOM   675  C CB  . ASN A 1 86  ? 1.04731   16.08194  -7.11687  1.000 24.14425 ? 121 ASN A CB  1 
ATOM   676  C CG  . ASN A 1 86  ? 1.45109   17.26065  -7.96443  1.000 26.31291 ? 121 ASN A CG  1 
ATOM   677  O OD1 . ASN A 1 86  ? 1.66768   18.34791  -7.45194  1.000 24.94094 ? 121 ASN A OD1 1 
ATOM   678  N ND2 . ASN A 1 86  ? 1.53094   17.05564  -9.26945  1.000 24.83852 ? 121 ASN A ND2 1 
ATOM   679  N N   . ALA A 1 87  ? -0.08606  15.51487  -4.06680  1.000 24.03282 ? 122 ALA A N   1 
ATOM   680  C CA  . ALA A 1 87  ? -0.86360  14.55243  -3.28657  1.000 23.11541 ? 122 ALA A CA  1 
ATOM   681  C C   . ALA A 1 87  ? -1.45456  13.45103  -4.15944  1.000 24.62377 ? 122 ALA A C   1 
ATOM   682  O O   . ALA A 1 87  ? -1.61504  12.31705  -3.69655  1.000 24.76466 ? 122 ALA A O   1 
ATOM   683  C CB  . ALA A 1 87  ? -1.97725  15.27401  -2.52262  1.000 26.80527 ? 122 ALA A CB  1 
ATOM   684  N N   . GLN A 1 88  ? -1.77771  13.74718  -5.42326  1.000 22.28266 ? 123 GLN A N   1 
ATOM   685  C CA  . GLN A 1 88  ? -2.41103  12.73052  -6.25826  1.000 23.58264 ? 123 GLN A CA  1 
ATOM   686  C C   . GLN A 1 88  ? -1.45907  11.58304  -6.57767  1.000 22.42926 ? 123 GLN A C   1 
ATOM   687  O O   . GLN A 1 88  ? -1.91767  10.46138  -6.84520  1.000 23.46835 ? 123 GLN A O   1 
ATOM   688  C CB  . GLN A 1 88  ? -2.94012  13.35928  -7.54551  1.000 32.46378 ? 123 GLN A CB  1 
ATOM   689  C CG  . GLN A 1 88  ? -3.97693  14.43748  -7.29047  1.000 38.42172 ? 123 GLN A CG  1 
ATOM   690  C CD  . GLN A 1 88  ? -5.19899  13.92697  -6.54761  1.000 42.62658 ? 123 GLN A CD  1 
ATOM   691  O OE1 . GLN A 1 88  ? -5.67183  12.80660  -6.78695  1.000 46.45610 ? 123 GLN A OE1 1 
ATOM   692  N NE2 . GLN A 1 88  ? -5.72473  14.75251  -5.63558  1.000 48.87378 ? 123 GLN A NE2 1 
ATOM   693  N N   . GLU A 1 89  ? -0.14699  11.84301  -6.54437  1.000 21.62481 ? 124 GLU A N   1 
ATOM   694  C CA  . GLU A 1 89  ? 0.83651   10.77364  -6.69557  1.000 20.57332 ? 124 GLU A CA  1 
ATOM   695  C C   . GLU A 1 89  ? 0.71101   9.75732   -5.57202  1.000 21.79934 ? 124 GLU A C   1 
ATOM   696  O O   . GLU A 1 89  ? 0.79314   8.54420   -5.79628  1.000 22.77125 ? 124 GLU A O   1 
ATOM   697  C CB  . GLU A 1 89  ? 2.25295   11.35114  -6.69371  1.000 21.62490 ? 124 GLU A CB  1 
ATOM   698  C CG  . GLU A 1 89  ? 2.57340   12.32334  -7.79997  1.000 22.29474 ? 124 GLU A CG  1 
ATOM   699  C CD  . GLU A 1 89  ? 3.98497   12.88395  -7.64124  1.000 29.44272 ? 124 GLU A CD  1 
ATOM   700  O OE1 . GLU A 1 89  ? 4.91783   12.35017  -8.28177  1.000 34.89528 ? 124 GLU A OE1 1 
ATOM   701  O OE2 . GLU A 1 89  ? 4.17146   13.82570  -6.84118  1.000 25.90571 ? 124 GLU A OE2 1 
ATOM   702  N N   . CYS A 1 90  ? 0.56034   10.24382  -4.35052  1.000 18.99564 ? 125 CYS A N   1 
ATOM   703  C CA  . CYS A 1 90  ? 0.42056   9.36222   -3.20288  1.000 21.17112 ? 125 CYS A CA  1 
ATOM   704  C C   . CYS A 1 90  ? -0.89368  8.60007   -3.25129  1.000 21.42658 ? 125 CYS A C   1 
ATOM   705  O O   . CYS A 1 90  ? -0.92705  7.38133   -3.05768  1.000 20.93202 ? 125 CYS A O   1 
ATOM   706  C CB  . CYS A 1 90  ? 0.52840   10.19032  -1.93331  1.000 20.51580 ? 125 CYS A CB  1 
ATOM   707  S SG  . CYS A 1 90  ? 0.24742   9.25625   -0.43380  1.000 23.07161 ? 125 CYS A SG  1 
ATOM   708  N N   . ILE A 1 91  ? -1.98935  9.30227   -3.52663  1.000 18.94178 ? 126 ILE A N   1 
ATOM   709  C CA  . ILE A 1 91  ? -3.28368  8.64692   -3.64181  1.000 20.04481 ? 126 ILE A CA  1 
ATOM   710  C C   . ILE A 1 91  ? -3.23935  7.54957   -4.69784  1.000 21.60521 ? 126 ILE A C   1 
ATOM   711  O O   . ILE A 1 91  ? -3.76752  6.45187   -4.48878  1.000 19.79901 ? 126 ILE A O   1 
ATOM   712  C CB  . ILE A 1 91  ? -4.37210  9.69965   -3.92557  1.000 23.06074 ? 126 ILE A CB  1 
ATOM   713  C CG1 . ILE A 1 91  ? -4.50822  10.59758  -2.69131  1.000 25.02235 ? 126 ILE A CG1 1 
ATOM   714  C CG2 . ILE A 1 91  ? -5.70841  9.01959   -4.25087  1.000 23.32904 ? 126 ILE A CG2 1 
ATOM   715  C CD1 . ILE A 1 91  ? -5.36796  11.85325  -2.89079  1.000 25.64529 ? 126 ILE A CD1 1 
ATOM   716  N N   . GLN A 1 92  ? -2.58346  7.81104   -5.83155  1.000 19.95946 ? 127 GLN A N   1 
ATOM   717  C CA  . GLN A 1 92  ? -2.46640  6.78783   -6.86391  1.000 19.60672 ? 127 GLN A CA  1 
ATOM   718  C C   . GLN A 1 92  ? -1.73064  5.54343   -6.36066  1.000 22.14348 ? 127 GLN A C   1 
ATOM   719  O O   . GLN A 1 92  ? -2.10257  4.41345   -6.71012  1.000 22.18847 ? 127 GLN A O   1 
ATOM   720  C CB  . GLN A 1 92  ? -1.77877  7.35912   -8.10240  1.000 24.62656 ? 127 GLN A CB  1 
ATOM   721  C CG  . GLN A 1 92  ? -1.55292  6.32027   -9.20750  1.000 31.88733 ? 127 GLN A CG  1 
ATOM   722  C CD  . GLN A 1 92  ? -2.86497  5.73074   -9.72408  1.000 36.42974 ? 127 GLN A CD  1 
ATOM   723  O OE1 . GLN A 1 92  ? -3.73953  6.46326   -10.19626 1.000 43.20526 ? 127 GLN A OE1 1 
ATOM   724  N NE2 . GLN A 1 92  ? -3.02040  4.41042   -9.60753  1.000 36.55765 ? 127 GLN A NE2 1 
ATOM   725  N N   . ASP A 1 93  ? -0.69154  5.71924   -5.54095  1.000 19.15688 ? 128 ASP A N   1 
ATOM   726  C CA  . ASP A 1 93  ? 0.00902   4.55614   -4.99804  1.000 20.22093 ? 128 ASP A CA  1 
ATOM   727  C C   . ASP A 1 93  ? -0.89771  3.72923   -4.09125  1.000 18.37211 ? 128 ASP A C   1 
ATOM   728  O O   . ASP A 1 93  ? -0.87839  2.49139   -4.14590  1.000 18.82783 ? 128 ASP A O   1 
ATOM   729  C CB  . ASP A 1 93  ? 1.25871   4.99082   -4.23507  1.000 21.25535 ? 128 ASP A CB  1 
ATOM   730  C CG  . ASP A 1 93  ? 2.45394   5.22162   -5.14437  1.000 25.83730 ? 128 ASP A CG  1 
ATOM   731  O OD1 . ASP A 1 93  ? 2.36892   4.88703   -6.34522  1.000 24.66733 ? 128 ASP A OD1 1 
ATOM   732  O OD2 . ASP A 1 93  ? 3.47983   5.72293   -4.64323  1.000 23.18960 ? 128 ASP A OD2 1 
ATOM   733  N N   . PHE A 1 94  ? -1.70460  4.38711   -3.24403  1.000 20.31835 ? 129 PHE A N   1 
ATOM   734  C CA  . PHE A 1 94  ? -2.68560  3.63446   -2.45256  1.000 20.82061 ? 129 PHE A CA  1 
ATOM   735  C C   . PHE A 1 94  ? -3.65484  2.87477   -3.35191  1.000 19.59229 ? 129 PHE A C   1 
ATOM   736  O O   . PHE A 1 94  ? -3.96218  1.70275   -3.10844  1.000 18.60569 ? 129 PHE A O   1 
ATOM   737  C CB  . PHE A 1 94  ? -3.50035  4.56285   -1.54849  1.000 19.18245 ? 129 PHE A CB  1 
ATOM   738  C CG  . PHE A 1 94  ? -2.83890  4.90472   -0.23671  1.000 20.72125 ? 129 PHE A CG  1 
ATOM   739  C CD1 . PHE A 1 94  ? -2.85709  4.00513   0.82345   1.000 24.16625 ? 129 PHE A CD1 1 
ATOM   740  C CD2 . PHE A 1 94  ? -2.26085  6.14141   -0.04748  1.000 20.46274 ? 129 PHE A CD2 1 
ATOM   741  C CE1 . PHE A 1 94  ? -2.28376  4.33474   2.04782   1.000 23.17870 ? 129 PHE A CE1 1 
ATOM   742  C CE2 . PHE A 1 94  ? -1.69203  6.48293   1.17694   1.000 22.98392 ? 129 PHE A CE2 1 
ATOM   743  C CZ  . PHE A 1 94  ? -1.70107  5.55571   2.22063   1.000 23.28523 ? 129 PHE A CZ  1 
ATOM   744  N N   . ASN A 1 95  ? -4.14980  3.52866   -4.39935  1.000 20.58675 ? 130 ASN A N   1 
ATOM   745  C CA  . ASN A 1 95  ? -5.08480  2.86904   -5.30234  1.000 22.53653 ? 130 ASN A CA  1 
ATOM   746  C C   . ASN A 1 95  ? -4.43022  1.70439   -6.03913  1.000 20.95775 ? 130 ASN A C   1 
ATOM   747  O O   . ASN A 1 95  ? -5.06558  0.67285   -6.26643  1.000 20.17353 ? 130 ASN A O   1 
ATOM   748  C CB  . ASN A 1 95  ? -5.64911  3.88183   -6.28125  1.000 22.73947 ? 130 ASN A CB  1 
ATOM   749  C CG  . ASN A 1 95  ? -6.72004  4.73980   -5.65800  1.000 27.18814 ? 130 ASN A CG  1 
ATOM   750  O OD1 . ASN A 1 95  ? -7.42450  4.30435   -4.74114  1.000 34.78973 ? 130 ASN A OD1 1 
ATOM   751  N ND2 . ASN A 1 95  ? -6.85487  5.95295   -6.14520  1.000 31.30309 ? 130 ASN A ND2 1 
ATOM   752  N N   . THR A 1 96  ? -3.15343  1.83701   -6.39645  1.000 20.61374 ? 131 THR A N   1 
ATOM   753  C CA  . THR A 1 96  ? -2.43652  0.73324   -7.02927  1.000 20.17517 ? 131 THR A CA  1 
ATOM   754  C C   . THR A 1 96  ? -2.31171  -0.45336  -6.08899  1.000 19.18567 ? 131 THR A C   1 
ATOM   755  O O   . THR A 1 96  ? -2.49219  -1.61275  -6.49923  1.000 18.28493 ? 131 THR A O   1 
ATOM   756  C CB  . THR A 1 96  ? -1.05595  1.21323   -7.46851  1.000 21.92879 ? 131 THR A CB  1 
ATOM   757  O OG1 . THR A 1 96  ? -1.20971  2.12648   -8.55515  1.000 23.53441 ? 131 THR A OG1 1 
ATOM   758  C CG2 . THR A 1 96  ? -0.22246  0.05460   -7.94048  1.000 20.76119 ? 131 THR A CG2 1 
ATOM   759  N N   . MET A 1 97  ? -2.01464  -0.18029  -4.81771  1.000 20.20272 ? 132 MET A N   1 
ATOM   760  C CA  . MET A 1 97  ? -1.89781  -1.24701  -3.83238  1.000 17.50096 ? 132 MET A CA  1 
ATOM   761  C C   . MET A 1 97  ? -3.19007  -2.04919  -3.73767  1.000 19.08168 ? 132 MET A C   1 
ATOM   762  O O   . MET A 1 97  ? -3.17438  -3.28017  -3.76758  1.000 20.01130 ? 132 MET A O   1 
ATOM   763  C CB  . MET A 1 97  ? -1.53674  -0.66953  -2.47043  1.000 20.03124 ? 132 MET A CB  1 
ATOM   764  C CG  . MET A 1 97  ? -1.51765  -1.69863  -1.33879  1.000 22.89123 ? 132 MET A CG  1 
ATOM   765  S SD  . MET A 1 97  ? -1.14774  -0.88948  0.22676   1.000 20.94787 ? 132 MET A SD  1 
ATOM   766  C CE  . MET A 1 97  ? -2.78098  -0.19638  0.56653   1.000 23.96048 ? 132 MET A CE  1 
ATOM   767  N N   . PHE A 1 98  ? -4.32290  -1.36296  -3.65166  1.000 17.07254 ? 133 PHE A N   1 
ATOM   768  C CA  . PHE A 1 98  ? -5.59172  -2.08180  -3.54984  1.000 17.98672 ? 133 PHE A CA  1 
ATOM   769  C C   . PHE A 1 98  ? -5.90675  -2.83909  -4.83216  1.000 17.50570 ? 133 PHE A C   1 
ATOM   770  O O   . PHE A 1 98  ? -6.35096  -3.98692  -4.79008  1.000 19.37721 ? 133 PHE A O   1 
ATOM   771  C CB  . PHE A 1 98  ? -6.70493  -1.09245  -3.22379  1.000 20.96158 ? 133 PHE A CB  1 
ATOM   772  C CG  . PHE A 1 98  ? -6.59963  -0.50642  -1.85915  1.000 21.22947 ? 133 PHE A CG  1 
ATOM   773  C CD1 . PHE A 1 98  ? -6.49674  -1.32651  -0.74891  1.000 21.12332 ? 133 PHE A CD1 1 
ATOM   774  C CD2 . PHE A 1 98  ? -6.61690  0.87130   -1.67895  1.000 21.45794 ? 133 PHE A CD2 1 
ATOM   775  C CE1 . PHE A 1 98  ? -6.39552  -0.77407  0.51884   1.000 23.54244 ? 133 PHE A CE1 1 
ATOM   776  C CE2 . PHE A 1 98  ? -6.52940  1.41982   -0.42927  1.000 20.70261 ? 133 PHE A CE2 1 
ATOM   777  C CZ  . PHE A 1 98  ? -6.41951  0.60630   0.67465   1.000 22.21351 ? 133 PHE A CZ  1 
ATOM   778  N N   . THR A 1 99  ? -5.66579  -2.22245  -5.98577  1.000 19.13847 ? 134 THR A N   1 
ATOM   779  C CA  . THR A 1 99  ? -6.02270  -2.86242  -7.24682  1.000 18.64122 ? 134 THR A CA  1 
ATOM   780  C C   . THR A 1 99  ? -5.16856  -4.09331  -7.49263  1.000 20.06510 ? 134 THR A C   1 
ATOM   781  O O   . THR A 1 99  ? -5.67275  -5.13142  -7.94583  1.000 18.82193 ? 134 THR A O   1 
ATOM   782  C CB  . THR A 1 99  ? -5.88001  -1.84661  -8.38477  1.000 22.03899 ? 134 THR A CB  1 
ATOM   783  O OG1 . THR A 1 99  ? -6.83509  -0.79628  -8.18068  1.000 26.34926 ? 134 THR A OG1 1 
ATOM   784  C CG2 . THR A 1 99  ? -6.16697  -2.51068  -9.70727  1.000 26.88263 ? 134 THR A CG2 1 
ATOM   785  N N   . ASN A 1 100 ? -3.87657  -4.02355  -7.15238  1.000 18.37116 ? 135 ASN A N   1 
ATOM   786  C CA  . ASN A 1 100 ? -3.03842  -5.21354  -7.26293  1.000 18.15753 ? 135 ASN A CA  1 
ATOM   787  C C   . ASN A 1 100 ? -3.64179  -6.37844  -6.50886  1.000 18.98872 ? 135 ASN A C   1 
ATOM   788  O O   . ASN A 1 100 ? -3.65258  -7.52059  -6.98821  1.000 20.80282 ? 135 ASN A O   1 
ATOM   789  C CB  . ASN A 1 100 ? -1.64660  -4.94697  -6.68781  1.000 18.89441 ? 135 ASN A CB  1 
ATOM   790  C CG  . ASN A 1 100 ? -0.84270  -3.98151  -7.50541  1.000 20.97485 ? 135 ASN A CG  1 
ATOM   791  O OD1 . ASN A 1 100 ? -1.11527  -3.76083  -8.67784  1.000 21.24216 ? 135 ASN A OD1 1 
ATOM   792  N ND2 . ASN A 1 100 ? 0.19694   -3.43497  -6.89265  1.000 19.17652 ? 135 ASN A ND2 1 
ATOM   793  N N   . CYS A 1 101 ? -4.07595  -6.11147  -5.28173  1.000 19.08286 ? 136 CYS A N   1 
ATOM   794  C CA  . CYS A 1 101 ? -4.61667  -7.16699  -4.43928  1.000 17.55127 ? 136 CYS A CA  1 
ATOM   795  C C   . CYS A 1 101 ? -5.87408  -7.76816  -5.05546  1.000 21.24618 ? 136 CYS A C   1 
ATOM   796  O O   . CYS A 1 101 ? -6.06315  -8.99908  -5.04465  1.000 19.54485 ? 136 CYS A O   1 
ATOM   797  C CB  . CYS A 1 101 ? -4.90745  -6.58570  -3.06340  1.000 16.58166 ? 136 CYS A CB  1 
ATOM   798  S SG  . CYS A 1 101 ? -5.47778  -7.77111  -1.85865  1.000 21.80717 ? 136 CYS A SG  1 
ATOM   799  N N   . TYR A 1 102 ? -6.73614  -6.91889  -5.61370  1.000 18.13447 ? 137 TYR A N   1 
ATOM   800  C CA  . TYR A 1 102 ? -7.96139  -7.42051  -6.23232  1.000 19.24174 ? 137 TYR A CA  1 
ATOM   801  C C   . TYR A 1 102 ? -7.67269  -8.20727  -7.50305  1.000 22.61884 ? 137 TYR A C   1 
ATOM   802  O O   . TYR A 1 102 ? -8.40824  -9.14331  -7.82955  1.000 22.44895 ? 137 TYR A O   1 
ATOM   803  C CB  . TYR A 1 102 ? -8.89969  -6.26250  -6.54556  1.000 20.22381 ? 137 TYR A CB  1 
ATOM   804  C CG  . TYR A 1 102 ? -9.31540  -5.46608  -5.32393  1.000 21.40648 ? 137 TYR A CG  1 
ATOM   805  C CD1 . TYR A 1 102 ? -9.46754  -6.08965  -4.09198  1.000 20.31814 ? 137 TYR A CD1 1 
ATOM   806  C CD2 . TYR A 1 102 ? -9.55185  -4.09047  -5.40596  1.000 21.49488 ? 137 TYR A CD2 1 
ATOM   807  C CE1 . TYR A 1 102 ? -9.84945  -5.36783  -2.97246  1.000 25.20168 ? 137 TYR A CE1 1 
ATOM   808  C CE2 . TYR A 1 102 ? -9.93698  -3.35289  -4.28657  1.000 26.34965 ? 137 TYR A CE2 1 
ATOM   809  C CZ  . TYR A 1 102 ? -10.09190 -4.00727  -3.07626  1.000 27.85930 ? 137 TYR A CZ  1 
ATOM   810  O OH  . TYR A 1 102 ? -10.47812 -3.30894  -1.95536  1.000 27.75233 ? 137 TYR A OH  1 
ATOM   811  N N   . ILE A 1 103 ? -6.61807  -7.84259  -8.23430  1.000 22.42777 ? 138 ILE A N   1 
ATOM   812  C CA  . ILE A 1 103 ? -6.28775  -8.52638  -9.48123  1.000 23.85366 ? 138 ILE A CA  1 
ATOM   813  C C   . ILE A 1 103 ? -5.65844  -9.88429  -9.21055  1.000 23.54105 ? 138 ILE A C   1 
ATOM   814  O O   . ILE A 1 103 ? -6.00950  -10.88489 -9.85465  1.000 25.88827 ? 138 ILE A O   1 
ATOM   815  C CB  . ILE A 1 103 ? -5.35828  -7.63366  -10.32572 1.000 22.02080 ? 138 ILE A CB  1 
ATOM   816  C CG1 . ILE A 1 103 ? -6.14640  -6.46396  -10.91378 1.000 23.86320 ? 138 ILE A CG1 1 
ATOM   817  C CG2 . ILE A 1 103 ? -4.65842  -8.46001  -11.41936 1.000 25.83113 ? 138 ILE A CG2 1 
ATOM   818  C CD1 . ILE A 1 103 ? -5.23724  -5.43624  -11.55108 1.000 25.91295 ? 138 ILE A CD1 1 
ATOM   819  N N   . TYR A 1 104 ? -4.73876  -9.95129  -8.24503  1.000 19.80876 ? 139 TYR A N   1 
ATOM   820  C CA  . TYR A 1 104 ? -4.00309  -11.19094 -8.02146  1.000 19.94487 ? 139 TYR A CA  1 
ATOM   821  C C   . TYR A 1 104 ? -4.85325  -12.21914 -7.27838  1.000 22.88460 ? 139 TYR A C   1 
ATOM   822  O O   . TYR A 1 104 ? -4.85582  -13.40755 -7.62822  1.000 22.23245 ? 139 TYR A O   1 
ATOM   823  C CB  . TYR A 1 104 ? -2.70039  -10.92998 -7.24293  1.000 20.36705 ? 139 TYR A CB  1 
ATOM   824  C CG  . TYR A 1 104 ? -1.97038  -12.24554 -6.99260  1.000 20.73036 ? 139 TYR A CG  1 
ATOM   825  C CD1 . TYR A 1 104 ? -1.30369  -12.88506 -8.01765  1.000 21.95221 ? 139 TYR A CD1 1 
ATOM   826  C CD2 . TYR A 1 104 ? -2.03108  -12.88344 -5.75672  1.000 22.29773 ? 139 TYR A CD2 1 
ATOM   827  C CE1 . TYR A 1 104 ? -0.68877  -14.10924 -7.82121  1.000 22.27003 ? 139 TYR A CE1 1 
ATOM   828  C CE2 . TYR A 1 104 ? -1.41926  -14.11166 -5.55487  1.000 23.06045 ? 139 TYR A CE2 1 
ATOM   829  C CZ  . TYR A 1 104 ? -0.74573  -14.71947 -6.58749  1.000 27.62847 ? 139 TYR A CZ  1 
ATOM   830  O OH  . TYR A 1 104 ? -0.13733  -15.96545 -6.38952  1.000 26.19624 ? 139 TYR A OH  1 
ATOM   831  N N   . ASN A 1 105 ? -5.57866  -11.78151 -6.25939  1.000 19.48657 ? 140 ASN A N   1 
ATOM   832  C CA  . ASN A 1 105 ? -6.26443  -12.71365 -5.37926  1.000 21.81868 ? 140 ASN A CA  1 
ATOM   833  C C   . ASN A 1 105 ? -7.71116  -12.93272 -5.82397  1.000 22.49126 ? 140 ASN A C   1 
ATOM   834  O O   . ASN A 1 105 ? -8.22357  -12.26895 -6.72475  1.000 24.59963 ? 140 ASN A O   1 
ATOM   835  C CB  . ASN A 1 105 ? -6.19023  -12.19329 -3.95542  1.000 19.30534 ? 140 ASN A CB  1 
ATOM   836  C CG  . ASN A 1 105 ? -4.75523  -12.01147 -3.50268  1.000 21.51724 ? 140 ASN A CG  1 
ATOM   837  O OD1 . ASN A 1 105 ? -4.08985  -12.99184 -3.18668  1.000 21.77851 ? 140 ASN A OD1 1 
ATOM   838  N ND2 . ASN A 1 105 ? -4.25133  -10.76205 -3.52327  1.000 19.86168 ? 140 ASN A ND2 1 
ATOM   839  N N   . LYS A 1 106 ? -8.38771  -13.89655 -5.15370  1.000 26.03601 ? 141 LYS A N   1 
ATOM   840  C CA  . LYS A 1 106 ? -9.79299  -14.16378 -5.49312  1.000 25.71528 ? 141 LYS A CA  1 
ATOM   841  C C   . LYS A 1 106 ? -10.72215 -13.48748 -4.48885  1.000 23.71364 ? 141 LYS A C   1 
ATOM   842  O O   . LYS A 1 106 ? -10.36406 -13.32530 -3.32062  1.000 26.26287 ? 141 LYS A O   1 
ATOM   843  C CB  . LYS A 1 106 ? -10.06999 -15.67799 -5.50173  1.000 26.14671 ? 141 LYS A CB  1 
ATOM   844  C CG  . LYS A 1 106 ? -8.95888  -16.51305 -6.12854  1.000 34.28028 ? 141 LYS A CG  1 
ATOM   845  C CD  . LYS A 1 106 ? -9.21010  -18.00079 -5.96914  0.000 31.62095 ? 141 LYS A CD  1 
ATOM   846  C CE  . LYS A 1 106 ? -8.09500  -18.80805 -6.61273  0.000 32.80830 ? 141 LYS A CE  1 
ATOM   847  N NZ  . LYS A 1 106 ? -8.26991  -20.27206 -6.41355  0.000 33.02163 ? 141 LYS A NZ  1 
ATOM   848  N N   . PRO A 1 107 ? -11.94367 -13.10704 -4.88447  1.000 28.34362 ? 142 PRO A N   1 
ATOM   849  C CA  . PRO A 1 107 ? -12.78590 -12.29020 -3.99481  1.000 27.05555 ? 142 PRO A CA  1 
ATOM   850  C C   . PRO A 1 107 ? -13.10752 -12.90378 -2.63481  1.000 26.81242 ? 142 PRO A C   1 
ATOM   851  O O   . PRO A 1 107 ? -13.34757 -12.14866 -1.68401  1.000 33.29512 ? 142 PRO A O   1 
ATOM   852  C CB  . PRO A 1 107 ? -14.05670 -12.08552 -4.82864  1.000 30.77028 ? 142 PRO A CB  1 
ATOM   853  C CG  . PRO A 1 107 ? -13.56924 -12.11365 -6.21782  1.000 27.67723 ? 142 PRO A CG  1 
ATOM   854  C CD  . PRO A 1 107 ? -12.49550 -13.16658 -6.24836  1.000 30.94805 ? 142 PRO A CD  1 
ATOM   855  N N   . GLY A 1 108 ? -13.12809 -14.22359 -2.49295  1.000 28.28663 ? 143 GLY A N   1 
ATOM   856  C CA  . GLY A 1 108 ? -13.35796 -14.76396 -1.15820  1.000 27.13424 ? 143 GLY A CA  1 
ATOM   857  C C   . GLY A 1 108 ? -12.12467 -14.91512 -0.28398  1.000 26.19568 ? 143 GLY A C   1 
ATOM   858  O O   . GLY A 1 108 ? -12.25446 -15.30626 0.87936   1.000 25.22295 ? 143 GLY A O   1 
ATOM   859  N N   . ASP A 1 109 ? -10.94144 -14.60026 -0.80461  1.000 23.05288 ? 144 ASP A N   1 
ATOM   860  C CA  . ASP A 1 109 ? -9.70870  -14.75090 -0.02764  1.000 21.05859 ? 144 ASP A CA  1 
ATOM   861  C C   . ASP A 1 109 ? -9.70585  -13.76463 1.14201   1.000 25.12176 ? 144 ASP A C   1 
ATOM   862  O O   . ASP A 1 109 ? -10.20798 -12.64330 1.02908   1.000 23.09372 ? 144 ASP A O   1 
ATOM   863  C CB  . ASP A 1 109 ? -8.47014  -14.49516 -0.90881  1.000 24.49206 ? 144 ASP A CB  1 
ATOM   864  C CG  . ASP A 1 109 ? -8.20598  -15.60950 -1.94054  1.000 26.70305 ? 144 ASP A CG  1 
ATOM   865  O OD1 . ASP A 1 109 ? -8.71504  -16.75751 -1.80180  1.000 25.08658 ? 144 ASP A OD1 1 
ATOM   866  O OD2 . ASP A 1 109 ? -7.46930  -15.32130 -2.90566  1.000 29.04194 ? 144 ASP A OD2 1 
ATOM   867  N N   . ASP A 1 110 ? -9.14229  -14.18582 2.28426   1.000 20.15036 ? 145 ASP A N   1 
ATOM   868  C CA  . ASP A 1 110 ? -9.07988  -13.26677 3.42111   1.000 20.94359 ? 145 ASP A CA  1 
ATOM   869  C C   . ASP A 1 110 ? -8.37449  -11.96163 3.04761   1.000 21.75350 ? 145 ASP A C   1 
ATOM   870  O O   . ASP A 1 110 ? -8.78686  -10.88909 3.50090   1.000 21.82896 ? 145 ASP A O   1 
ATOM   871  C CB  . ASP A 1 110 ? -8.38076  -13.90982 4.61800   1.000 23.36924 ? 145 ASP A CB  1 
ATOM   872  C CG  . ASP A 1 110 ? -9.30250  -14.82101 5.42648   1.000 28.94002 ? 145 ASP A CG  1 
ATOM   873  O OD1 . ASP A 1 110 ? -10.48899 -14.96264 5.06156   1.000 30.62318 ? 145 ASP A OD1 1 
ATOM   874  O OD2 . ASP A 1 110 ? -8.81952  -15.39364 6.41863   1.000 27.07878 ? 145 ASP A OD2 1 
ATOM   875  N N   . ILE A 1 111 ? -7.33412  -12.02236 2.20206   1.000 20.87128 ? 146 ILE A N   1 
ATOM   876  C CA  . ILE A 1 111 ? -6.62011  -10.78297 1.85967   1.000 21.65332 ? 146 ILE A CA  1 
ATOM   877  C C   . ILE A 1 111 ? -7.54564  -9.78762  1.16602   1.000 21.21757 ? 146 ILE A C   1 
ATOM   878  O O   . ILE A 1 111 ? -7.41610  -8.56147  1.34463   1.000 22.16886 ? 146 ILE A O   1 
ATOM   879  C CB  . ILE A 1 111 ? -5.38082  -11.08775 0.99530   1.000 21.27292 ? 146 ILE A CB  1 
ATOM   880  C CG1 . ILE A 1 111 ? -4.48389  -9.84570  0.85790   1.000 21.81822 ? 146 ILE A CG1 1 
ATOM   881  C CG2 . ILE A 1 111 ? -5.79665  -11.54962 -0.40120  1.000 22.21323 ? 146 ILE A CG2 1 
ATOM   882  C CD1 . ILE A 1 111 ? -3.74575  -9.52818  2.11670   1.000 21.56999 ? 146 ILE A CD1 1 
ATOM   883  N N   . VAL A 1 112 ? -8.49004  -10.27707 0.36068   1.000 18.90535 ? 147 VAL A N   1 
ATOM   884  C CA  . VAL A 1 112 ? -9.38872  -9.35833  -0.33278  1.000 20.77489 ? 147 VAL A CA  1 
ATOM   885  C C   . VAL A 1 112 ? -10.37765 -8.74503  0.64054   1.000 24.16019 ? 147 VAL A C   1 
ATOM   886  O O   . VAL A 1 112 ? -10.70641 -7.56197  0.54199   1.000 23.34488 ? 147 VAL A O   1 
ATOM   887  C CB  . VAL A 1 112 ? -10.11552 -10.06522 -1.49469  1.000 22.93083 ? 147 VAL A CB  1 
ATOM   888  C CG1 . VAL A 1 112 ? -11.21240 -9.15869  -2.07085  1.000 25.65735 ? 147 VAL A CG1 1 
ATOM   889  C CG2 . VAL A 1 112 ? -9.13711  -10.45093 -2.57199  1.000 21.86447 ? 147 VAL A CG2 1 
ATOM   890  N N   . LEU A 1 113 ? -10.90738 -9.54089  1.56798   1.000 21.85141 ? 148 LEU A N   1 
ATOM   891  C CA  . LEU A 1 113 ? -11.79930 -8.96853  2.56738   1.000 23.58514 ? 148 LEU A CA  1 
ATOM   892  C C   . LEU A 1 113 ? -11.07459 -7.90556  3.37854   1.000 25.02916 ? 148 LEU A C   1 
ATOM   893  O O   . LEU A 1 113 ? -11.65715 -6.86675  3.72786   1.000 23.24221 ? 148 LEU A O   1 
ATOM   894  C CB  . LEU A 1 113 ? -12.34350 -10.07798 3.47157   1.000 23.55361 ? 148 LEU A CB  1 
ATOM   895  C CG  . LEU A 1 113 ? -13.08287 -11.19392 2.72986   1.000 28.35068 ? 148 LEU A CG  1 
ATOM   896  C CD1 . LEU A 1 113 ? -13.43579 -12.29767 3.71410   1.000 28.71097 ? 148 LEU A CD1 1 
ATOM   897  C CD2 . LEU A 1 113 ? -14.33761 -10.66541 2.05818   1.000 35.05872 ? 148 LEU A CD2 1 
ATOM   898  N N   . MET A 1 114 ? -9.78699  -8.13617  3.64811   1.000 24.88825 ? 149 MET A N   1 
ATOM   899  C CA  . MET A 1 114 ? -8.97394  -7.17523  4.38887   1.000 19.62726 ? 149 MET A CA  1 
ATOM   900  C C   . MET A 1 114 ? -8.75502  -5.91191  3.57542   1.000 22.38790 ? 149 MET A C   1 
ATOM   901  O O   . MET A 1 114 ? -8.92397  -4.79659  4.07975   1.000 23.61063 ? 149 MET A O   1 
ATOM   902  C CB  . MET A 1 114 ? -7.63694  -7.81296  4.77267   1.000 21.65309 ? 149 MET A CB  1 
ATOM   903  C CG  . MET A 1 114 ? -7.80594  -8.96062  5.75353   1.000 24.20877 ? 149 MET A CG  1 
ATOM   904  S SD  . MET A 1 114 ? -6.41399  -10.09223 5.90084   1.000 23.36468 ? 149 MET A SD  1 
ATOM   905  C CE  . MET A 1 114 ? -5.48397  -9.28975  7.21192   1.000 22.89291 ? 149 MET A CE  1 
ATOM   906  N N   . ALA A 1 115 ? -8.41083  -6.06838  2.29885   1.000 20.79646 ? 150 ALA A N   1 
ATOM   907  C CA  . ALA A 1 115 ? -8.19471  -4.90296  1.44597   1.000 20.75603 ? 150 ALA A CA  1 
ATOM   908  C C   . ALA A 1 115 ? -9.47369  -4.07274  1.28451   1.000 22.43702 ? 150 ALA A C   1 
ATOM   909  O O   . ALA A 1 115 ? -9.42222  -2.83425  1.25816   1.000 22.62193 ? 150 ALA A O   1 
ATOM   910  C CB  . ALA A 1 115 ? -7.66756  -5.37382  0.09526   1.000 18.76147 ? 150 ALA A CB  1 
ATOM   911  N N   . GLU A 1 116 ? -10.63110 -4.73060  1.17030   1.000 22.67380 ? 151 GLU A N   1 
ATOM   912  C CA  . GLU A 1 116 ? -11.88055 -3.98449  1.00745   1.000 22.99313 ? 151 GLU A CA  1 
ATOM   913  C C   . GLU A 1 116 ? -12.16625 -3.11440  2.22262   1.000 25.31878 ? 151 GLU A C   1 
ATOM   914  O O   . GLU A 1 116 ? -12.59681 -1.96250  2.08449   1.000 25.15215 ? 151 GLU A O   1 
ATOM   915  C CB  . GLU A 1 116 ? -13.04162 -4.95298  0.75222   1.000 22.67180 ? 151 GLU A CB  1 
ATOM   916  C CG  . GLU A 1 116 ? -13.00100 -5.59578  -0.62767  1.000 26.00214 ? 151 GLU A CG  1 
ATOM   917  C CD  . GLU A 1 116 ? -14.08910 -6.63458  -0.82371  1.000 36.75988 ? 151 GLU A CD  1 
ATOM   918  O OE1 . GLU A 1 116 ? -14.66358 -7.09640  0.18684   1.000 38.12023 ? 151 GLU A OE1 1 
ATOM   919  O OE2 . GLU A 1 116 ? -14.36068 -6.99980  -1.98931  1.000 42.95350 ? 151 GLU A OE2 1 
ATOM   920  N N   . ALA A 1 117 ? -11.93288 -3.64592  3.42418   1.000 24.32199 ? 152 ALA A N   1 
ATOM   921  C CA  . ALA A 1 117 ? -12.16236 -2.86807  4.63565   1.000 26.45321 ? 152 ALA A CA  1 
ATOM   922  C C   . ALA A 1 117 ? -11.17496 -1.71499  4.74861   1.000 25.14750 ? 152 ALA A C   1 
ATOM   923  O O   . ALA A 1 117 ? -11.54136 -0.61053  5.17622   1.000 26.32674 ? 152 ALA A O   1 
ATOM   924  C CB  . ALA A 1 117 ? -12.06566 -3.77182  5.86450   1.000 29.68871 ? 152 ALA A CB  1 
ATOM   925  N N   . LEU A 1 118 ? -9.91338  -1.95569  4.39484   1.000 23.51751 ? 153 LEU A N   1 
ATOM   926  C CA  . LEU A 1 118 ? -8.92761  -0.87337  4.41134   1.000 21.92847 ? 153 LEU A CA  1 
ATOM   927  C C   . LEU A 1 118 ? -9.23422  0.17362   3.35245   1.000 24.31891 ? 153 LEU A C   1 
ATOM   928  O O   . LEU A 1 118 ? -9.00785  1.37152   3.57126   1.000 23.93912 ? 153 LEU A O   1 
ATOM   929  C CB  . LEU A 1 118 ? -7.52542  -1.43645  4.19626   1.000 25.06280 ? 153 LEU A CB  1 
ATOM   930  C CG  . LEU A 1 118 ? -6.96751  -2.31056  5.31362   1.000 25.82341 ? 153 LEU A CG  1 
ATOM   931  C CD1 . LEU A 1 118 ? -5.75478  -3.06123  4.81434   1.000 24.62446 ? 153 LEU A CD1 1 
ATOM   932  C CD2 . LEU A 1 118 ? -6.60276  -1.41868  6.49133   1.000 26.63531 ? 153 LEU A CD2 1 
ATOM   933  N N   . GLU A 1 119 ? -9.71261  -0.26331  2.18226   1.000 22.76752 ? 154 GLU A N   1 
ATOM   934  C CA  . GLU A 1 119 ? -10.05488 0.67862   1.12433   1.000 24.28410 ? 154 GLU A CA  1 
ATOM   935  C C   . GLU A 1 119 ? -11.22165 1.57225   1.53620   1.000 24.66008 ? 154 GLU A C   1 
ATOM   936  O O   . GLU A 1 119 ? -11.22210 2.76711   1.23548   1.000 25.36700 ? 154 GLU A O   1 
ATOM   937  C CB  . GLU A 1 119 ? -10.39175 -0.06519  -0.16645  1.000 24.30589 ? 154 GLU A CB  1 
ATOM   938  C CG  . GLU A 1 119 ? -10.49717 0.86496   -1.36429  1.000 27.43969 ? 154 GLU A CG  1 
ATOM   939  C CD  . GLU A 1 119 ? -10.99656 0.18491   -2.62642  1.000 35.57497 ? 154 GLU A CD  1 
ATOM   940  O OE1 . GLU A 1 119 ? -11.43349 -0.98360  -2.56026  1.000 35.40657 ? 154 GLU A OE1 1 
ATOM   941  O OE2 . GLU A 1 119 ? -10.94732 0.83031   -3.69473  1.000 40.65805 ? 154 GLU A OE2 1 
ATOM   942  N N   . LYS A 1 120 ? -12.22839 1.00235   2.20907   1.000 22.88286 ? 155 LYS A N   1 
ATOM   943  C CA  . LYS A 1 120 ? -13.34054 1.79526   2.72445   1.000 23.02402 ? 155 LYS A CA  1 
ATOM   944  C C   . LYS A 1 120 ? -12.84253 2.87532   3.66503   1.000 26.38686 ? 155 LYS A C   1 
ATOM   945  O O   . LYS A 1 120 ? -13.29159 4.02567   3.60846   1.000 27.11936 ? 155 LYS A O   1 
ATOM   946  C CB  . LYS A 1 120 ? -14.34091 0.90466   3.47005   1.000 24.58163 ? 155 LYS A CB  1 
ATOM   947  C CG  . LYS A 1 120 ? -15.25395 0.03359   2.62325   1.000 37.14630 ? 155 LYS A CG  1 
ATOM   948  C CD  . LYS A 1 120 ? -16.52764 -0.31133  3.42634   1.000 40.34125 ? 155 LYS A CD  1 
ATOM   949  C CE  . LYS A 1 120 ? -17.29865 -1.51075  2.85019   1.000 45.99605 ? 155 LYS A CE  1 
ATOM   950  N NZ  . LYS A 1 120 ? -16.61781 -2.82508  3.09185   1.000 46.20837 ? 155 LYS A NZ  1 
ATOM   951  N N   . LEU A 1 121 ? -11.93006 2.50693   4.56270   1.000 24.40362 ? 156 LEU A N   1 
ATOM   952  C CA  . LEU A 1 121 ? -11.35856 3.47132   5.48796   1.000 24.86245 ? 156 LEU A CA  1 
ATOM   953  C C   . LEU A 1 121 ? -10.54462 4.52141   4.74877   1.000 27.62027 ? 156 LEU A C   1 
ATOM   954  O O   . LEU A 1 121 ? -10.64047 5.71342   5.05286   1.000 25.18346 ? 156 LEU A O   1 
ATOM   955  C CB  . LEU A 1 121 ? -10.48690 2.74925   6.50741   1.000 22.99738 ? 156 LEU A CB  1 
ATOM   956  C CG  . LEU A 1 121 ? -9.87506  3.61589   7.59690   1.000 29.22841 ? 156 LEU A CG  1 
ATOM   957  C CD1 . LEU A 1 121 ? -10.95992 4.50322   8.19650   1.000 29.20737 ? 156 LEU A CD1 1 
ATOM   958  C CD2 . LEU A 1 121 ? -9.22915  2.74789   8.65003   1.000 29.07167 ? 156 LEU A CD2 1 
ATOM   959  N N   . PHE A 1 122 ? -9.72512  4.08941   3.78802   1.000 22.45362 ? 157 PHE A N   1 
ATOM   960  C CA  . PHE A 1 122 ? -8.97288  5.02250   2.94876   1.000 22.26548 ? 157 PHE A CA  1 
ATOM   961  C C   . PHE A 1 122 ? -9.90246  6.04994   2.30921   1.000 23.05635 ? 157 PHE A C   1 
ATOM   962  O O   . PHE A 1 122 ? -9.67067  7.26291   2.40159   1.000 25.20713 ? 157 PHE A O   1 
ATOM   963  C CB  . PHE A 1 122 ? -8.21730  4.24113   1.88049   1.000 24.36840 ? 157 PHE A CB  1 
ATOM   964  C CG  . PHE A 1 122 ? -7.57568  5.09562   0.82429   1.000 20.15892 ? 157 PHE A CG  1 
ATOM   965  C CD1 . PHE A 1 122 ? -6.48927  5.89960   1.12970   1.000 23.22080 ? 157 PHE A CD1 1 
ATOM   966  C CD2 . PHE A 1 122 ? -8.03336  5.05344   -0.48466  1.000 22.59918 ? 157 PHE A CD2 1 
ATOM   967  C CE1 . PHE A 1 122 ? -5.87690  6.68608   0.14805   1.000 23.62751 ? 157 PHE A CE1 1 
ATOM   968  C CE2 . PHE A 1 122 ? -7.41668  5.83192   -1.47507  1.000 25.97765 ? 157 PHE A CE2 1 
ATOM   969  C CZ  . PHE A 1 122 ? -6.34625  6.64470   -1.15102  1.000 24.68481 ? 157 PHE A CZ  1 
ATOM   970  N N   . LEU A 1 123 ? -10.97899 5.57932   1.66749   1.000 25.15880 ? 158 LEU A N   1 
ATOM   971  C CA  . LEU A 1 123 ? -11.88889 6.50960   1.00631   1.000 27.42899 ? 158 LEU A CA  1 
ATOM   972  C C   . LEU A 1 123 ? -12.50194 7.48138   2.00531   1.000 29.85354 ? 158 LEU A C   1 
ATOM   973  O O   . LEU A 1 123 ? -12.62647 8.68016   1.72037   1.000 27.59603 ? 158 LEU A O   1 
ATOM   974  C CB  . LEU A 1 123 ? -12.96476 5.73719   0.24991   1.000 29.03783 ? 158 LEU A CB  1 
ATOM   975  C CG  . LEU A 1 123 ? -12.39379 4.99977   -0.96648  1.000 29.05486 ? 158 LEU A CG  1 
ATOM   976  C CD1 . LEU A 1 123 ? -13.43441 4.09438   -1.62948  1.000 35.40323 ? 158 LEU A CD1 1 
ATOM   977  C CD2 . LEU A 1 123 ? -11.78991 5.99017   -1.96609  1.000 33.78653 ? 158 LEU A CD2 1 
ATOM   978  N N   . GLN A 1 124 ? -12.85734 6.99512   3.19751   1.000 27.47593 ? 159 GLN A N   1 
ATOM   979  C CA  . GLN A 1 124 ? -13.42597 7.89065   4.20118   1.000 27.09131 ? 159 GLN A CA  1 
ATOM   980  C C   . GLN A 1 124 ? -12.44637 8.99969   4.55672   1.000 30.51593 ? 159 GLN A C   1 
ATOM   981  O O   . GLN A 1 124 ? -12.84083 10.15758  4.72323   1.000 29.62861 ? 159 GLN A O   1 
ATOM   982  C CB  . GLN A 1 124 ? -13.83845 7.09654   5.44278   1.000 28.88118 ? 159 GLN A CB  1 
ATOM   983  C CG  . GLN A 1 124 ? -15.01466 6.17143   5.16364   1.000 33.59374 ? 159 GLN A CG  1 
ATOM   984  C CD  . GLN A 1 124 ? -15.32662 5.19213   6.28953   1.000 38.42135 ? 159 GLN A CD  1 
ATOM   985  O OE1 . GLN A 1 124 ? -14.50128 4.93317   7.16864   1.000 37.68333 ? 159 GLN A OE1 1 
ATOM   986  N NE2 . GLN A 1 124 ? -16.53315 4.63879   6.25744   1.000 38.90954 ? 159 GLN A NE2 1 
ATOM   987  N N   . LYS A 1 125 ? -11.15569 8.67592   4.63849   1.000 26.08083 ? 160 LYS A N   1 
ATOM   988  C CA  . LYS A 1 125 ? -10.18498 9.70165   4.99648   1.000 25.07688 ? 160 LYS A CA  1 
ATOM   989  C C   . LYS A 1 125 ? -9.86992  10.61058  3.81805   1.000 25.78669 ? 160 LYS A C   1 
ATOM   990  O O   . LYS A 1 125 ? -9.63633  11.80505  4.00697   1.000 26.58767 ? 160 LYS A O   1 
ATOM   991  C CB  . LYS A 1 125 ? -8.90197  9.06308   5.52442   1.000 25.22169 ? 160 LYS A CB  1 
ATOM   992  C CG  . LYS A 1 125 ? -9.10009  8.27723   6.80124   1.000 27.36328 ? 160 LYS A CG  1 
ATOM   993  C CD  . LYS A 1 125 ? -9.55291  9.19086   7.91556   1.000 35.11410 ? 160 LYS A CD  1 
ATOM   994  C CE  . LYS A 1 125 ? -9.60814  8.47901   9.24530   1.000 36.58746 ? 160 LYS A CE  1 
ATOM   995  N NZ  . LYS A 1 125 ? -10.04853 9.42272   10.30468  1.000 44.66560 ? 160 LYS A NZ  1 
ATOM   996  N N   . ILE A 1 126 ? -9.85150  10.06377  2.60128   1.000 23.21854 ? 161 ILE A N   1 
ATOM   997  C CA  . ILE A 1 126 ? -9.54844  10.88728  1.43759   1.000 26.36161 ? 161 ILE A CA  1 
ATOM   998  C C   . ILE A 1 126 ? -10.68466 11.85614  1.18010   1.000 27.38495 ? 161 ILE A C   1 
ATOM   999  O O   . ILE A 1 126 ? -10.46744 12.96787  0.68241   1.000 26.36926 ? 161 ILE A O   1 
ATOM   1000 C CB  . ILE A 1 126 ? -9.27650  9.99444   0.21348   1.000 33.95734 ? 161 ILE A CB  1 
ATOM   1001 C CG1 . ILE A 1 126 ? -7.92800  9.33101   0.39187   1.000 34.28120 ? 161 ILE A CG1 1 
ATOM   1002 C CG2 . ILE A 1 126 ? -9.23576  10.81174  -1.06752  1.000 37.50525 ? 161 ILE A CG2 1 
ATOM   1003 C CD1 . ILE A 1 126 ? -6.85523  10.33380  0.72987   1.000 29.47479 ? 161 ILE A CD1 1 
ATOM   1004 N N   . ASN A 1 127 ? -11.91118 11.45727  1.51682   1.000 26.85774 ? 162 ASN A N   1 
ATOM   1005 C CA  . ASN A 1 127 ? -13.04353 12.36475  1.35713   1.000 26.03073 ? 162 ASN A CA  1 
ATOM   1006 C C   . ASN A 1 127 ? -12.91923 13.60040  2.22975   1.000 27.73216 ? 162 ASN A C   1 
ATOM   1007 O O   . ASN A 1 127 ? -13.62271 14.58610  1.98203   1.000 30.95394 ? 162 ASN A O   1 
ATOM   1008 C CB  . ASN A 1 127 ? -14.35170 11.64133  1.67237   1.000 28.22021 ? 162 ASN A CB  1 
ATOM   1009 C CG  . ASN A 1 127 ? -14.77739 10.70414  0.56455   1.000 33.26189 ? 162 ASN A CG  1 
ATOM   1010 O OD1 . ASN A 1 127 ? -14.30631 10.80874  -0.56855  1.000 35.24504 ? 162 ASN A OD1 1 
ATOM   1011 N ND2 . ASN A 1 127 ? -15.69100 9.78854   0.88413   1.000 33.25621 ? 162 ASN A ND2 1 
ATOM   1012 N N   . GLU A 1 128 ? -12.04564 13.57328  3.23886   1.000 28.40323 ? 163 GLU A N   1 
ATOM   1013 C CA  . GLU A 1 128 ? -11.82645 14.69317  4.14392   1.000 27.62103 ? 163 GLU A CA  1 
ATOM   1014 C C   . GLU A 1 128 ? -10.48178 15.37352  3.90769   1.000 31.65897 ? 163 GLU A C   1 
ATOM   1015 O O   . GLU A 1 128 ? -10.01018 16.12420  4.76834   1.000 32.58365 ? 163 GLU A O   1 
ATOM   1016 C CB  . GLU A 1 128 ? -11.94463 14.21950  5.59437   1.000 34.61028 ? 163 GLU A CB  1 
ATOM   1017 C CG  . GLU A 1 128 ? -13.34190 13.70389  5.96165   1.000 35.86737 ? 163 GLU A CG  1 
ATOM   1018 C CD  . GLU A 1 128 ? -13.38723 12.96693  7.29988   1.000 46.19483 ? 163 GLU A CD  1 
ATOM   1019 O OE1 . GLU A 1 128 ? -12.37616 12.98809  8.04007   1.000 50.23556 ? 163 GLU A OE1 1 
ATOM   1020 O OE2 . GLU A 1 128 ? -14.44063 12.35803  7.60781   1.000 48.03516 ? 163 GLU A OE2 1 
ATOM   1021 N N   . LEU A 1 129 ? -9.85766  15.11862  2.75985   1.000 30.39797 ? 164 LEU A N   1 
ATOM   1022 C CA  . LEU A 1 129 ? -8.57841  15.72717  2.43514   1.000 28.86660 ? 164 LEU A CA  1 
ATOM   1023 C C   . LEU A 1 129 ? -8.70019  17.24787  2.48416   1.000 33.44717 ? 164 LEU A C   1 
ATOM   1024 O O   . LEU A 1 129 ? -9.61097  17.80961  1.86229   1.000 29.58507 ? 164 LEU A O   1 
ATOM   1025 C CB  . LEU A 1 129 ? -8.13497  15.28279  1.04532   1.000 31.68346 ? 164 LEU A CB  1 
ATOM   1026 C CG  . LEU A 1 129 ? -6.74625  15.67736  0.56004   1.000 31.93579 ? 164 LEU A CG  1 
ATOM   1027 C CD1 . LEU A 1 129 ? -5.67057  14.89685  1.30946   1.000 32.81248 ? 164 LEU A CD1 1 
ATOM   1028 C CD2 . LEU A 1 129 ? -6.65107  15.44929  -0.94182  1.000 33.48650 ? 164 LEU A CD2 1 
ATOM   1029 N N   . PRO A 1 130 ? -7.81370  17.94121  3.19232   1.000 32.61899 ? 165 PRO A N   1 
ATOM   1030 C CA  . PRO A 1 130 ? -7.95941  19.39319  3.34161   1.000 37.61233 ? 165 PRO A CA  1 
ATOM   1031 C C   . PRO A 1 130 ? -7.69017  20.13396  2.04057   1.000 37.99501 ? 165 PRO A C   1 
ATOM   1032 O O   . PRO A 1 130 ? -7.01404  19.64927  1.13384   1.000 35.07970 ? 165 PRO A O   1 
ATOM   1033 C CB  . PRO A 1 130 ? -6.91619  19.74866  4.40606   1.000 37.23361 ? 165 PRO A CB  1 
ATOM   1034 C CG  . PRO A 1 130 ? -5.91834  18.63324  4.35979   1.000 35.30048 ? 165 PRO A CG  1 
ATOM   1035 C CD  . PRO A 1 130 ? -6.70286  17.40392  3.99605   1.000 33.14400 ? 165 PRO A CD  1 
ATOM   1036 N N   . THR A 1 131 ? -8.25170  21.33523  1.95330   1.000 43.75023 ? 166 THR A N   1 
ATOM   1037 C CA  . THR A 1 131 ? -7.97784  22.19246  0.81057   1.000 43.20790 ? 166 THR A CA  1 
ATOM   1038 C C   . THR A 1 131 ? -6.50549  22.59141  0.78335   1.000 41.55309 ? 166 THR A C   1 
ATOM   1039 O O   . THR A 1 131 ? -5.84545  22.70084  1.82175   1.000 42.95746 ? 166 THR A O   1 
ATOM   1040 C CB  . THR A 1 131 ? -8.85489  23.43991  0.86335   1.000 45.43072 ? 166 THR A CB  1 
ATOM   1041 O OG1 . THR A 1 131 ? -8.58716  24.14315  2.08103   1.000 48.73552 ? 166 THR A OG1 1 
ATOM   1042 C CG2 . THR A 1 131 ? -10.32841 23.05203  0.82104   1.000 44.05673 ? 166 THR A CG2 1 
ATOM   1043 N N   . GLU A 1 132 ? -5.98489  22.79738  -0.42120  1.000 43.46847 ? 167 GLU A N   1 
ATOM   1044 C CA  . GLU A 1 132 ? -4.61964  23.28715  -0.56579  1.000 43.19682 ? 167 GLU A CA  1 
ATOM   1045 C C   . GLU A 1 132 ? -4.58191  24.80874  -0.48721  1.000 49.59164 ? 167 GLU A C   1 
ATOM   1046 O O   . GLU A 1 132 ? -3.98088  25.37348  0.42905   1.000 55.27975 ? 167 GLU A O   1 
ATOM   1047 C CB  . GLU A 1 132 ? -4.00076  22.80843  -1.88073  1.000 49.45539 ? 167 GLU A CB  1 
ATOM   1048 C CG  . GLU A 1 132 ? -4.85633  23.04057  -3.11920  1.000 52.15824 ? 167 GLU A CG  1 
ATOM   1049 C CD  . GLU A 1 132 ? -4.12076  22.66869  -4.39853  1.000 52.61749 ? 167 GLU A CD  1 
ATOM   1050 O OE1 . GLU A 1 132 ? -2.88008  22.53001  -4.33679  1.000 57.19112 ? 167 GLU A OE1 1 
ATOM   1051 O OE2 . GLU A 1 132 ? -4.77640  22.50591  -5.45693  1.000 49.70274 ? 167 GLU A OE2 1 
HETATM 1052 C C   . ACE B 2 1   ? -0.65804  -12.75800 11.45574  1.000 32.62107 ? 0   ACE C C   1 
HETATM 1053 O O   . ACE B 2 1   ? 0.49684   -12.32146 11.41431  1.000 33.32128 ? 0   ACE C O   1 
HETATM 1054 C CH3 . ACE B 2 1   ? -1.79373  -12.05532 12.15394  1.000 35.25980 ? 0   ACE C CH3 1 
ATOM   1055 N N   . TRP B 2 2   ? -1.00434  -13.92132 10.88382  1.000 31.10611 ? 1   TRP C N   1 
ATOM   1056 C CA  . TRP B 2 2   ? -0.09356  -14.78976 10.13410  1.000 30.24745 ? 1   TRP C CA  1 
ATOM   1057 C C   . TRP B 2 2   ? -1.00423  -15.62667 9.24098   1.000 27.16308 ? 1   TRP C C   1 
ATOM   1058 O O   . TRP B 2 2   ? -2.21878  -15.57538 9.41501   1.000 29.35521 ? 1   TRP C O   1 
ATOM   1059 C CB  . TRP B 2 2   ? 0.74465   -15.66866 11.06301  1.000 34.59256 ? 1   TRP C CB  1 
ATOM   1060 C CG  . TRP B 2 2   ? -0.10743  -16.33808 12.06917  1.000 37.47132 ? 1   TRP C CG  1 
ATOM   1061 C CD1 . TRP B 2 2   ? -0.53218  -15.82198 13.25776  1.000 41.42919 ? 1   TRP C CD1 1 
ATOM   1062 C CD2 . TRP B 2 2   ? -0.68907  -17.64339 11.96598  1.000 37.05940 ? 1   TRP C CD2 1 
ATOM   1063 N NE1 . TRP B 2 2   ? -1.33786  -16.72607 13.90255  1.000 43.85519 ? 1   TRP C NE1 1 
ATOM   1064 C CE2 . TRP B 2 2   ? -1.45099  -17.85299 13.13123  1.000 42.62742 ? 1   TRP C CE2 1 
ATOM   1065 C CE3 . TRP B 2 2   ? -0.63727  -18.65414 11.00157  1.000 36.79894 ? 1   TRP C CE3 1 
ATOM   1066 C CZ2 . TRP B 2 2   ? -2.14889  -19.03803 13.36512  1.000 43.83456 ? 1   TRP C CZ2 1 
ATOM   1067 C CZ3 . TRP B 2 2   ? -1.33607  -19.83030 11.23248  1.000 41.61817 ? 1   TRP C CZ3 1 
ATOM   1068 C CH2 . TRP B 2 2   ? -2.08197  -20.01072 12.40372  1.000 41.40050 ? 1   TRP C CH2 1 
ATOM   1069 N N   . TRP B 2 3   ? -0.43546  -16.36138 8.28853   1.000 29.30944 ? 2   TRP C N   1 
ATOM   1070 C CA  . TRP B 2 3   ? -1.22434  -17.08631 7.29627   1.000 26.77312 ? 2   TRP C CA  1 
ATOM   1071 C C   . TRP B 2 3   ? -1.29087  -18.56854 7.62691   1.000 27.04077 ? 2   TRP C C   1 
ATOM   1072 O O   . TRP B 2 3   ? -0.26252  -19.18939 7.90847   1.000 30.36776 ? 2   TRP C O   1 
ATOM   1073 C CB  . TRP B 2 3   ? -0.63874  -16.92031 5.89520   1.000 26.34116 ? 2   TRP C CB  1 
ATOM   1074 C CG  . TRP B 2 3   ? -0.69342  -15.52030 5.40721   1.000 25.76674 ? 2   TRP C CG  1 
ATOM   1075 C CD1 . TRP B 2 3   ? 0.36099   -14.65888 5.24441   1.000 27.78033 ? 2   TRP C CD1 1 
ATOM   1076 C CD2 . TRP B 2 3   ? -1.86827  -14.79963 5.01995   1.000 24.34295 ? 2   TRP C CD2 1 
ATOM   1077 N NE1 . TRP B 2 3   ? -0.09220  -13.44205 4.77898   1.000 24.82180 ? 2   TRP C NE1 1 
ATOM   1078 C CE2 . TRP B 2 3   ? -1.45381  -13.50054 4.63532   1.000 23.54124 ? 2   TRP C CE2 1 
ATOM   1079 C CE3 . TRP B 2 3   ? -3.22858  -15.12210 4.95887   1.000 22.56906 ? 2   TRP C CE3 1 
ATOM   1080 C CZ2 . TRP B 2 3   ? -2.35038  -12.52909 4.19814   1.000 21.62735 ? 2   TRP C CZ2 1 
ATOM   1081 C CZ3 . TRP B 2 3   ? -4.12362  -14.15408 4.53129   1.000 23.43301 ? 2   TRP C CZ3 1 
ATOM   1082 C CH2 . TRP B 2 3   ? -3.67250  -12.86234 4.15276   1.000 23.91499 ? 2   TRP C CH2 1 
ATOM   1083 N N   . ILE B 2 4   ? -2.49346  -19.13615 7.53397   1.000 30.26832 ? 3   ILE C N   1 
ATOM   1084 C CA  . ILE B 2 4   ? -2.62039  -20.58704 7.41705   1.000 29.17950 ? 3   ILE C CA  1 
ATOM   1085 C C   . ILE B 2 4   ? -2.34626  -21.01902 5.98445   1.000 29.63680 ? 3   ILE C C   1 
ATOM   1086 O O   . ILE B 2 4   ? -1.55135  -21.93136 5.72404   1.000 29.46215 ? 3   ILE C O   1 
ATOM   1087 C CB  . ILE B 2 4   ? -4.01104  -21.03844 7.89030   1.000 31.67090 ? 3   ILE C CB  1 
ATOM   1088 C CG1 . ILE B 2 4   ? -4.26735  -20.54762 9.31728   1.000 36.16609 ? 3   ILE C CG1 1 
ATOM   1089 C CG2 . ILE B 2 4   ? -4.13714  -22.56310 7.80250   1.000 33.06941 ? 3   ILE C CG2 1 
ATOM   1090 C CD1 . ILE B 2 4   ? -5.67982  -20.78143 9.82312   1.000 32.38131 ? 3   ILE C CD1 1 
ATOM   1091 N N   . ILE B 2 5   ? -3.00758  -20.36574 5.04022   1.000 25.08784 ? 4   ILE C N   1 
ATOM   1092 C CA  . ILE B 2 5   ? -2.70556  -20.44874 3.62247   1.000 21.79913 ? 4   ILE C CA  1 
ATOM   1093 C C   . ILE B 2 5   ? -2.43896  -19.01974 3.17356   1.000 20.88576 ? 4   ILE C C   1 
ATOM   1094 O O   . ILE B 2 5   ? -3.33351  -18.17625 3.27675   1.000 22.09813 ? 4   ILE C O   1 
ATOM   1095 C CB  . ILE B 2 5   ? -3.86159  -21.04345 2.80382   1.000 23.18794 ? 4   ILE C CB  1 
ATOM   1096 C CG1 . ILE B 2 5   ? -4.32522  -22.37726 3.41629   1.000 25.77031 ? 4   ILE C CG1 1 
ATOM   1097 C CG2 . ILE B 2 5   ? -3.41883  -21.19408 1.34928   1.000 25.30091 ? 4   ILE C CG2 1 
ATOM   1098 C CD1 . ILE B 2 5   ? -5.54286  -22.95279 2.73403   1.000 31.12644 ? 4   ILE C CD1 1 
ATOM   1099 N N   . PRO B 2 6   ? -1.24134  -18.69721 2.68159   1.000 23.31946 ? 5   PRO C N   1 
ATOM   1100 C CA  . PRO B 2 6   ? -0.93710  -17.30505 2.31245   1.000 21.60536 ? 5   PRO C CA  1 
ATOM   1101 C C   . PRO B 2 6   ? -2.03362  -16.70418 1.43594   1.000 22.57260 ? 5   PRO C C   1 
ATOM   1102 O O   . PRO B 2 6   ? -2.45278  -17.35572 0.48179   1.000 23.05672 ? 5   PRO C O   1 
ATOM   1103 C CB  . PRO B 2 6   ? 0.37985   -17.42633 1.54753   1.000 26.46886 ? 5   PRO C CB  1 
ATOM   1104 C CG  . PRO B 2 6   ? 1.04013   -18.64353 2.14957   1.000 26.88028 ? 5   PRO C CG  1 
ATOM   1105 C CD  . PRO B 2 6   ? -0.09274  -19.59379 2.44941   1.000 22.89351 ? 5   PRO C CD  1 
HETATM 1106 O OH  . ALY B 2 7   ? -1.84727  -9.63075  -1.94315  1.000 20.64178 ? 6   ALY C OH  1 
HETATM 1107 C CH  . ALY B 2 7   ? -1.11491  -9.44742  -0.95120  1.000 22.16437 ? 6   ALY C CH  1 
HETATM 1108 C CH3 . ALY B 2 7   ? -0.93032  -8.06664  -0.35006  1.000 17.98487 ? 6   ALY C CH3 1 
HETATM 1109 N NZ  . ALY B 2 7   ? -0.43990  -10.50094 -0.36061  1.000 22.45141 ? 6   ALY C NZ  1 
HETATM 1110 C CE  . ALY B 2 7   ? -0.55029  -11.85751 -0.84018  1.000 21.26554 ? 6   ALY C CE  1 
HETATM 1111 C CD  . ALY B 2 7   ? -1.78246  -12.58321 -0.26601  1.000 20.59805 ? 6   ALY C CD  1 
HETATM 1112 C CG  . ALY B 2 7   ? -1.86902  -14.03105 -0.71793  1.000 20.11101 ? 6   ALY C CG  1 
HETATM 1113 C CB  . ALY B 2 7   ? -3.25811  -14.61554 -0.42388  1.000 20.30811 ? 6   ALY C CB  1 
HETATM 1114 C CA  . ALY B 2 7   ? -3.50153  -14.72109 1.09575   1.000 22.01629 ? 6   ALY C CA  1 
HETATM 1115 N N   . ALY B 2 7   ? -2.47430  -15.49864 1.79052   1.000 22.04905 ? 6   ALY C N   1 
HETATM 1116 C C   . ALY B 2 7   ? -4.94225  -15.23680 1.31377   1.000 20.27631 ? 6   ALY C C   1 
HETATM 1117 O O   . ALY B 2 7   ? -5.92477  -14.49918 1.46946   1.000 21.08078 ? 6   ALY C O   1 
ATOM   1118 N N   . VAL B 2 8   ? -5.06648  -16.55708 1.36211   1.000 20.92440 ? 7   VAL C N   1 
ATOM   1119 C CA  . VAL B 2 8   ? -6.36799  -17.23234 1.35176   1.000 20.59841 ? 7   VAL C CA  1 
ATOM   1120 C C   . VAL B 2 8   ? -7.05158  -17.27330 2.70857   1.000 21.37885 ? 7   VAL C C   1 
ATOM   1121 O O   . VAL B 2 8   ? -8.23348  -16.93555 2.84611   1.000 20.17085 ? 7   VAL C O   1 
ATOM   1122 C CB  . VAL B 2 8   ? -6.19699  -18.66038 0.80146   1.000 21.60638 ? 7   VAL C CB  1 
ATOM   1123 C CG1 . VAL B 2 8   ? -7.50329  -19.46252 0.92181   1.000 25.45771 ? 7   VAL C CG1 1 
ATOM   1124 C CG2 . VAL B 2 8   ? -5.73536  -18.60799 -0.63832  1.000 23.76571 ? 7   VAL C CG2 1 
ATOM   1125 N N   . LYS B 2 9   ? -6.30660  -17.70339 3.71300   1.000 22.30994 ? 8   LYS C N   1 
ATOM   1126 C CA  . LYS B 2 9   ? -6.85297  -17.80498 5.05183   1.000 22.86237 ? 8   LYS C CA  1 
ATOM   1127 C C   . LYS B 2 9   ? -5.82241  -17.38079 6.09546   1.000 21.70597 ? 8   LYS C C   1 
ATOM   1128 O O   . LYS B 2 9   ? -4.75477  -17.97729 6.20552   1.000 22.49803 ? 8   LYS C O   1 
ATOM   1129 C CB  . LYS B 2 9   ? -7.31573  -19.24602 5.32453   1.000 22.05717 ? 8   LYS C CB  1 
ATOM   1130 C CG  . LYS B 2 9   ? -7.94341  -19.43116 6.69052   1.000 25.34490 ? 8   LYS C CG  1 
ATOM   1131 C CD  . LYS B 2 9   ? -9.33631  -18.85541 6.73673   1.000 24.27225 ? 8   LYS C CD  1 
ATOM   1132 C CE  . LYS B 2 9   ? -9.93058  -18.91557 8.14108   1.000 27.19563 ? 8   LYS C CE  1 
ATOM   1133 N NZ  . LYS B 2 9   ? -11.35756 -18.58134 8.06313   1.000 31.61219 ? 8   LYS C NZ  1 
HETATM 1134 O OH  . ALY B 2 10  ? -10.62039 -11.50223 9.24864   1.000 35.53799 ? 9   ALY C OH  1 
HETATM 1135 C CH  . ALY B 2 10  ? -9.91789  -11.52703 8.22018   1.000 31.19126 ? 9   ALY C CH  1 
HETATM 1136 C CH3 . ALY B 2 10  ? -10.53604 -11.39835 6.84724   1.000 30.33027 ? 9   ALY C CH3 1 
HETATM 1137 N NZ  . ALY B 2 10  ? -8.54344  -11.69307 8.25718   1.000 28.13242 ? 9   ALY C NZ  1 
HETATM 1138 C CE  . ALY B 2 10  ? -7.73865  -11.84326 9.43477   1.000 28.73532 ? 9   ALY C CE  1 
HETATM 1139 C CD  . ALY B 2 10  ? -6.37602  -12.45532 9.14109   1.000 28.34658 ? 9   ALY C CD  1 
HETATM 1140 C CG  . ALY B 2 10  ? -6.55059  -13.87868 8.63804   1.000 28.29056 ? 9   ALY C CG  1 
HETATM 1141 C CB  . ALY B 2 10  ? -5.20839  -14.44022 8.24526   1.000 27.63564 ? 9   ALY C CB  1 
HETATM 1142 C CA  . ALY B 2 10  ? -5.21642  -15.94188 7.89654   1.000 27.88485 ? 9   ALY C CA  1 
HETATM 1143 N N   . ALY B 2 10  ? -6.13430  -16.34170 6.86275   1.000 26.05018 ? 9   ALY C N   1 
HETATM 1144 C C   . ALY B 2 10  ? -5.55123  -16.72951 9.14851   1.000 33.72821 ? 9   ALY C C   1 
HETATM 1145 O O   . ALY B 2 10  ? -6.64961  -17.25184 9.36470   1.000 31.82268 ? 9   ALY C O   1 
ATOM   1146 N N   . GLY B 2 11  ? -4.53610  -16.83908 9.99911   1.000 36.76833 ? 10  GLY C N   1 
ATOM   1147 C CA  . GLY B 2 11  ? -4.66064  -17.52745 11.26993  1.000 40.53990 ? 10  GLY C CA  1 
ATOM   1148 C C   . GLY B 2 11  ? -4.66648  -16.63377 12.50237  1.000 43.43417 ? 10  GLY C C   1 
ATOM   1149 O O   . GLY B 2 11  ? -4.51774  -17.13772 13.61602  1.000 47.85994 ? 10  GLY C O   1 
ATOM   1150 N N   . CYS B 2 12  ? -4.84952  -15.32401 12.31518  1.000 44.14881 ? 11  CYS C N   1 
ATOM   1151 C CA  . CYS B 2 12  ? -4.92241  -14.37890 13.43542  1.000 38.84023 ? 11  CYS C CA  1 
ATOM   1152 C C   . CYS B 2 12  ? -6.17084  -13.50400 13.37801  1.000 44.42401 ? 11  CYS C C   1 
ATOM   1153 O O   . CYS B 2 12  ? -7.14277  -13.83367 12.69575  1.000 49.90944 ? 11  CYS C O   1 
ATOM   1154 C CB  . CYS B 2 12  ? -3.67908  -13.48542 13.46644  1.000 41.35803 ? 11  CYS C CB  1 
ATOM   1155 S SG  . CYS B 2 12  ? -3.51639  -12.42304 12.00905  1.000 37.78367 ? 11  CYS C SG  1 
HETATM 1156 N N   . NH2 B 2 13  ? -6.14258  -12.38339 14.09864  1.000 45.93757 ? 12  NH2 C N   1 
HETATM 1157 O O   . HOH C 3 .   ? 0.27080   -4.04898  -11.28847 1.000 30.91647 ? 201 HOH A O   1 
HETATM 1158 O O   . HOH C 3 .   ? -4.94927  16.78301  -4.52093  1.000 47.28475 ? 202 HOH A O   1 
HETATM 1159 O O   . HOH C 3 .   ? 8.95819   -13.93510 -7.63219  1.000 37.00547 ? 203 HOH A O   1 
HETATM 1160 O O   . HOH C 3 .   ? -14.72351 -10.08076 -1.79976  1.000 37.37801 ? 204 HOH A O   1 
HETATM 1161 O O   . HOH C 3 .   ? 9.14669   -19.93069 -2.02296  1.000 36.89419 ? 205 HOH A O   1 
HETATM 1162 O O   . HOH C 3 .   ? -2.40655  18.95594  6.85120   1.000 38.17523 ? 206 HOH A O   1 
HETATM 1163 O O   . HOH C 3 .   ? -1.42815  -7.64951  -3.93012  1.000 19.86518 ? 207 HOH A O   1 
HETATM 1164 O O   . HOH C 3 .   ? -8.40046  -12.16641 -9.31133  1.000 31.56826 ? 208 HOH A O   1 
HETATM 1165 O O   . HOH C 3 .   ? -1.90180  -17.86901 -6.08093  1.000 37.92513 ? 209 HOH A O   1 
HETATM 1166 O O   . HOH C 3 .   ? 9.21005   -3.57017  -6.62463  1.000 23.55677 ? 210 HOH A O   1 
HETATM 1167 O O   . HOH C 3 .   ? 9.22930   15.20086  -5.81292  1.000 37.22059 ? 211 HOH A O   1 
HETATM 1168 O O   . HOH C 3 .   ? 5.75435   14.09624  2.26633   1.000 29.34877 ? 212 HOH A O   1 
HETATM 1169 O O   . HOH C 3 .   ? -14.16363 -6.72486  4.50095   1.000 33.05629 ? 213 HOH A O   1 
HETATM 1170 O O   . HOH C 3 .   ? 13.56825  -7.40290  -2.84335  1.000 36.99768 ? 214 HOH A O   1 
HETATM 1171 O O   . HOH C 3 .   ? 7.07986   -2.39003  7.22573   1.000 36.80085 ? 215 HOH A O   1 
HETATM 1172 O O   . HOH C 3 .   ? 4.35217   5.14671   -8.10316  1.000 35.87651 ? 216 HOH A O   1 
HETATM 1173 O O   . HOH C 3 .   ? -13.60276 -0.25476  6.83982   1.000 32.33729 ? 217 HOH A O   1 
HETATM 1174 O O   . HOH C 3 .   ? 6.37590   -13.93528 -9.26535  1.000 34.85515 ? 218 HOH A O   1 
HETATM 1175 O O   . HOH C 3 .   ? -14.23028 17.17702  1.68175   1.000 31.94444 ? 219 HOH A O   1 
HETATM 1176 O O   . HOH C 3 .   ? -7.18225  2.45460   12.34029  1.000 37.92846 ? 220 HOH A O   1 
HETATM 1177 O O   . HOH C 3 .   ? 8.59651   -7.69290  2.11354   1.000 29.56168 ? 221 HOH A O   1 
HETATM 1178 O O   . HOH C 3 .   ? 14.84781  -0.26825  -4.46961  1.000 34.35929 ? 222 HOH A O   1 
HETATM 1179 O O   . HOH C 3 .   ? -1.38117  -5.09637  -2.88919  1.000 23.80344 ? 223 HOH A O   1 
HETATM 1180 O O   . HOH C 3 .   ? 7.64359   -18.21940 -4.59661  1.000 34.48350 ? 224 HOH A O   1 
HETATM 1181 O O   . HOH C 3 .   ? 0.71097   -4.67268  -1.30235  1.000 23.73103 ? 225 HOH A O   1 
HETATM 1182 O O   . HOH C 3 .   ? 1.97143   -6.01346  0.64714   1.000 22.24870 ? 226 HOH A O   1 
HETATM 1183 O O   . HOH C 3 .   ? 8.14037   16.66804  -2.51065  1.000 26.62197 ? 227 HOH A O   1 
HETATM 1184 O O   . HOH C 3 .   ? -4.02324  -14.80841 -9.83515  1.000 33.25626 ? 228 HOH A O   1 
HETATM 1185 O O   . HOH C 3 .   ? -11.08040 -17.83548 -0.91550  1.000 32.34993 ? 229 HOH A O   1 
HETATM 1186 O O   . HOH C 3 .   ? -10.42034 -10.13368 -6.23038  1.000 28.80918 ? 230 HOH A O   1 
HETATM 1187 O O   . HOH C 3 .   ? 5.54924   -11.97531 -16.72943 1.000 35.97825 ? 231 HOH A O   1 
HETATM 1188 O O   . HOH C 3 .   ? -4.67823  -15.65745 -3.60675  1.000 27.09690 ? 232 HOH A O   1 
HETATM 1189 O O   . HOH C 3 .   ? 1.59729   -5.11166  -4.47762  1.000 24.25869 ? 233 HOH A O   1 
HETATM 1190 O O   . HOH C 3 .   ? -4.61591  -12.84583 -11.22396 1.000 36.95517 ? 234 HOH A O   1 
HETATM 1191 O O   . HOH C 3 .   ? 0.47201   -5.63043  -13.40760 1.000 33.27273 ? 235 HOH A O   1 
HETATM 1192 O O   . HOH C 3 .   ? -9.82579  -15.69704 8.98190   1.000 33.78322 ? 236 HOH A O   1 
HETATM 1193 O O   . HOH C 3 .   ? 5.92856   -0.63633  -8.69010  1.000 26.70115 ? 237 HOH A O   1 
HETATM 1194 O O   . HOH C 3 .   ? -5.78425  7.24964   -8.35925  1.000 40.95201 ? 238 HOH A O   1 
HETATM 1195 O O   . HOH C 3 .   ? -9.85829  13.11403  9.23124   1.000 45.12587 ? 239 HOH A O   1 
HETATM 1196 O O   . HOH C 3 .   ? 6.06198   13.61663  -0.36733  1.000 24.43256 ? 240 HOH A O   1 
HETATM 1197 O O   . HOH C 3 .   ? 5.72516   -3.20868  -3.17139  1.000 22.12005 ? 241 HOH A O   1 
HETATM 1198 O O   . HOH C 3 .   ? 1.09986   3.74383   -8.58008  1.000 30.77474 ? 242 HOH A O   1 
HETATM 1199 O O   . HOH C 3 .   ? 9.33429   -8.59927  -2.10735  1.000 27.31979 ? 243 HOH A O   1 
HETATM 1200 O O   . HOH C 3 .   ? 4.24115   -5.45962  -3.02099  1.000 26.85358 ? 244 HOH A O   1 
HETATM 1201 O O   . HOH C 3 .   ? -9.91754  17.69659  7.11532   1.000 43.36920 ? 245 HOH A O   1 
HETATM 1202 O O   . HOH C 3 .   ? -8.50512  1.66131   -4.88735  1.000 38.23587 ? 246 HOH A O   1 
HETATM 1203 O O   . HOH C 3 .   ? 16.53588  8.63808   3.39345   1.000 40.97214 ? 247 HOH A O   1 
HETATM 1204 O O   . HOH C 3 .   ? 10.54982  2.15017   -8.05060  1.000 34.43966 ? 248 HOH A O   1 
HETATM 1205 O O   . HOH C 3 .   ? 13.28104  1.85283   -1.12006  1.000 35.11239 ? 249 HOH A O   1 
HETATM 1206 O O   . HOH C 3 .   ? 16.12208  12.15913  -1.12290  1.000 40.42314 ? 250 HOH A O   1 
HETATM 1207 O O   . HOH C 3 .   ? -12.67936 -15.89537 6.63873   1.000 34.75525 ? 251 HOH A O   1 
HETATM 1208 O O   . HOH C 3 .   ? 10.22029  0.10870   -0.90780  1.000 28.37405 ? 252 HOH A O   1 
HETATM 1209 O O   . HOH C 3 .   ? 1.33269   -9.71968  1.90078   1.000 24.63259 ? 253 HOH A O   1 
HETATM 1210 O O   . HOH C 3 .   ? -1.56995  -2.44289  13.00875  1.000 38.03357 ? 254 HOH A O   1 
HETATM 1211 O O   . HOH C 3 .   ? 14.06090  5.24698   2.41624   1.000 32.06466 ? 255 HOH A O   1 
HETATM 1212 O O   . HOH C 3 .   ? 15.09259  4.37629   -2.75407  1.000 30.42796 ? 256 HOH A O   1 
HETATM 1213 O O   . HOH C 3 .   ? 9.97816   -6.07924  -3.54097  1.000 22.73530 ? 257 HOH A O   1 
HETATM 1214 O O   . HOH C 3 .   ? -5.77942  -9.31156  10.96395  1.000 27.89178 ? 258 HOH A O   1 
HETATM 1215 O O   . HOH C 3 .   ? 13.11061  11.74323  -2.19214  1.000 31.08569 ? 259 HOH A O   1 
HETATM 1216 O O   . HOH C 3 .   ? -12.86494 -1.22208  9.45980   1.000 41.75305 ? 260 HOH A O   1 
HETATM 1217 O O   . HOH C 3 .   ? 3.73359   -8.21294  2.39872   1.000 31.67204 ? 261 HOH A O   1 
HETATM 1218 O O   . HOH C 3 .   ? 4.69412   -10.24898 2.24362   1.000 35.52882 ? 262 HOH A O   1 
HETATM 1219 O O   . HOH C 3 .   ? -15.64856 10.33451  5.43978   1.000 39.82206 ? 263 HOH A O   1 
HETATM 1220 O O   . HOH C 3 .   ? -4.56708  10.14248  -8.00740  1.000 38.34572 ? 264 HOH A O   1 
HETATM 1221 O O   . HOH C 3 .   ? 4.04832   -6.27320  9.32246   1.000 41.41636 ? 265 HOH A O   1 
HETATM 1222 O O   . HOH C 3 .   ? -8.71102  -2.09544  13.77621  1.000 36.35950 ? 266 HOH A O   1 
HETATM 1223 O O   . HOH C 3 .   ? 15.14681  -10.17565 -8.59451  1.000 36.51808 ? 267 HOH A O   1 
HETATM 1224 O O   . HOH C 3 .   ? -16.90106 9.54632   3.55711   1.000 35.68339 ? 268 HOH A O   1 
HETATM 1225 O O   . HOH C 3 .   ? 1.00074   -19.99973 -1.18210  1.000 30.67398 ? 269 HOH A O   1 
HETATM 1226 O O   . HOH C 3 .   ? 0.95235   14.33279  -10.32941 1.000 37.82586 ? 270 HOH A O   1 
HETATM 1227 O O   . HOH C 3 .   ? -2.33393  -5.01005  11.38520  1.000 28.50420 ? 271 HOH A O   1 
HETATM 1228 O O   . HOH C 3 .   ? 12.33907  14.03365  -3.51801  1.000 36.93764 ? 272 HOH A O   1 
HETATM 1229 O O   . HOH C 3 .   ? 8.03058   -11.82896 -14.41997 1.000 30.06477 ? 273 HOH A O   1 
HETATM 1230 O O   . HOH C 3 .   ? -4.94741  -16.15410 -6.42804  1.000 38.73770 ? 274 HOH A O   1 
HETATM 1231 O O   . HOH C 3 .   ? -13.91455 -1.20632  -0.51398  1.000 35.37888 ? 275 HOH A O   1 
HETATM 1232 O O   . HOH C 3 .   ? 4.09690   14.28683  4.30639   1.000 34.60912 ? 276 HOH A O   1 
HETATM 1233 O O   . HOH C 3 .   ? 2.02961   21.74913  -8.21800  1.000 27.65328 ? 277 HOH A O   1 
HETATM 1234 O O   . HOH C 3 .   ? -17.39336 -7.41306  -1.16758  1.000 49.69292 ? 278 HOH A O   1 
HETATM 1235 O O   . HOH C 3 .   ? -13.86000 -16.16318 -4.76458  1.000 36.00044 ? 279 HOH A O   1 
HETATM 1236 O O   . HOH C 3 .   ? 12.20546  -14.13811 1.32348   1.000 39.57990 ? 280 HOH A O   1 
HETATM 1237 O O   . HOH C 3 .   ? 8.21236   23.06561  1.38165   1.000 36.41577 ? 281 HOH A O   1 
HETATM 1238 O O   . HOH C 3 .   ? 9.02573   14.29574  10.96805  1.000 42.47052 ? 282 HOH A O   1 
HETATM 1239 O O   . HOH C 3 .   ? -14.86452 1.82207   7.52607   1.000 45.79897 ? 283 HOH A O   1 
HETATM 1240 O O   . HOH C 3 .   ? -2.95512  -1.72570  -10.26320 1.000 38.05544 ? 284 HOH A O   1 
HETATM 1241 O O   . HOH C 3 .   ? 7.84572   -5.01263  -4.49465  1.000 26.43712 ? 285 HOH A O   1 
HETATM 1242 O O   . HOH C 3 .   ? 1.65891   -22.23135 0.45731   1.000 35.28034 ? 286 HOH A O   1 
HETATM 1243 O O   . HOH C 3 .   ? -0.44521  24.20193  -6.05998  1.000 46.10447 ? 287 HOH A O   1 
HETATM 1244 O O   . HOH C 3 .   ? -15.50507 -2.40065  6.38073   1.000 39.59420 ? 288 HOH A O   1 
HETATM 1245 O O   . HOH C 3 .   ? 6.40774   6.45286   11.54454  1.000 34.63721 ? 289 HOH A O   1 
HETATM 1246 O O   . HOH C 3 .   ? -15.13738 -16.08079 2.87272   1.000 37.89651 ? 290 HOH A O   1 
HETATM 1247 O O   . HOH C 3 .   ? 7.82641   -10.05596 4.13958   1.000 42.11511 ? 291 HOH A O   1 
HETATM 1248 O O   . HOH C 3 .   ? 8.63060   -1.18214  3.21135   1.000 37.26317 ? 292 HOH A O   1 
HETATM 1249 O O   . HOH C 3 .   ? -5.18372  -19.94411 -4.33545  1.000 42.30432 ? 293 HOH A O   1 
HETATM 1250 O O   . HOH C 3 .   ? 3.25265   -17.41953 6.16039   1.000 43.38733 ? 294 HOH A O   1 
HETATM 1251 O O   . HOH C 3 .   ? -2.12791  16.58709  9.59333   1.000 39.26182 ? 295 HOH A O   1 
HETATM 1252 O O   . HOH C 3 .   ? 10.56602  -8.56651  -0.02945  1.000 37.27403 ? 296 HOH A O   1 
HETATM 1253 O O   . HOH C 3 .   ? 2.69451   12.91291  -11.74655 1.000 41.02371 ? 297 HOH A O   1 
HETATM 1254 O O   . HOH C 3 .   ? -11.39819 27.18842  1.62721   1.000 43.19084 ? 298 HOH A O   1 
HETATM 1255 O O   . HOH C 3 .   ? -18.03719 0.58943   7.30827   1.000 55.32323 ? 299 HOH A O   1 
HETATM 1256 O O   . HOH C 3 .   ? 8.51576   -0.26718  7.60203   1.000 41.89973 ? 300 HOH A O   1 
HETATM 1257 O O   . HOH C 3 .   ? 2.31715   5.23070   10.98171  1.000 37.32996 ? 301 HOH A O   1 
HETATM 1258 O O   . HOH C 3 .   ? -5.79248  -22.37164 -1.36736  1.000 34.70771 ? 302 HOH A O   1 
HETATM 1259 O O   . HOH D 3 .   ? -1.82900  -19.15460 -1.38862  1.000 28.01100 ? 101 HOH C O   1 
HETATM 1260 O O   . HOH D 3 .   ? -13.25321 -10.92253 9.21040   1.000 42.27941 ? 102 HOH C O   1 
HETATM 1261 O O   . HOH D 3 .   ? -8.81708  -15.60191 11.38952  1.000 39.02140 ? 103 HOH C O   1 
HETATM 1262 O O   . HOH D 3 .   ? -10.04297 -11.68485 12.06683  1.000 42.39139 ? 104 HOH C O   1 
HETATM 1263 O O   . HOH D 3 .   ? 2.47292   -15.96901 7.83136   1.000 36.40417 ? 105 HOH C O   1 
HETATM 1264 O O   . HOH D 3 .   ? 1.64202   -11.05897 4.37518   1.000 24.04306 ? 106 HOH C O   1 
HETATM 1265 O O   . HOH D 3 .   ? -3.10662  -17.86776 -3.59507  1.000 39.79652 ? 107 HOH C O   1 
HETATM 1266 O O   . HOH D 3 .   ? -3.21967  -21.28386 -2.25359  1.000 35.28553 ? 108 HOH C O   1 
# 
